data_3HZR
#
_entry.id   3HZR
#
_cell.length_a   93.200
_cell.length_b   158.880
_cell.length_c   100.280
_cell.angle_alpha   90.000
_cell.angle_beta   107.330
_cell.angle_gamma   90.000
#
_symmetry.space_group_name_H-M   'P 1 21 1'
#
_entity_poly.entity_id   1
_entity_poly.type   'polypeptide(L)'
_entity_poly.pdbx_seq_one_letter_code
;MAHHHHHHQTQTPSQLLQSFTTRTTDYNQLINSVGINAITPQQIQRIEKLSGKAPHHYLSRGVFLAEKSLDKFLDDVEAK
KPTFIFIQKYPQKEVALEEYITLEFARYLQDAFNIQVIIQILDDIKVLNREATINEASKMSNDLMKYILAFGFNEDKTFI
YTDYQYFGKMYRTISLVEKATAYNVVQPFFNFEYSDNIGKLASPSIMTASMFSQSYSHFFSSPARCLVLDSIKNVQFHSI
IDQIATTLNFIQPTVLFHKMVPLLSGVTKFDIPSDHNSILLSDNAKQVERKINKLAFSGGRNTTEEHKKLGGQCDIDVSF
QLLNIFSSDNAQVKDVEEKYSKGELLSGELKKIVSASMKDFIVAYDAKKKPITTAYLKAYISKTKF
;
_entity_poly.pdbx_strand_id   A,B,C,D,E,F
#
# COMPACT_ATOMS: atom_id res chain seq x y z
N PRO A 13 -25.50 32.29 -10.50
CA PRO A 13 -26.10 32.58 -9.16
C PRO A 13 -25.46 31.75 -8.04
N SER A 14 -25.44 30.41 -8.22
CA SER A 14 -24.66 29.42 -7.36
C SER A 14 -25.21 29.13 -5.93
N GLN A 15 -26.26 28.31 -5.88
CA GLN A 15 -27.01 27.99 -4.66
C GLN A 15 -26.91 26.50 -4.37
N LEU A 16 -27.43 26.08 -3.20
CA LEU A 16 -27.46 24.65 -2.83
C LEU A 16 -28.39 23.97 -3.80
N LEU A 17 -28.39 22.64 -3.86
CA LEU A 17 -29.29 21.96 -4.78
C LEU A 17 -30.80 22.30 -4.54
N GLN A 18 -31.08 23.56 -4.14
CA GLN A 18 -32.43 24.15 -4.03
C GLN A 18 -32.76 24.99 -5.29
N SER A 19 -32.26 24.57 -6.46
CA SER A 19 -32.67 25.18 -7.71
C SER A 19 -34.19 24.95 -7.79
N PHE A 20 -34.94 26.01 -8.12
CA PHE A 20 -36.41 25.99 -7.95
C PHE A 20 -37.35 26.34 -9.12
N THR A 21 -38.55 25.76 -8.95
CA THR A 21 -39.69 25.81 -9.86
C THR A 21 -41.01 25.67 -9.02
N THR A 22 -42.15 25.38 -9.67
CA THR A 22 -43.45 25.32 -8.96
C THR A 22 -44.54 24.52 -9.70
N ARG A 23 -45.27 23.66 -8.96
CA ARG A 23 -46.30 22.73 -9.50
C ARG A 23 -45.71 21.45 -10.05
N THR A 24 -44.75 21.65 -10.95
CA THR A 24 -43.87 20.62 -11.47
C THR A 24 -42.57 21.37 -11.71
N THR A 25 -41.49 20.66 -12.02
CA THR A 25 -40.25 21.36 -12.30
C THR A 25 -40.07 21.41 -13.81
N ASP A 26 -39.73 22.60 -14.31
CA ASP A 26 -39.77 22.86 -15.74
C ASP A 26 -38.69 22.09 -16.50
N TYR A 27 -37.44 22.38 -16.19
CA TYR A 27 -36.28 21.69 -16.77
C TYR A 27 -35.67 22.47 -17.92
N ASN A 28 -36.46 22.92 -18.87
CA ASN A 28 -35.89 23.69 -19.98
C ASN A 28 -35.36 25.03 -19.49
N GLN A 29 -36.14 25.69 -18.64
CA GLN A 29 -35.70 26.92 -17.97
C GLN A 29 -34.56 26.61 -16.96
N LEU A 30 -34.62 25.47 -16.30
CA LEU A 30 -33.45 25.04 -15.51
C LEU A 30 -32.24 24.83 -16.43
N ILE A 31 -32.42 23.96 -17.43
CA ILE A 31 -31.36 23.65 -18.41
C ILE A 31 -30.71 24.91 -19.03
N ASN A 32 -31.49 25.95 -19.31
CA ASN A 32 -30.94 27.17 -19.90
C ASN A 32 -30.22 28.03 -18.88
N SER A 33 -30.83 28.27 -17.72
CA SER A 33 -30.23 29.10 -16.65
C SER A 33 -28.94 28.51 -16.07
N VAL A 34 -28.82 27.19 -16.15
CA VAL A 34 -27.61 26.49 -15.79
C VAL A 34 -26.56 26.55 -16.89
N GLY A 35 -26.99 26.70 -18.14
CA GLY A 35 -26.08 26.75 -19.29
C GLY A 35 -25.53 25.37 -19.62
N ILE A 36 -26.41 24.49 -20.06
CA ILE A 36 -26.02 23.17 -20.57
C ILE A 36 -27.11 22.73 -21.53
N ASN A 37 -26.75 22.01 -22.57
CA ASN A 37 -27.72 21.63 -23.60
C ASN A 37 -28.49 20.37 -23.23
N ALA A 38 -29.73 20.32 -23.71
CA ALA A 38 -30.56 19.13 -23.61
C ALA A 38 -30.05 18.14 -24.65
N ILE A 39 -30.18 16.86 -24.36
CA ILE A 39 -29.68 15.82 -25.24
C ILE A 39 -30.45 15.83 -26.55
N THR A 40 -29.80 16.30 -27.60
CA THR A 40 -30.42 16.36 -28.91
C THR A 40 -30.74 14.95 -29.36
N PRO A 41 -31.78 14.77 -30.19
CA PRO A 41 -32.09 13.41 -30.64
C PRO A 41 -30.97 12.81 -31.47
N GLN A 42 -30.27 13.64 -32.23
CA GLN A 42 -29.11 13.21 -33.01
C GLN A 42 -28.05 12.50 -32.16
N GLN A 43 -27.75 13.10 -31.02
CA GLN A 43 -26.86 12.47 -30.08
C GLN A 43 -27.37 11.07 -29.76
N ILE A 44 -28.66 10.95 -29.53
CA ILE A 44 -29.24 9.66 -29.17
C ILE A 44 -29.04 8.65 -30.30
N GLN A 45 -29.11 9.13 -31.53
CA GLN A 45 -28.88 8.26 -32.68
C GLN A 45 -27.45 7.83 -32.73
N ARG A 46 -26.57 8.82 -32.65
CA ARG A 46 -25.15 8.57 -32.69
C ARG A 46 -24.82 7.46 -31.70
N ILE A 47 -25.41 7.52 -30.51
CA ILE A 47 -25.19 6.47 -29.54
C ILE A 47 -25.65 5.14 -30.11
N GLU A 48 -26.87 5.11 -30.63
CA GLU A 48 -27.41 3.90 -31.24
C GLU A 48 -26.47 3.38 -32.32
N LYS A 49 -26.03 4.27 -33.21
CA LYS A 49 -25.13 3.91 -34.31
C LYS A 49 -23.93 3.16 -33.78
N LEU A 50 -23.22 3.80 -32.86
CA LEU A 50 -22.02 3.23 -32.26
C LEU A 50 -22.33 2.03 -31.33
N SER A 51 -23.49 2.04 -30.66
CA SER A 51 -23.83 0.93 -29.77
C SER A 51 -24.08 -0.35 -30.57
N GLY A 52 -24.54 -0.23 -31.80
CA GLY A 52 -24.98 -1.39 -32.57
C GLY A 52 -26.19 -2.08 -31.97
N LYS A 53 -27.02 -1.34 -31.26
CA LYS A 53 -28.14 -1.91 -30.53
C LYS A 53 -29.25 -0.87 -30.31
N ALA A 54 -30.47 -1.33 -30.06
CA ALA A 54 -31.60 -0.44 -29.70
C ALA A 54 -31.23 0.51 -28.53
N PRO A 55 -31.67 1.79 -28.61
CA PRO A 55 -31.32 2.69 -27.50
C PRO A 55 -32.07 2.37 -26.22
N HIS A 56 -31.46 2.70 -25.10
CA HIS A 56 -32.05 2.52 -23.78
C HIS A 56 -33.18 3.50 -23.64
N HIS A 57 -34.18 3.13 -22.87
CA HIS A 57 -35.36 3.98 -22.72
C HIS A 57 -35.08 5.18 -21.82
N TYR A 58 -34.04 5.07 -21.01
CA TYR A 58 -33.61 6.19 -20.20
C TYR A 58 -33.22 7.33 -21.12
N LEU A 59 -32.76 7.02 -22.33
CA LEU A 59 -32.45 8.04 -23.32
C LEU A 59 -33.68 8.47 -24.13
N SER A 60 -34.47 7.49 -24.59
CA SER A 60 -35.60 7.74 -25.50
C SER A 60 -36.76 8.47 -24.80
N ARG A 61 -37.04 8.09 -23.55
CA ARG A 61 -38.03 8.77 -22.71
C ARG A 61 -37.43 9.89 -21.87
N GLY A 62 -36.16 10.20 -22.06
CA GLY A 62 -35.56 11.35 -21.41
C GLY A 62 -35.47 11.26 -19.91
N VAL A 63 -35.18 10.09 -19.40
CA VAL A 63 -34.78 9.96 -18.00
C VAL A 63 -33.48 10.73 -17.83
N PHE A 64 -32.56 10.56 -18.78
CA PHE A 64 -31.39 11.40 -18.89
C PHE A 64 -31.68 12.46 -19.95
N LEU A 65 -31.67 13.72 -19.54
CA LEU A 65 -32.13 14.78 -20.42
C LEU A 65 -31.05 15.76 -20.85
N ALA A 66 -30.10 16.07 -19.96
CA ALA A 66 -29.10 17.09 -20.29
C ALA A 66 -27.69 16.51 -20.36
N GLU A 67 -26.80 17.33 -20.93
CA GLU A 67 -25.52 16.88 -21.44
C GLU A 67 -24.55 18.01 -21.28
N LYS A 68 -23.29 17.68 -20.99
CA LYS A 68 -22.24 18.69 -20.94
C LYS A 68 -21.35 18.60 -22.17
N SER A 69 -20.59 17.53 -22.30
CA SER A 69 -19.66 17.43 -23.44
C SER A 69 -19.80 16.12 -24.20
N LEU A 70 -21.04 15.71 -24.46
CA LEU A 70 -21.30 14.35 -24.95
C LEU A 70 -20.66 14.20 -26.29
N ASP A 71 -20.80 15.22 -27.12
CA ASP A 71 -20.28 15.17 -28.48
C ASP A 71 -18.79 14.84 -28.45
N LYS A 72 -18.05 15.51 -27.57
CA LYS A 72 -16.63 15.23 -27.41
C LYS A 72 -16.36 13.79 -26.96
N PHE A 73 -17.17 13.30 -26.02
CA PHE A 73 -16.99 11.98 -25.47
C PHE A 73 -17.25 10.91 -26.53
N LEU A 74 -18.20 11.19 -27.39
CA LEU A 74 -18.49 10.28 -28.48
C LEU A 74 -17.39 10.35 -29.51
N ASP A 75 -16.91 11.55 -29.83
CA ASP A 75 -15.74 11.66 -30.72
C ASP A 75 -14.61 10.73 -30.24
N ASP A 76 -14.41 10.69 -28.93
CA ASP A 76 -13.35 9.87 -28.37
C ASP A 76 -13.67 8.39 -28.45
N VAL A 77 -14.86 7.99 -28.06
CA VAL A 77 -15.21 6.57 -28.12
C VAL A 77 -14.99 6.07 -29.52
N GLU A 78 -15.49 6.83 -30.48
CA GLU A 78 -15.39 6.52 -31.89
C GLU A 78 -13.95 6.40 -32.33
N ALA A 79 -13.09 7.28 -31.82
CA ALA A 79 -11.67 7.30 -32.18
C ALA A 79 -10.85 6.22 -31.48
N LYS A 80 -11.54 5.29 -30.82
CA LYS A 80 -10.87 4.28 -29.99
C LYS A 80 -9.90 4.91 -28.96
N LYS A 81 -10.21 6.11 -28.47
CA LYS A 81 -9.38 6.78 -27.48
C LYS A 81 -9.74 6.36 -26.06
N PRO A 82 -8.76 6.38 -25.14
CA PRO A 82 -9.03 6.01 -23.74
C PRO A 82 -10.09 6.86 -23.11
N THR A 83 -11.11 6.21 -22.56
CA THR A 83 -12.24 6.88 -21.88
C THR A 83 -12.78 6.02 -20.73
N PHE A 84 -13.51 6.65 -19.83
CA PHE A 84 -14.15 5.92 -18.72
C PHE A 84 -15.43 6.54 -18.15
N ILE A 85 -16.34 5.68 -17.72
CA ILE A 85 -17.61 6.07 -17.16
C ILE A 85 -17.47 6.12 -15.68
N PHE A 86 -17.98 7.17 -15.06
CA PHE A 86 -17.79 7.34 -13.60
C PHE A 86 -19.07 7.59 -12.84
N ILE A 87 -19.19 7.01 -11.66
CA ILE A 87 -20.25 7.39 -10.71
C ILE A 87 -19.68 7.44 -9.30
N GLN A 88 -20.25 8.32 -8.48
CA GLN A 88 -19.91 8.29 -7.07
C GLN A 88 -21.15 8.07 -6.27
N LYS A 89 -21.05 7.25 -5.21
CA LYS A 89 -22.21 6.85 -4.42
C LYS A 89 -22.00 7.09 -2.95
N TYR A 90 -22.97 7.69 -2.29
CA TYR A 90 -22.88 8.02 -0.87
C TYR A 90 -23.54 6.90 -0.09
N PRO A 91 -22.75 6.13 0.66
CA PRO A 91 -23.32 4.91 1.23
C PRO A 91 -24.36 5.23 2.27
N GLN A 92 -25.49 4.55 2.26
CA GLN A 92 -26.52 4.79 3.26
C GLN A 92 -27.16 3.50 3.74
N LYS A 93 -27.94 3.60 4.82
CA LYS A 93 -28.51 2.44 5.46
C LYS A 93 -29.68 1.99 4.62
N GLU A 94 -30.57 2.93 4.32
CA GLU A 94 -31.67 2.70 3.42
C GLU A 94 -31.20 3.03 2.00
N VAL A 95 -31.27 2.07 1.09
CA VAL A 95 -30.92 2.31 -0.32
C VAL A 95 -32.18 2.61 -1.16
N ALA A 96 -32.37 3.89 -1.52
CA ALA A 96 -33.57 4.34 -2.26
C ALA A 96 -33.60 3.91 -3.72
N LEU A 97 -34.78 3.98 -4.33
CA LEU A 97 -34.97 3.58 -5.73
C LEU A 97 -34.09 4.40 -6.68
N GLU A 98 -33.91 5.70 -6.41
CA GLU A 98 -33.06 6.56 -7.27
C GLU A 98 -31.76 5.90 -7.66
N GLU A 99 -31.13 5.26 -6.66
CA GLU A 99 -29.77 4.78 -6.79
C GLU A 99 -29.63 3.85 -8.03
N TYR A 100 -30.72 3.15 -8.35
CA TYR A 100 -30.79 2.32 -9.53
C TYR A 100 -30.44 3.04 -10.83
N ILE A 101 -30.85 4.30 -11.00
CA ILE A 101 -30.70 4.93 -12.30
C ILE A 101 -29.24 4.91 -12.78
N THR A 102 -28.34 5.60 -12.07
CA THR A 102 -26.99 5.78 -12.60
C THR A 102 -26.28 4.42 -12.78
N LEU A 103 -26.57 3.47 -11.90
CA LEU A 103 -25.95 2.17 -11.97
C LEU A 103 -26.36 1.46 -13.24
N GLU A 104 -27.67 1.29 -13.41
CA GLU A 104 -28.23 0.64 -14.62
C GLU A 104 -27.74 1.28 -15.90
N PHE A 105 -27.68 2.61 -15.92
CA PHE A 105 -27.34 3.31 -17.13
C PHE A 105 -25.87 3.18 -17.43
N ALA A 106 -25.07 3.10 -16.36
CA ALA A 106 -23.62 2.84 -16.49
C ALA A 106 -23.41 1.46 -17.10
N ARG A 107 -24.14 0.48 -16.58
CA ARG A 107 -24.09 -0.87 -17.14
C ARG A 107 -24.38 -0.85 -18.62
N TYR A 108 -25.45 -0.14 -18.99
CA TYR A 108 -25.90 -0.04 -20.38
C TYR A 108 -24.82 0.57 -21.23
N LEU A 109 -24.26 1.68 -20.76
CA LEU A 109 -23.22 2.36 -21.50
C LEU A 109 -21.99 1.47 -21.64
N GLN A 110 -21.63 0.79 -20.57
CA GLN A 110 -20.46 -0.07 -20.62
C GLN A 110 -20.65 -1.08 -21.72
N ASP A 111 -21.77 -1.80 -21.67
CA ASP A 111 -22.06 -2.81 -22.66
C ASP A 111 -22.05 -2.23 -24.07
N ALA A 112 -22.65 -1.05 -24.21
CA ALA A 112 -22.78 -0.39 -25.51
C ALA A 112 -21.43 -0.04 -26.14
N PHE A 113 -20.47 0.40 -25.31
CA PHE A 113 -19.15 0.86 -25.78
C PHE A 113 -17.95 -0.02 -25.43
N ASN A 114 -18.10 -0.93 -24.47
CA ASN A 114 -17.01 -1.76 -24.01
C ASN A 114 -15.91 -0.86 -23.46
N ILE A 115 -16.15 -0.34 -22.28
CA ILE A 115 -15.43 0.83 -21.79
C ILE A 115 -15.28 0.76 -20.25
N GLN A 116 -14.21 1.31 -19.70
CA GLN A 116 -13.98 1.13 -18.26
C GLN A 116 -15.06 1.85 -17.44
N VAL A 117 -15.50 1.23 -16.35
CA VAL A 117 -16.36 1.90 -15.36
C VAL A 117 -15.67 1.98 -14.00
N ILE A 118 -15.67 3.17 -13.40
CA ILE A 118 -15.14 3.35 -12.05
C ILE A 118 -16.22 3.92 -11.15
N ILE A 119 -16.42 3.30 -10.00
CA ILE A 119 -17.42 3.77 -9.07
C ILE A 119 -16.83 4.01 -7.71
N GLN A 120 -16.99 5.24 -7.22
CA GLN A 120 -16.43 5.69 -5.92
C GLN A 120 -17.49 5.57 -4.83
N ILE A 121 -17.18 4.88 -3.75
CA ILE A 121 -18.06 4.82 -2.57
C ILE A 121 -17.54 5.78 -1.49
N LEU A 122 -18.35 6.72 -1.08
CA LEU A 122 -17.90 7.80 -0.20
C LEU A 122 -17.98 7.49 1.29
N ASP A 123 -17.31 6.45 1.75
CA ASP A 123 -17.40 6.05 3.15
C ASP A 123 -16.87 7.12 4.10
N ASP A 124 -15.74 7.72 3.75
CA ASP A 124 -15.17 8.78 4.59
C ASP A 124 -16.13 9.96 4.72
N ILE A 125 -16.71 10.38 3.61
CA ILE A 125 -17.57 11.54 3.65
C ILE A 125 -18.76 11.27 4.55
N LYS A 126 -19.27 10.05 4.58
CA LYS A 126 -20.36 9.70 5.51
C LYS A 126 -19.92 9.91 6.95
N VAL A 127 -18.78 9.33 7.30
CA VAL A 127 -18.18 9.50 8.62
C VAL A 127 -18.02 10.95 8.99
N LEU A 128 -17.61 11.76 8.02
CA LEU A 128 -17.37 13.19 8.25
C LEU A 128 -18.64 14.00 8.39
N ASN A 129 -19.75 13.54 7.84
CA ASN A 129 -21.04 14.21 8.02
C ASN A 129 -21.74 13.72 9.30
N ARG A 130 -20.97 13.21 10.25
CA ARG A 130 -21.51 12.69 11.52
C ARG A 130 -22.65 11.68 11.42
N GLU A 131 -22.71 10.95 10.30
CA GLU A 131 -23.79 9.99 10.04
C GLU A 131 -23.41 8.52 10.24
N ALA A 132 -22.15 8.22 10.52
CA ALA A 132 -21.70 6.83 10.72
C ALA A 132 -20.31 6.78 11.31
N THR A 133 -20.02 5.74 12.09
CA THR A 133 -18.65 5.45 12.48
C THR A 133 -17.97 4.77 11.30
N ILE A 134 -16.65 4.67 11.36
CA ILE A 134 -15.88 4.08 10.27
C ILE A 134 -16.34 2.67 10.00
N ASN A 135 -16.67 1.94 11.06
CA ASN A 135 -17.14 0.56 10.93
C ASN A 135 -18.53 0.54 10.29
N GLU A 136 -19.45 1.31 10.88
CA GLU A 136 -20.79 1.48 10.34
C GLU A 136 -20.72 1.82 8.87
N ALA A 137 -19.84 2.77 8.53
CA ALA A 137 -19.69 3.21 7.14
C ALA A 137 -19.22 2.05 6.27
N SER A 138 -18.34 1.24 6.82
CA SER A 138 -17.79 0.12 6.10
C SER A 138 -18.81 -0.98 5.78
N LYS A 139 -19.66 -1.29 6.75
CA LYS A 139 -20.72 -2.29 6.53
C LYS A 139 -21.75 -1.81 5.53
N MET A 140 -21.95 -0.51 5.44
CA MET A 140 -22.89 0.03 4.45
C MET A 140 -22.25 -0.07 3.09
N SER A 141 -20.98 0.28 3.04
CA SER A 141 -20.25 0.29 1.79
C SER A 141 -20.16 -1.11 1.22
N ASN A 142 -19.93 -2.10 2.07
CA ASN A 142 -19.97 -3.50 1.60
C ASN A 142 -21.32 -3.84 1.03
N ASP A 143 -22.37 -3.63 1.81
CA ASP A 143 -23.70 -3.89 1.31
C ASP A 143 -23.89 -3.19 -0.01
N LEU A 144 -23.52 -1.92 -0.11
CA LEU A 144 -23.67 -1.19 -1.37
C LEU A 144 -22.98 -1.89 -2.54
N MET A 145 -21.74 -2.33 -2.32
CA MET A 145 -21.03 -3.07 -3.35
C MET A 145 -21.85 -4.25 -3.84
N LYS A 146 -22.55 -4.94 -2.95
CA LYS A 146 -23.38 -6.05 -3.38
C LYS A 146 -24.50 -5.56 -4.31
N TYR A 147 -25.13 -4.44 -3.94
CA TYR A 147 -26.17 -3.83 -4.79
C TYR A 147 -25.62 -3.47 -6.16
N ILE A 148 -24.40 -2.93 -6.20
CA ILE A 148 -23.80 -2.50 -7.45
C ILE A 148 -23.51 -3.69 -8.35
N LEU A 149 -22.83 -4.70 -7.78
CA LEU A 149 -22.43 -5.87 -8.57
C LEU A 149 -23.62 -6.64 -9.13
N ALA A 150 -24.78 -6.52 -8.46
CA ALA A 150 -26.02 -7.18 -8.88
C ALA A 150 -26.43 -6.82 -10.31
N PHE A 151 -26.12 -5.59 -10.71
CA PHE A 151 -26.42 -5.12 -12.07
C PHE A 151 -25.73 -5.92 -13.15
N GLY A 152 -24.70 -6.69 -12.79
CA GLY A 152 -23.98 -7.54 -13.73
C GLY A 152 -23.13 -6.75 -14.70
N PHE A 153 -22.09 -6.11 -14.18
CA PHE A 153 -21.15 -5.37 -15.02
C PHE A 153 -20.12 -6.29 -15.65
N ASN A 154 -19.32 -5.76 -16.56
CA ASN A 154 -18.12 -6.44 -17.01
C ASN A 154 -17.09 -6.26 -15.93
N GLU A 155 -16.98 -7.25 -15.05
CA GLU A 155 -16.17 -7.06 -13.85
C GLU A 155 -14.68 -6.90 -14.18
N ASP A 156 -14.28 -7.33 -15.37
CA ASP A 156 -12.91 -7.10 -15.82
C ASP A 156 -12.66 -5.67 -16.25
N LYS A 157 -13.72 -4.89 -16.47
CA LYS A 157 -13.60 -3.44 -16.70
C LYS A 157 -14.47 -2.61 -15.74
N THR A 158 -14.69 -3.10 -14.51
CA THR A 158 -15.41 -2.32 -13.52
C THR A 158 -14.63 -2.29 -12.23
N PHE A 159 -14.21 -1.09 -11.87
CA PHE A 159 -13.47 -0.82 -10.66
C PHE A 159 -14.32 -0.06 -9.64
N ILE A 160 -14.66 -0.74 -8.57
CA ILE A 160 -15.46 -0.18 -7.50
C ILE A 160 -14.59 -0.05 -6.29
N TYR A 161 -14.50 1.14 -5.72
CA TYR A 161 -13.61 1.31 -4.55
C TYR A 161 -14.25 2.13 -3.44
N THR A 162 -13.75 2.01 -2.23
CA THR A 162 -14.18 2.91 -1.16
C THR A 162 -13.05 3.89 -0.91
N ASP A 163 -13.40 5.12 -0.52
CA ASP A 163 -12.38 6.15 -0.31
C ASP A 163 -11.34 5.72 0.70
N TYR A 164 -11.77 5.30 1.88
CA TYR A 164 -10.82 4.89 2.88
C TYR A 164 -9.82 3.85 2.32
N GLN A 165 -10.26 2.96 1.45
CA GLN A 165 -9.38 1.90 0.91
C GLN A 165 -8.45 2.40 -0.21
N TYR A 166 -8.88 3.36 -0.98
CA TYR A 166 -8.11 3.77 -2.16
C TYR A 166 -7.38 5.12 -2.04
N PHE A 167 -7.56 5.80 -0.90
CA PHE A 167 -7.20 7.24 -0.75
C PHE A 167 -5.75 7.52 -1.09
N GLY A 168 -4.86 6.71 -0.56
CA GLY A 168 -3.44 6.88 -0.84
C GLY A 168 -3.06 6.91 -2.31
N LYS A 169 -3.70 6.06 -3.10
CA LYS A 169 -3.42 6.00 -4.52
C LYS A 169 -3.84 7.29 -5.23
N MET A 170 -4.65 8.11 -4.55
CA MET A 170 -5.32 9.21 -5.15
C MET A 170 -4.95 10.54 -4.53
N TYR A 171 -4.31 10.52 -3.36
CA TYR A 171 -4.16 11.72 -2.52
C TYR A 171 -3.39 12.84 -3.18
N ARG A 172 -2.27 12.55 -3.82
CA ARG A 172 -1.55 13.59 -4.56
C ARG A 172 -2.47 14.46 -5.36
N THR A 173 -3.31 13.80 -6.15
CA THR A 173 -4.07 14.51 -7.15
C THR A 173 -5.30 15.09 -6.50
N ILE A 174 -5.68 14.58 -5.34
CA ILE A 174 -6.64 15.27 -4.48
C ILE A 174 -6.06 16.58 -4.02
N SER A 175 -4.86 16.54 -3.46
CA SER A 175 -4.27 17.73 -2.87
C SER A 175 -4.16 18.83 -3.89
N LEU A 176 -3.89 18.46 -5.15
CA LEU A 176 -3.86 19.45 -6.22
C LEU A 176 -5.21 20.11 -6.43
N VAL A 177 -6.29 19.31 -6.36
CA VAL A 177 -7.65 19.82 -6.40
C VAL A 177 -7.99 20.65 -5.18
N GLU A 178 -7.51 20.27 -4.01
CA GLU A 178 -7.70 21.07 -2.82
C GLU A 178 -7.06 22.43 -3.02
N LYS A 179 -5.83 22.44 -3.50
CA LYS A 179 -5.12 23.68 -3.81
C LYS A 179 -5.94 24.56 -4.74
N ALA A 180 -6.63 23.92 -5.68
CA ALA A 180 -7.33 24.59 -6.77
C ALA A 180 -8.73 25.12 -6.42
N THR A 181 -9.30 24.72 -5.28
CA THR A 181 -10.65 25.19 -4.93
C THR A 181 -10.65 26.09 -3.70
N ALA A 182 -11.12 27.33 -3.86
CA ALA A 182 -11.21 28.27 -2.76
C ALA A 182 -12.45 27.97 -1.94
N TYR A 183 -12.38 28.15 -0.63
CA TYR A 183 -13.53 27.88 0.22
C TYR A 183 -14.76 28.64 -0.27
N ASN A 184 -14.61 29.92 -0.59
CA ASN A 184 -15.74 30.77 -1.00
C ASN A 184 -16.43 30.32 -2.28
N VAL A 185 -15.70 29.64 -3.16
CA VAL A 185 -16.30 29.12 -4.37
C VAL A 185 -17.30 28.01 -4.01
N VAL A 186 -17.09 27.36 -2.87
CA VAL A 186 -17.81 26.14 -2.52
C VAL A 186 -18.81 26.31 -1.34
N GLN A 187 -18.52 27.20 -0.38
CA GLN A 187 -19.40 27.44 0.77
C GLN A 187 -20.80 27.97 0.49
N PRO A 188 -21.21 28.04 -0.79
CA PRO A 188 -22.60 28.14 -1.23
C PRO A 188 -23.26 26.86 -1.66
N PHE A 189 -22.58 26.03 -2.44
CA PHE A 189 -23.23 24.80 -2.96
C PHE A 189 -23.58 23.82 -1.84
N PHE A 190 -22.79 23.85 -0.78
CA PHE A 190 -23.10 23.22 0.50
C PHE A 190 -23.22 24.42 1.45
N ASN A 191 -24.05 24.32 2.47
CA ASN A 191 -24.09 25.39 3.45
C ASN A 191 -23.06 25.20 4.54
N PHE A 192 -21.79 25.41 4.23
CA PHE A 192 -20.75 25.21 5.23
C PHE A 192 -20.89 26.27 6.27
N GLU A 193 -20.93 25.86 7.53
CA GLU A 193 -21.36 26.74 8.59
C GLU A 193 -20.27 27.14 9.58
N TYR A 194 -19.02 26.78 9.31
CA TYR A 194 -17.88 27.26 10.10
C TYR A 194 -17.89 26.87 11.58
N SER A 195 -19.00 26.32 12.04
CA SER A 195 -18.99 25.41 13.18
C SER A 195 -18.85 24.00 12.60
N ASP A 196 -19.09 23.88 11.28
CA ASP A 196 -18.86 22.63 10.59
C ASP A 196 -17.43 22.20 10.84
N ASN A 197 -17.19 20.88 10.89
CA ASN A 197 -15.80 20.36 11.04
C ASN A 197 -14.94 20.55 9.78
N ILE A 198 -13.65 20.72 10.02
CA ILE A 198 -12.64 20.86 8.97
C ILE A 198 -12.78 19.87 7.80
N GLY A 199 -12.92 18.57 8.09
CA GLY A 199 -12.99 17.57 7.06
C GLY A 199 -14.17 17.74 6.12
N LYS A 200 -15.33 18.08 6.70
CA LYS A 200 -16.54 18.36 5.92
C LYS A 200 -16.22 19.45 4.88
N LEU A 201 -15.48 20.48 5.28
CA LEU A 201 -15.19 21.59 4.40
C LEU A 201 -14.31 21.15 3.25
N ALA A 202 -13.41 20.21 3.52
CA ALA A 202 -12.45 19.73 2.51
C ALA A 202 -13.02 18.63 1.57
N SER A 203 -14.13 18.02 1.98
CA SER A 203 -14.75 16.95 1.20
C SER A 203 -14.82 17.21 -0.31
N PRO A 204 -15.25 18.41 -0.73
CA PRO A 204 -15.51 18.54 -2.16
C PRO A 204 -14.36 18.09 -3.05
N SER A 205 -13.14 18.22 -2.56
CA SER A 205 -11.97 17.61 -3.22
C SER A 205 -12.08 16.14 -3.50
N ILE A 206 -12.41 15.39 -2.44
CA ILE A 206 -12.55 13.96 -2.56
C ILE A 206 -13.59 13.64 -3.62
N MET A 207 -14.64 14.46 -3.72
CA MET A 207 -15.73 14.19 -4.63
C MET A 207 -15.39 14.60 -6.06
N THR A 208 -14.53 15.60 -6.23
CA THR A 208 -14.17 16.07 -7.56
C THR A 208 -12.94 15.33 -8.14
N ALA A 209 -11.96 15.03 -7.29
CA ALA A 209 -10.65 14.49 -7.76
C ALA A 209 -10.84 13.20 -8.47
N SER A 210 -11.85 12.44 -8.05
CA SER A 210 -12.20 11.14 -8.64
C SER A 210 -12.70 11.20 -10.11
N MET A 211 -12.88 12.41 -10.66
CA MET A 211 -13.45 12.54 -11.98
C MET A 211 -12.33 12.83 -12.98
N PHE A 212 -11.10 12.53 -12.59
CA PHE A 212 -9.98 12.80 -13.47
C PHE A 212 -9.09 11.58 -13.63
N SER A 213 -8.67 11.27 -14.85
CA SER A 213 -7.88 10.06 -15.07
C SER A 213 -6.62 10.03 -14.21
N GLN A 214 -6.09 11.22 -13.92
CA GLN A 214 -4.89 11.37 -13.11
C GLN A 214 -4.98 10.75 -11.72
N SER A 215 -6.19 10.52 -11.24
CA SER A 215 -6.40 9.78 -9.97
C SER A 215 -6.25 8.25 -10.11
N TYR A 216 -6.25 7.76 -11.34
CA TYR A 216 -6.31 6.34 -11.57
C TYR A 216 -5.15 5.87 -12.43
N SER A 217 -3.95 6.11 -11.93
CA SER A 217 -2.75 5.81 -12.70
C SER A 217 -2.60 4.35 -12.97
N HIS A 218 -3.30 3.49 -12.26
CA HIS A 218 -3.23 2.05 -12.51
C HIS A 218 -3.96 1.67 -13.77
N PHE A 219 -4.86 2.54 -14.20
CA PHE A 219 -5.72 2.25 -15.33
C PHE A 219 -5.40 3.03 -16.61
N PHE A 220 -4.72 4.17 -16.49
CA PHE A 220 -4.48 5.04 -17.64
C PHE A 220 -3.06 5.53 -17.72
N SER A 221 -2.59 5.75 -18.93
CA SER A 221 -1.25 6.25 -19.14
C SER A 221 -1.25 7.61 -19.82
N SER A 222 -2.30 7.91 -20.57
CA SER A 222 -2.54 9.24 -21.08
C SER A 222 -3.66 9.86 -20.23
N PRO A 223 -3.92 11.16 -20.41
CA PRO A 223 -5.20 11.64 -19.96
C PRO A 223 -6.32 10.89 -20.68
N ALA A 224 -7.40 10.65 -19.93
CA ALA A 224 -8.56 9.94 -20.44
C ALA A 224 -9.84 10.67 -20.03
N ARG A 225 -10.69 10.91 -21.02
CA ARG A 225 -12.00 11.56 -20.82
C ARG A 225 -12.87 10.83 -19.89
N CYS A 226 -13.61 11.58 -19.08
CA CYS A 226 -14.48 11.02 -18.06
C CYS A 226 -15.91 11.39 -18.37
N LEU A 227 -16.78 10.39 -18.40
CA LEU A 227 -18.22 10.62 -18.55
C LEU A 227 -18.87 10.35 -17.17
N VAL A 228 -19.26 11.42 -16.48
CA VAL A 228 -19.87 11.27 -15.16
C VAL A 228 -21.36 11.16 -15.32
N LEU A 229 -22.01 10.40 -14.44
CA LEU A 229 -23.47 10.31 -14.42
C LEU A 229 -23.94 10.87 -13.09
N ASP A 230 -25.02 11.63 -13.11
CA ASP A 230 -25.45 12.40 -11.95
C ASP A 230 -26.82 13.06 -12.15
N SER A 231 -27.49 13.32 -11.04
CA SER A 231 -28.74 14.02 -11.05
C SER A 231 -28.52 15.47 -11.45
N ILE A 232 -29.41 16.00 -12.27
CA ILE A 232 -29.41 17.43 -12.62
C ILE A 232 -29.37 18.31 -11.35
N LYS A 233 -29.97 17.83 -10.25
CA LYS A 233 -29.80 18.37 -8.88
C LYS A 233 -28.45 19.09 -8.60
N ASN A 234 -27.37 18.62 -9.24
CA ASN A 234 -26.02 19.06 -8.90
C ASN A 234 -25.28 19.80 -10.03
N VAL A 235 -26.02 20.31 -11.01
CA VAL A 235 -25.34 20.83 -12.21
C VAL A 235 -24.29 21.85 -11.85
N GLN A 236 -24.60 22.69 -10.86
CA GLN A 236 -23.71 23.77 -10.45
C GLN A 236 -22.37 23.29 -9.91
N PHE A 237 -22.38 22.25 -9.09
CA PHE A 237 -21.12 21.68 -8.62
C PHE A 237 -20.22 21.25 -9.78
N HIS A 238 -20.82 20.65 -10.80
CA HIS A 238 -20.06 20.22 -11.95
C HIS A 238 -19.43 21.38 -12.71
N SER A 239 -20.10 22.53 -12.73
CA SER A 239 -19.53 23.75 -13.36
C SER A 239 -18.32 24.25 -12.58
N ILE A 240 -18.31 24.00 -11.28
CA ILE A 240 -17.18 24.33 -10.43
C ILE A 240 -16.04 23.43 -10.87
N ILE A 241 -16.33 22.14 -10.96
CA ILE A 241 -15.36 21.14 -11.40
C ILE A 241 -14.76 21.48 -12.76
N ASP A 242 -15.53 22.03 -13.68
CA ASP A 242 -14.96 22.49 -14.96
C ASP A 242 -13.86 23.55 -14.72
N GLN A 243 -14.09 24.50 -13.84
CA GLN A 243 -13.08 25.55 -13.57
C GLN A 243 -11.81 25.00 -12.93
N ILE A 244 -11.96 23.97 -12.11
CA ILE A 244 -10.82 23.32 -11.50
C ILE A 244 -10.03 22.58 -12.58
N ALA A 245 -10.73 21.82 -13.40
CA ALA A 245 -10.11 21.15 -14.53
C ALA A 245 -9.22 22.11 -15.32
N THR A 246 -9.71 23.32 -15.62
CA THR A 246 -8.90 24.27 -16.39
C THR A 246 -7.75 24.78 -15.55
N THR A 247 -8.00 25.17 -14.31
CA THR A 247 -6.88 25.70 -13.50
C THR A 247 -5.85 24.63 -13.16
N LEU A 248 -6.13 23.35 -13.46
CA LEU A 248 -5.14 22.28 -13.27
C LEU A 248 -4.65 21.65 -14.55
N ASN A 249 -5.19 22.08 -15.70
CA ASN A 249 -4.95 21.42 -16.98
C ASN A 249 -5.43 19.99 -17.05
N PHE A 250 -6.44 19.64 -16.27
CA PHE A 250 -7.10 18.36 -16.43
C PHE A 250 -8.21 18.50 -17.46
N ILE A 251 -8.84 17.38 -17.83
CA ILE A 251 -9.92 17.39 -18.82
C ILE A 251 -11.27 17.65 -18.14
N GLN A 252 -11.99 18.63 -18.66
CA GLN A 252 -13.31 18.91 -18.20
C GLN A 252 -14.18 17.70 -18.45
N PRO A 253 -14.77 17.14 -17.36
CA PRO A 253 -15.61 15.95 -17.51
C PRO A 253 -16.85 16.18 -18.35
N THR A 254 -17.13 15.27 -19.29
CA THR A 254 -18.45 15.29 -19.92
C THR A 254 -19.36 14.65 -18.89
N VAL A 255 -20.56 15.20 -18.75
CA VAL A 255 -21.49 14.83 -17.70
C VAL A 255 -22.90 14.66 -18.28
N LEU A 256 -23.59 13.60 -17.91
CA LEU A 256 -24.98 13.39 -18.33
C LEU A 256 -25.86 13.43 -17.11
N PHE A 257 -26.91 14.25 -17.18
CA PHE A 257 -27.75 14.55 -16.03
C PHE A 257 -29.11 13.89 -16.16
N HIS A 258 -29.62 13.32 -15.06
CA HIS A 258 -30.96 12.73 -15.07
C HIS A 258 -32.01 13.54 -14.30
N LYS A 259 -33.28 13.35 -14.70
CA LYS A 259 -34.45 13.97 -14.07
C LYS A 259 -34.53 13.53 -12.62
N MET A 260 -35.17 14.34 -11.77
CA MET A 260 -35.45 13.92 -10.39
C MET A 260 -36.34 12.69 -10.43
N VAL A 261 -36.03 11.70 -9.59
CA VAL A 261 -36.97 10.59 -9.37
C VAL A 261 -37.85 10.99 -8.20
N PRO A 262 -39.17 11.11 -8.44
CA PRO A 262 -40.01 11.79 -7.47
C PRO A 262 -40.26 10.93 -6.23
N LEU A 263 -40.38 11.60 -5.09
CA LEU A 263 -40.80 10.93 -3.87
C LEU A 263 -42.29 10.56 -3.99
N LEU A 264 -42.78 9.72 -3.08
CA LEU A 264 -44.17 9.27 -3.12
C LEU A 264 -45.16 10.38 -2.78
N SER A 265 -44.63 11.54 -2.38
CA SER A 265 -45.44 12.68 -1.98
C SER A 265 -45.84 13.62 -3.14
N GLY A 266 -45.41 13.31 -4.36
CA GLY A 266 -45.27 14.31 -5.45
C GLY A 266 -43.81 14.66 -5.31
N VAL A 267 -42.98 14.79 -6.36
CA VAL A 267 -43.19 15.39 -7.70
C VAL A 267 -42.64 16.79 -7.54
N THR A 268 -43.20 17.53 -6.60
CA THR A 268 -42.64 18.82 -6.19
C THR A 268 -41.91 18.78 -4.84
N LYS A 269 -41.88 17.61 -4.19
CA LYS A 269 -41.27 17.48 -2.86
C LYS A 269 -39.90 16.82 -2.92
N PHE A 270 -38.91 17.52 -2.40
CA PHE A 270 -37.50 17.22 -2.63
C PHE A 270 -36.76 16.86 -1.37
N ASP A 271 -37.43 16.39 -0.33
CA ASP A 271 -36.71 15.93 0.85
C ASP A 271 -35.83 14.68 0.52
N ILE A 272 -35.26 14.08 1.55
CA ILE A 272 -34.23 13.07 1.37
C ILE A 272 -34.83 11.67 1.38
N PRO A 273 -34.63 10.86 0.31
CA PRO A 273 -35.35 9.60 0.16
C PRO A 273 -35.16 8.69 1.36
N SER A 274 -36.25 8.18 1.91
CA SER A 274 -36.18 7.27 3.04
C SER A 274 -37.30 6.21 2.88
N ASP A 275 -37.42 5.32 3.87
CA ASP A 275 -38.47 4.30 3.80
C ASP A 275 -39.83 4.99 3.73
N HIS A 276 -39.94 6.07 4.48
CA HIS A 276 -41.13 6.93 4.49
C HIS A 276 -41.48 7.56 3.14
N ASN A 277 -40.47 7.99 2.38
CA ASN A 277 -40.64 8.76 1.14
C ASN A 277 -40.74 7.91 -0.10
N SER A 278 -39.84 6.94 -0.22
CA SER A 278 -39.70 6.21 -1.47
C SER A 278 -39.67 4.69 -1.27
N ILE A 279 -39.72 3.99 -2.40
CA ILE A 279 -39.47 2.57 -2.45
C ILE A 279 -37.98 2.37 -2.26
N LEU A 280 -37.60 1.33 -1.50
CA LEU A 280 -36.20 0.95 -1.30
C LEU A 280 -35.89 -0.26 -2.16
N LEU A 281 -34.67 -0.36 -2.72
CA LEU A 281 -34.28 -1.54 -3.52
C LEU A 281 -34.23 -2.84 -2.68
N SER A 282 -34.41 -2.70 -1.36
CA SER A 282 -34.48 -3.84 -0.46
C SER A 282 -35.91 -4.22 -0.09
N ASP A 283 -36.89 -3.71 -0.83
CA ASP A 283 -38.30 -3.88 -0.45
C ASP A 283 -38.92 -5.18 -0.98
N ASN A 284 -39.83 -5.72 -0.17
CA ASN A 284 -40.71 -6.84 -0.54
C ASN A 284 -41.49 -6.56 -1.77
N ALA A 285 -42.07 -7.60 -2.34
CA ALA A 285 -43.13 -7.42 -3.31
C ALA A 285 -44.29 -6.67 -2.64
N LYS A 286 -44.72 -7.15 -1.46
CA LYS A 286 -45.85 -6.55 -0.72
C LYS A 286 -45.58 -5.11 -0.21
N GLN A 287 -44.36 -4.82 0.20
CA GLN A 287 -44.02 -3.48 0.67
C GLN A 287 -44.08 -2.45 -0.47
N VAL A 288 -43.59 -2.82 -1.65
CA VAL A 288 -43.67 -1.96 -2.85
C VAL A 288 -45.13 -1.69 -3.20
N GLU A 289 -45.90 -2.77 -3.28
CA GLU A 289 -47.33 -2.71 -3.57
C GLU A 289 -48.03 -1.74 -2.63
N ARG A 290 -47.75 -1.88 -1.33
CA ARG A 290 -48.32 -1.03 -0.32
C ARG A 290 -47.97 0.43 -0.63
N LYS A 291 -46.70 0.69 -0.88
CA LYS A 291 -46.23 2.06 -1.09
C LYS A 291 -46.91 2.71 -2.30
N ILE A 292 -46.95 2.00 -3.43
CA ILE A 292 -47.67 2.49 -4.62
C ILE A 292 -49.16 2.69 -4.37
N ASN A 293 -49.78 1.73 -3.70
CA ASN A 293 -51.21 1.77 -3.52
C ASN A 293 -51.67 2.79 -2.48
N LYS A 294 -50.99 2.85 -1.34
CA LYS A 294 -51.45 3.73 -0.25
C LYS A 294 -50.71 5.06 -0.17
N LEU A 295 -49.39 5.06 -0.34
CA LEU A 295 -48.61 6.29 -0.15
C LEU A 295 -48.42 7.13 -1.42
N ALA A 296 -48.49 6.49 -2.60
CA ALA A 296 -48.13 7.17 -3.84
C ALA A 296 -49.20 8.18 -4.24
N PHE A 297 -48.79 9.45 -4.25
CA PHE A 297 -49.63 10.57 -4.66
C PHE A 297 -50.30 10.29 -6.01
N SER A 298 -51.59 10.59 -6.10
CA SER A 298 -52.36 10.37 -7.32
C SER A 298 -52.69 11.69 -7.97
N GLY A 299 -52.73 11.69 -9.30
CA GLY A 299 -53.04 12.90 -10.08
C GLY A 299 -54.42 12.87 -10.69
N GLY A 300 -55.25 11.92 -10.25
CA GLY A 300 -56.64 11.81 -10.71
C GLY A 300 -57.54 12.84 -10.05
N ARG A 301 -58.82 12.80 -10.38
CA ARG A 301 -59.76 13.80 -9.87
C ARG A 301 -60.45 13.26 -8.63
N ASN A 302 -61.46 13.99 -8.14
CA ASN A 302 -62.29 13.52 -7.02
C ASN A 302 -63.47 12.72 -7.56
N THR A 303 -64.56 13.40 -7.95
CA THR A 303 -65.66 12.73 -8.65
C THR A 303 -65.05 11.94 -9.78
N THR A 304 -65.35 10.66 -9.83
CA THR A 304 -64.89 9.79 -10.90
C THR A 304 -65.54 10.16 -12.24
N GLU A 305 -66.57 11.01 -12.18
CA GLU A 305 -67.14 11.62 -13.38
C GLU A 305 -66.16 12.65 -13.95
N GLU A 306 -65.70 13.58 -13.10
CA GLU A 306 -64.70 14.60 -13.48
C GLU A 306 -63.53 13.93 -14.15
N HIS A 307 -63.13 12.80 -13.57
CA HIS A 307 -62.02 12.01 -14.07
C HIS A 307 -62.26 11.61 -15.52
N LYS A 308 -63.48 11.16 -15.81
CA LYS A 308 -63.84 10.78 -17.18
C LYS A 308 -63.87 12.01 -18.09
N LYS A 309 -64.61 13.04 -17.68
CA LYS A 309 -64.85 14.22 -18.52
C LYS A 309 -63.92 15.38 -18.16
N LEU A 310 -62.62 15.09 -18.08
CA LEU A 310 -61.61 16.09 -17.75
C LEU A 310 -60.22 15.46 -17.75
N GLY A 311 -60.14 14.19 -17.37
CA GLY A 311 -58.94 13.38 -17.61
C GLY A 311 -58.20 12.96 -16.35
N GLY A 312 -56.89 12.93 -16.45
CA GLY A 312 -56.05 12.57 -15.32
C GLY A 312 -54.69 13.19 -15.56
N GLN A 313 -54.04 13.65 -14.49
CA GLN A 313 -52.85 14.49 -14.63
C GLN A 313 -51.56 13.72 -14.31
N CYS A 314 -50.87 13.29 -15.37
CA CYS A 314 -49.64 12.49 -15.26
C CYS A 314 -48.53 13.31 -14.59
N ASP A 315 -48.21 14.43 -15.23
CA ASP A 315 -48.03 15.69 -14.55
C ASP A 315 -47.63 15.57 -13.06
N ILE A 316 -48.59 15.29 -12.16
CA ILE A 316 -48.30 15.15 -10.71
C ILE A 316 -48.51 13.74 -10.15
N ASP A 317 -49.05 12.82 -10.95
CA ASP A 317 -49.28 11.44 -10.48
C ASP A 317 -47.94 10.71 -10.37
N VAL A 318 -47.46 10.56 -9.14
CA VAL A 318 -46.21 9.89 -8.86
C VAL A 318 -46.18 8.46 -9.39
N SER A 319 -47.29 7.76 -9.22
CA SER A 319 -47.36 6.36 -9.63
C SER A 319 -47.06 6.24 -11.11
N PHE A 320 -47.54 7.19 -11.92
CA PHE A 320 -47.25 7.19 -13.35
C PHE A 320 -45.81 7.55 -13.64
N GLN A 321 -45.35 8.66 -13.07
CA GLN A 321 -43.98 9.12 -13.26
C GLN A 321 -43.03 7.95 -13.07
N LEU A 322 -43.17 7.25 -11.95
CA LEU A 322 -42.33 6.10 -11.65
C LEU A 322 -42.41 5.06 -12.78
N LEU A 323 -43.62 4.75 -13.21
CA LEU A 323 -43.79 3.81 -14.32
C LEU A 323 -43.01 4.34 -15.53
N ASN A 324 -43.11 5.64 -15.79
CA ASN A 324 -42.47 6.24 -16.97
C ASN A 324 -40.95 6.26 -16.91
N ILE A 325 -40.39 6.14 -15.71
CA ILE A 325 -38.93 6.10 -15.56
C ILE A 325 -38.38 4.69 -15.68
N PHE A 326 -39.00 3.75 -15.00
CA PHE A 326 -38.40 2.43 -14.77
C PHE A 326 -38.92 1.31 -15.65
N SER A 327 -39.95 1.55 -16.45
CA SER A 327 -40.53 0.47 -17.26
C SER A 327 -39.65 0.16 -18.47
N SER A 328 -39.78 -1.06 -18.96
CA SER A 328 -39.03 -1.51 -20.13
C SER A 328 -39.73 -1.17 -21.43
N ASP A 329 -40.99 -1.59 -21.60
CA ASP A 329 -41.67 -1.41 -22.89
C ASP A 329 -42.34 -0.03 -23.00
N ASN A 330 -41.94 0.74 -24.02
CA ASN A 330 -42.49 2.06 -24.28
C ASN A 330 -43.91 1.92 -24.77
N ALA A 331 -44.22 0.76 -25.33
CA ALA A 331 -45.56 0.42 -25.80
C ALA A 331 -46.63 0.68 -24.74
N GLN A 332 -46.51 0.01 -23.59
CA GLN A 332 -47.54 0.09 -22.53
C GLN A 332 -47.38 1.33 -21.64
N VAL A 333 -46.22 1.95 -21.69
CA VAL A 333 -46.05 3.27 -21.07
C VAL A 333 -46.92 4.30 -21.79
N LYS A 334 -46.86 4.33 -23.12
CA LYS A 334 -47.68 5.26 -23.91
C LYS A 334 -49.18 4.94 -23.82
N ASP A 335 -49.52 3.66 -23.80
CA ASP A 335 -50.92 3.21 -23.70
C ASP A 335 -51.55 3.79 -22.43
N VAL A 336 -50.81 3.66 -21.33
CA VAL A 336 -51.20 4.24 -20.05
C VAL A 336 -51.27 5.79 -20.13
N GLU A 337 -50.19 6.42 -20.57
CA GLU A 337 -50.16 7.88 -20.77
C GLU A 337 -51.44 8.35 -21.48
N GLU A 338 -51.77 7.66 -22.57
CA GLU A 338 -52.92 8.01 -23.38
C GLU A 338 -54.22 7.83 -22.63
N LYS A 339 -54.47 6.63 -22.10
CA LYS A 339 -55.75 6.31 -21.49
C LYS A 339 -56.02 7.08 -20.20
N TYR A 340 -54.96 7.31 -19.41
CA TYR A 340 -55.10 8.06 -18.17
C TYR A 340 -55.41 9.53 -18.45
N SER A 341 -54.78 10.06 -19.50
CA SER A 341 -55.04 11.42 -19.96
C SER A 341 -56.48 11.61 -20.41
N LYS A 342 -57.00 10.66 -21.18
CA LYS A 342 -58.38 10.75 -21.69
C LYS A 342 -59.42 10.02 -20.81
N GLY A 343 -59.20 10.06 -19.49
CA GLY A 343 -60.20 9.60 -18.51
C GLY A 343 -60.59 8.13 -18.53
N GLU A 344 -59.87 7.33 -19.32
CA GLU A 344 -60.25 5.94 -19.53
C GLU A 344 -59.68 5.00 -18.47
N LEU A 345 -58.82 5.51 -17.61
CA LEU A 345 -58.28 4.75 -16.47
C LEU A 345 -58.43 5.54 -15.18
N LEU A 346 -59.24 5.07 -14.25
CA LEU A 346 -59.30 5.67 -12.89
C LEU A 346 -58.01 5.33 -12.14
N SER A 347 -57.66 6.16 -11.16
CA SER A 347 -56.32 6.11 -10.54
C SER A 347 -56.02 4.74 -9.92
N GLY A 348 -57.00 4.16 -9.24
CA GLY A 348 -56.85 2.82 -8.66
C GLY A 348 -56.40 1.79 -9.68
N GLU A 349 -56.98 1.82 -10.88
CA GLU A 349 -56.62 0.91 -11.96
C GLU A 349 -55.22 1.18 -12.50
N LEU A 350 -54.80 2.46 -12.47
CA LEU A 350 -53.42 2.84 -12.81
C LEU A 350 -52.48 2.29 -11.75
N LYS A 351 -52.84 2.53 -10.49
CA LYS A 351 -52.03 2.10 -9.36
C LYS A 351 -51.97 0.57 -9.29
N LYS A 352 -53.01 -0.11 -9.81
CA LYS A 352 -52.96 -1.56 -9.97
C LYS A 352 -51.86 -1.94 -10.98
N ILE A 353 -51.86 -1.31 -12.15
CA ILE A 353 -50.87 -1.60 -13.20
C ILE A 353 -49.44 -1.25 -12.79
N VAL A 354 -49.30 -0.14 -12.07
CA VAL A 354 -47.99 0.32 -11.62
C VAL A 354 -47.47 -0.54 -10.49
N SER A 355 -48.33 -0.87 -9.52
CA SER A 355 -47.96 -1.83 -8.48
C SER A 355 -47.42 -3.09 -9.13
N ALA A 356 -48.11 -3.57 -10.16
CA ALA A 356 -47.69 -4.77 -10.90
C ALA A 356 -46.34 -4.61 -11.54
N SER A 357 -46.10 -3.47 -12.20
CA SER A 357 -44.83 -3.23 -12.88
C SER A 357 -43.65 -3.16 -11.89
N MET A 358 -43.86 -2.47 -10.78
CA MET A 358 -42.82 -2.34 -9.77
C MET A 358 -42.58 -3.64 -9.01
N LYS A 359 -43.62 -4.44 -8.76
CA LYS A 359 -43.41 -5.74 -8.16
C LYS A 359 -42.43 -6.52 -9.00
N ASP A 360 -42.69 -6.61 -10.29
CA ASP A 360 -41.82 -7.36 -11.21
C ASP A 360 -40.42 -6.79 -11.27
N PHE A 361 -40.35 -5.47 -11.19
CA PHE A 361 -39.08 -4.78 -11.20
C PHE A 361 -38.22 -5.17 -10.01
N ILE A 362 -38.77 -5.02 -8.81
CA ILE A 362 -38.02 -5.33 -7.60
C ILE A 362 -37.73 -6.82 -7.50
N VAL A 363 -38.72 -7.65 -7.83
CA VAL A 363 -38.49 -9.09 -7.81
C VAL A 363 -37.36 -9.48 -8.77
N ALA A 364 -37.36 -8.93 -9.98
CA ALA A 364 -36.31 -9.19 -10.96
C ALA A 364 -34.93 -8.79 -10.42
N TYR A 365 -34.85 -7.59 -9.83
CA TYR A 365 -33.59 -7.11 -9.26
C TYR A 365 -33.11 -8.00 -8.11
N ASP A 366 -33.97 -8.25 -7.14
CA ASP A 366 -33.61 -9.12 -6.04
C ASP A 366 -33.03 -10.43 -6.55
N ALA A 367 -33.56 -10.94 -7.67
CA ALA A 367 -33.06 -12.18 -8.26
C ALA A 367 -31.61 -12.06 -8.74
N LYS A 368 -31.29 -10.90 -9.29
CA LYS A 368 -29.93 -10.60 -9.71
C LYS A 368 -28.98 -10.46 -8.53
N LYS A 369 -29.50 -10.00 -7.40
CA LYS A 369 -28.71 -9.58 -6.24
C LYS A 369 -28.44 -10.79 -5.37
N LYS A 370 -29.41 -11.69 -5.34
CA LYS A 370 -29.35 -12.88 -4.49
C LYS A 370 -27.99 -13.61 -4.56
N PRO A 371 -27.47 -13.87 -5.77
CA PRO A 371 -26.24 -14.65 -5.86
C PRO A 371 -25.01 -13.86 -5.47
N ILE A 372 -25.13 -12.53 -5.35
CA ILE A 372 -24.01 -11.68 -4.90
C ILE A 372 -23.87 -11.83 -3.39
N THR A 373 -23.32 -12.95 -2.98
CA THR A 373 -23.18 -13.28 -1.59
C THR A 373 -21.93 -12.61 -1.06
N THR A 374 -21.62 -12.78 0.22
CA THR A 374 -20.36 -12.28 0.75
C THR A 374 -19.22 -12.92 -0.05
N ALA A 375 -19.26 -14.24 -0.16
CA ALA A 375 -18.23 -14.97 -0.89
C ALA A 375 -17.94 -14.29 -2.20
N TYR A 376 -18.99 -13.94 -2.94
CA TYR A 376 -18.87 -13.31 -4.24
C TYR A 376 -18.12 -11.99 -4.14
N LEU A 377 -18.57 -11.13 -3.24
CA LEU A 377 -18.00 -9.79 -3.09
C LEU A 377 -16.52 -9.86 -2.75
N LYS A 378 -16.16 -10.80 -1.89
CA LYS A 378 -14.74 -11.04 -1.57
C LYS A 378 -13.92 -11.48 -2.79
N ALA A 379 -14.48 -12.37 -3.61
CA ALA A 379 -13.84 -12.79 -4.85
C ALA A 379 -13.60 -11.59 -5.78
N TYR A 380 -14.61 -10.74 -5.90
CA TYR A 380 -14.49 -9.55 -6.74
C TYR A 380 -13.38 -8.61 -6.24
N ILE A 381 -13.39 -8.38 -4.94
CA ILE A 381 -12.40 -7.51 -4.33
C ILE A 381 -10.99 -8.04 -4.57
N SER A 382 -10.79 -9.34 -4.36
CA SER A 382 -9.52 -10.01 -4.64
C SER A 382 -9.09 -9.83 -6.12
N LYS A 383 -9.93 -10.18 -7.10
CA LYS A 383 -9.68 -9.81 -8.52
C LYS A 383 -9.28 -8.34 -8.69
N THR A 384 -10.02 -7.46 -8.02
CA THR A 384 -9.80 -6.03 -8.10
C THR A 384 -8.53 -5.49 -7.45
N LYS A 385 -7.96 -6.23 -6.50
CA LYS A 385 -6.82 -5.76 -5.67
C LYS A 385 -5.60 -5.48 -6.55
N PHE A 386 -4.83 -4.46 -6.13
CA PHE A 386 -3.52 -4.18 -6.72
C PHE A 386 -2.73 -3.18 -5.83
N PRO B 13 -7.61 33.39 25.14
CA PRO B 13 -7.70 34.45 24.10
C PRO B 13 -7.61 33.92 22.65
N SER B 14 -6.57 33.12 22.36
CA SER B 14 -6.42 32.29 21.11
C SER B 14 -6.13 33.05 19.80
N GLN B 15 -4.86 33.44 19.64
CA GLN B 15 -4.39 34.27 18.52
C GLN B 15 -3.34 33.49 17.68
N LEU B 16 -2.91 34.07 16.56
CA LEU B 16 -1.84 33.47 15.75
C LEU B 16 -0.57 33.51 16.57
N LEU B 17 0.48 32.82 16.16
CA LEU B 17 1.72 32.84 16.93
C LEU B 17 2.30 34.28 17.13
N GLN B 18 1.41 35.27 17.22
CA GLN B 18 1.76 36.67 17.55
C GLN B 18 1.53 36.92 19.06
N SER B 19 1.77 35.92 19.90
CA SER B 19 1.78 36.15 21.33
C SER B 19 2.89 37.19 21.61
N PHE B 20 2.58 38.22 22.40
CA PHE B 20 3.44 39.41 22.48
C PHE B 20 3.92 39.93 23.86
N THR B 21 5.06 40.61 23.71
CA THR B 21 5.90 41.22 24.75
C THR B 21 6.68 42.43 24.14
N THR B 22 7.69 42.96 24.85
CA THR B 22 8.39 44.18 24.41
C THR B 22 9.81 44.33 25.01
N ARG B 23 10.78 44.70 24.17
CA ARG B 23 12.23 44.84 24.51
C ARG B 23 12.96 43.52 24.47
N THR B 24 12.40 42.58 25.20
CA THR B 24 12.76 41.18 25.17
C THR B 24 11.43 40.47 25.43
N THR B 25 11.37 39.15 25.27
CA THR B 25 10.12 38.46 25.57
C THR B 25 10.23 37.84 26.96
N ASP B 26 9.19 38.03 27.76
CA ASP B 26 9.27 37.71 29.18
C ASP B 26 9.36 36.21 29.45
N TYR B 27 8.33 35.49 29.03
CA TYR B 27 8.27 34.03 29.12
C TYR B 27 7.49 33.57 30.34
N ASN B 28 7.79 34.11 31.51
CA ASN B 28 7.04 33.69 32.70
C ASN B 28 5.60 34.13 32.60
N GLN B 29 5.39 35.38 32.20
CA GLN B 29 4.06 35.91 31.93
C GLN B 29 3.43 35.21 30.71
N LEU B 30 4.23 34.87 29.71
CA LEU B 30 3.72 34.02 28.63
C LEU B 30 3.34 32.66 29.19
N ILE B 31 4.28 32.00 29.85
CA ILE B 31 4.05 30.69 30.49
C ILE B 31 2.81 30.64 31.37
N ASN B 32 2.52 31.71 32.12
CA ASN B 32 1.34 31.70 32.97
C ASN B 32 0.04 31.95 32.21
N SER B 33 0.04 32.93 31.32
CA SER B 33 -1.15 33.27 30.52
C SER B 33 -1.61 32.17 29.56
N VAL B 34 -0.65 31.34 29.17
CA VAL B 34 -0.89 30.14 28.38
C VAL B 34 -1.39 28.98 29.23
N GLY B 35 -0.99 28.95 30.50
CA GLY B 35 -1.38 27.90 31.43
C GLY B 35 -0.61 26.60 31.20
N ILE B 36 0.70 26.68 31.41
CA ILE B 36 1.59 25.51 31.35
C ILE B 36 2.75 25.79 32.26
N ASN B 37 3.28 24.77 32.91
CA ASN B 37 4.34 24.98 33.89
C ASN B 37 5.75 25.05 33.26
N ALA B 38 6.60 25.84 33.90
CA ALA B 38 8.02 25.89 33.56
C ALA B 38 8.66 24.62 34.09
N ILE B 39 9.68 24.14 33.40
CA ILE B 39 10.34 22.90 33.77
C ILE B 39 11.03 23.08 35.12
N THR B 40 10.47 22.44 36.14
CA THR B 40 11.01 22.49 37.49
C THR B 40 12.39 21.85 37.46
N PRO B 41 13.29 22.28 38.37
CA PRO B 41 14.61 21.65 38.35
C PRO B 41 14.54 20.17 38.69
N GLN B 42 13.61 19.81 39.57
CA GLN B 42 13.38 18.42 39.95
C GLN B 42 13.14 17.53 38.74
N GLN B 43 12.30 17.99 37.85
CA GLN B 43 12.08 17.28 36.61
C GLN B 43 13.41 17.03 35.91
N ILE B 44 14.26 18.06 35.90
CA ILE B 44 15.54 17.94 35.22
C ILE B 44 16.42 16.89 35.88
N GLN B 45 16.32 16.79 37.20
CA GLN B 45 17.05 15.75 37.95
C GLN B 45 16.52 14.39 37.62
N ARG B 46 15.20 14.26 37.70
CA ARG B 46 14.54 13.01 37.40
C ARG B 46 15.00 12.50 36.04
N ILE B 47 15.14 13.40 35.07
CA ILE B 47 15.64 13.00 33.77
C ILE B 47 17.06 12.48 33.92
N GLU B 48 17.91 13.24 34.60
CA GLU B 48 19.28 12.80 34.83
C GLU B 48 19.30 11.42 35.46
N LYS B 49 18.51 11.25 36.52
CA LYS B 49 18.44 9.97 37.28
C LYS B 49 18.19 8.82 36.31
N LEU B 50 17.11 8.92 35.55
CA LEU B 50 16.73 7.89 34.59
C LEU B 50 17.68 7.83 33.38
N SER B 51 18.26 8.95 32.99
CA SER B 51 19.16 8.94 31.84
C SER B 51 20.43 8.15 32.17
N GLY B 52 20.83 8.17 33.43
CA GLY B 52 22.13 7.64 33.82
C GLY B 52 23.31 8.41 33.22
N LYS B 53 23.10 9.71 32.96
CA LYS B 53 24.09 10.55 32.28
C LYS B 53 23.90 12.02 32.62
N ALA B 54 24.98 12.81 32.47
CA ALA B 54 24.90 14.27 32.64
C ALA B 54 23.73 14.87 31.83
N PRO B 55 23.01 15.88 32.40
CA PRO B 55 21.90 16.44 31.63
C PRO B 55 22.39 17.30 30.47
N HIS B 56 21.56 17.39 29.44
CA HIS B 56 21.83 18.22 28.26
C HIS B 56 21.74 19.67 28.67
N HIS B 57 22.50 20.52 27.99
CA HIS B 57 22.53 21.92 28.37
C HIS B 57 21.27 22.64 27.88
N TYR B 58 20.56 22.04 26.95
CA TYR B 58 19.29 22.58 26.50
C TYR B 58 18.32 22.59 27.68
N LEU B 59 18.51 21.66 28.60
CA LEU B 59 17.70 21.61 29.82
C LEU B 59 18.28 22.52 30.89
N SER B 60 19.59 22.43 31.12
CA SER B 60 20.22 23.14 32.23
C SER B 60 20.22 24.67 32.06
N ARG B 61 20.46 25.12 30.82
CA ARG B 61 20.39 26.55 30.47
C ARG B 61 19.00 26.97 30.00
N GLY B 62 18.04 26.06 30.06
CA GLY B 62 16.67 26.42 29.75
C GLY B 62 16.40 26.83 28.32
N VAL B 63 17.07 26.17 27.37
CA VAL B 63 16.69 26.25 25.96
C VAL B 63 15.26 25.71 25.85
N PHE B 64 15.02 24.56 26.49
CA PHE B 64 13.67 24.05 26.69
C PHE B 64 13.21 24.47 28.08
N LEU B 65 12.16 25.28 28.14
CA LEU B 65 11.77 25.91 29.39
C LEU B 65 10.42 25.44 29.93
N ALA B 66 9.46 25.17 29.06
CA ALA B 66 8.11 24.81 29.53
C ALA B 66 7.71 23.38 29.16
N GLU B 67 6.65 22.93 29.83
CA GLU B 67 6.30 21.53 29.93
C GLU B 67 4.80 21.43 30.01
N LYS B 68 4.24 20.35 29.46
CA LYS B 68 2.82 20.09 29.57
C LYS B 68 2.60 18.93 30.50
N SER B 69 3.01 17.73 30.08
CA SER B 69 2.74 16.54 30.89
C SER B 69 3.98 15.69 31.09
N LEU B 70 5.07 16.35 31.48
CA LEU B 70 6.36 15.68 31.55
C LEU B 70 6.32 14.64 32.64
N ASP B 71 5.77 15.03 33.79
CA ASP B 71 5.71 14.14 34.93
C ASP B 71 5.05 12.81 34.56
N LYS B 72 3.93 12.89 33.84
CA LYS B 72 3.27 11.67 33.34
C LYS B 72 4.16 10.88 32.38
N PHE B 73 4.86 11.58 31.49
CA PHE B 73 5.69 10.92 30.50
C PHE B 73 6.84 10.19 31.14
N LEU B 74 7.37 10.78 32.19
CA LEU B 74 8.44 10.14 32.94
C LEU B 74 7.91 8.96 33.73
N ASP B 75 6.74 9.13 34.34
CA ASP B 75 6.11 7.99 35.01
C ASP B 75 6.08 6.82 34.04
N ASP B 76 5.75 7.08 32.78
CA ASP B 76 5.63 6.01 31.80
C ASP B 76 6.97 5.43 31.40
N VAL B 77 7.94 6.27 31.11
CA VAL B 77 9.25 5.76 30.73
C VAL B 77 9.76 4.85 31.83
N GLU B 78 9.65 5.33 33.07
CA GLU B 78 10.09 4.60 34.26
C GLU B 78 9.38 3.26 34.41
N ALA B 79 8.09 3.23 34.09
CA ALA B 79 7.29 2.01 34.17
C ALA B 79 7.50 1.09 32.97
N LYS B 80 8.52 1.35 32.16
CA LYS B 80 8.76 0.58 30.95
C LYS B 80 7.51 0.48 30.08
N LYS B 81 6.67 1.51 30.10
CA LYS B 81 5.47 1.57 29.25
C LYS B 81 5.77 2.10 27.84
N PRO B 82 5.00 1.65 26.83
CA PRO B 82 5.20 2.15 25.46
C PRO B 82 5.04 3.66 25.37
N THR B 83 6.04 4.31 24.77
CA THR B 83 6.10 5.75 24.61
C THR B 83 6.89 6.10 23.35
N PHE B 84 6.71 7.32 22.85
CA PHE B 84 7.47 7.81 21.71
C PHE B 84 7.65 9.34 21.59
N ILE B 85 8.79 9.74 21.06
CA ILE B 85 9.16 11.14 20.89
C ILE B 85 8.78 11.55 19.49
N PHE B 86 8.17 12.72 19.37
CA PHE B 86 7.65 13.17 18.09
C PHE B 86 8.09 14.57 17.73
N ILE B 87 8.42 14.76 16.46
CA ILE B 87 8.60 16.10 15.88
C ILE B 87 7.93 16.13 14.50
N GLN B 88 7.49 17.32 14.10
CA GLN B 88 7.06 17.50 12.73
C GLN B 88 7.84 18.64 12.10
N LYS B 89 8.24 18.50 10.84
CA LYS B 89 9.10 19.48 10.21
C LYS B 89 8.50 19.92 8.89
N TYR B 90 8.51 21.22 8.64
CA TYR B 90 7.96 21.81 7.43
C TYR B 90 9.11 21.98 6.44
N PRO B 91 9.08 21.25 5.35
CA PRO B 91 10.27 21.24 4.51
C PRO B 91 10.46 22.58 3.84
N GLN B 92 11.69 23.07 3.79
CA GLN B 92 11.94 24.36 3.14
C GLN B 92 13.26 24.37 2.36
N LYS B 93 13.42 25.41 1.54
CA LYS B 93 14.57 25.44 0.65
C LYS B 93 15.76 25.83 1.47
N GLU B 94 15.61 26.91 2.23
CA GLU B 94 16.63 27.32 3.17
C GLU B 94 16.36 26.66 4.50
N VAL B 95 17.31 25.88 5.01
CA VAL B 95 17.17 25.25 6.35
C VAL B 95 17.83 26.10 7.49
N ALA B 96 17.01 26.81 8.26
CA ALA B 96 17.52 27.72 9.30
C ALA B 96 18.16 27.02 10.50
N LEU B 97 18.89 27.78 11.31
CA LEU B 97 19.56 27.26 12.50
C LEU B 97 18.57 26.67 13.52
N GLU B 98 17.40 27.29 13.68
CA GLU B 98 16.38 26.78 14.62
C GLU B 98 16.20 25.26 14.48
N GLU B 99 16.10 24.81 13.23
CA GLU B 99 15.67 23.46 12.97
C GLU B 99 16.50 22.48 13.80
N TYR B 100 17.77 22.82 14.03
CA TYR B 100 18.67 22.01 14.83
C TYR B 100 18.13 21.65 16.19
N ILE B 101 17.45 22.58 16.86
CA ILE B 101 17.10 22.35 18.27
C ILE B 101 16.34 21.05 18.47
N THR B 102 15.14 20.95 17.89
CA THR B 102 14.26 19.82 18.21
C THR B 102 14.92 18.50 17.78
N LEU B 103 15.66 18.52 16.68
CA LEU B 103 16.33 17.31 16.19
C LEU B 103 17.36 16.83 17.20
N GLU B 104 18.31 17.70 17.52
CA GLU B 104 19.37 17.38 18.50
C GLU B 104 18.78 16.91 19.83
N PHE B 105 17.73 17.56 20.28
CA PHE B 105 17.18 17.25 21.60
C PHE B 105 16.42 15.93 21.55
N ALA B 106 15.82 15.63 20.40
CA ALA B 106 15.18 14.34 20.19
C ALA B 106 16.22 13.21 20.22
N ARG B 107 17.34 13.43 19.53
CA ARG B 107 18.46 12.49 19.59
C ARG B 107 18.89 12.24 21.03
N TYR B 108 19.05 13.33 21.79
CA TYR B 108 19.50 13.24 23.18
C TYR B 108 18.52 12.41 23.97
N LEU B 109 17.25 12.74 23.84
CA LEU B 109 16.22 12.05 24.59
C LEU B 109 16.19 10.58 24.22
N GLN B 110 16.30 10.29 22.92
CA GLN B 110 16.27 8.91 22.46
C GLN B 110 17.37 8.13 23.15
N ASP B 111 18.58 8.65 23.06
CA ASP B 111 19.73 8.01 23.68
C ASP B 111 19.51 7.83 25.18
N ALA B 112 18.97 8.87 25.82
CA ALA B 112 18.76 8.88 27.26
C ALA B 112 17.79 7.81 27.74
N PHE B 113 16.73 7.57 26.96
CA PHE B 113 15.66 6.62 27.34
C PHE B 113 15.54 5.36 26.49
N ASN B 114 16.19 5.32 25.32
CA ASN B 114 16.08 4.19 24.42
C ASN B 114 14.62 3.98 24.03
N ILE B 115 14.15 4.84 23.16
CA ILE B 115 12.73 5.07 22.99
C ILE B 115 12.46 5.45 21.51
N GLN B 116 11.27 5.11 21.00
CA GLN B 116 11.00 5.34 19.58
C GLN B 116 10.92 6.84 19.27
N VAL B 117 11.49 7.23 18.13
CA VAL B 117 11.34 8.57 17.59
C VAL B 117 10.60 8.49 16.25
N ILE B 118 9.61 9.37 16.08
CA ILE B 118 8.88 9.51 14.81
C ILE B 118 8.92 10.95 14.40
N ILE B 119 9.32 11.18 13.14
CA ILE B 119 9.42 12.54 12.59
C ILE B 119 8.61 12.65 11.30
N GLN B 120 7.67 13.60 11.29
CA GLN B 120 6.75 13.81 10.18
C GLN B 120 7.29 14.94 9.32
N ILE B 121 7.47 14.69 8.02
CA ILE B 121 7.84 15.76 7.07
C ILE B 121 6.60 16.24 6.31
N LEU B 122 6.30 17.53 6.37
CA LEU B 122 5.02 18.03 5.88
C LEU B 122 5.02 18.44 4.43
N ASP B 123 5.39 17.54 3.55
CA ASP B 123 5.46 17.88 2.12
C ASP B 123 4.14 18.34 1.53
N ASP B 124 3.05 17.64 1.81
CA ASP B 124 1.74 18.07 1.33
C ASP B 124 1.39 19.49 1.80
N ILE B 125 1.63 19.80 3.06
CA ILE B 125 1.24 21.10 3.57
C ILE B 125 2.00 22.21 2.85
N LYS B 126 3.25 21.94 2.47
CA LYS B 126 4.00 22.91 1.67
C LYS B 126 3.31 23.17 0.33
N VAL B 127 2.98 22.09 -0.36
CA VAL B 127 2.28 22.16 -1.63
C VAL B 127 0.97 22.92 -1.51
N LEU B 128 0.29 22.71 -0.39
CA LEU B 128 -0.99 23.37 -0.13
C LEU B 128 -0.88 24.85 0.26
N ASN B 129 0.26 25.28 0.79
CA ASN B 129 0.48 26.72 1.06
C ASN B 129 1.06 27.45 -0.18
N ARG B 130 0.80 26.93 -1.36
CA ARG B 130 1.30 27.50 -2.62
C ARG B 130 2.79 27.80 -2.65
N GLU B 131 3.58 27.07 -1.86
CA GLU B 131 5.03 27.29 -1.78
C GLU B 131 5.91 26.29 -2.53
N ALA B 132 5.32 25.24 -3.10
CA ALA B 132 6.10 24.25 -3.85
C ALA B 132 5.21 23.33 -4.67
N THR B 133 5.71 22.84 -5.81
CA THR B 133 5.06 21.73 -6.49
C THR B 133 5.36 20.44 -5.72
N ILE B 134 4.61 19.38 -6.03
CA ILE B 134 4.79 18.10 -5.39
C ILE B 134 6.24 17.62 -5.57
N ASN B 135 6.81 17.87 -6.75
CA ASN B 135 8.18 17.48 -7.02
C ASN B 135 9.17 18.33 -6.24
N GLU B 136 9.02 19.65 -6.33
CA GLU B 136 9.81 20.56 -5.52
C GLU B 136 9.72 20.15 -4.05
N ALA B 137 8.53 19.87 -3.58
CA ALA B 137 8.34 19.52 -2.18
C ALA B 137 9.08 18.24 -1.83
N SER B 138 9.09 17.32 -2.76
CA SER B 138 9.78 16.05 -2.57
C SER B 138 11.32 16.20 -2.47
N LYS B 139 11.89 17.00 -3.36
CA LYS B 139 13.35 17.23 -3.33
C LYS B 139 13.77 17.90 -2.07
N MET B 140 12.91 18.75 -1.51
CA MET B 140 13.24 19.42 -0.24
C MET B 140 13.15 18.41 0.87
N SER B 141 12.11 17.60 0.84
CA SER B 141 11.89 16.62 1.87
C SER B 141 13.00 15.60 1.89
N ASN B 142 13.50 15.18 0.74
CA ASN B 142 14.68 14.31 0.71
C ASN B 142 15.87 15.00 1.36
N ASP B 143 16.19 16.20 0.92
CA ASP B 143 17.31 16.91 1.48
C ASP B 143 17.13 16.97 2.98
N LEU B 144 15.93 17.31 3.43
CA LEU B 144 15.67 17.37 4.87
C LEU B 144 16.03 16.06 5.58
N MET B 145 15.54 14.96 5.05
CA MET B 145 15.86 13.67 5.62
C MET B 145 17.38 13.54 5.80
N LYS B 146 18.17 14.01 4.83
CA LYS B 146 19.62 13.93 4.97
C LYS B 146 20.07 14.74 6.17
N TYR B 147 19.51 15.94 6.36
CA TYR B 147 19.84 16.77 7.53
C TYR B 147 19.46 16.06 8.84
N ILE B 148 18.32 15.38 8.83
CA ILE B 148 17.84 14.73 10.02
C ILE B 148 18.74 13.58 10.38
N LEU B 149 19.02 12.71 9.43
CA LEU B 149 19.83 11.53 9.68
C LEU B 149 21.24 11.86 10.14
N ALA B 150 21.74 13.04 9.77
CA ALA B 150 23.09 13.50 10.15
C ALA B 150 23.30 13.53 11.66
N PHE B 151 22.23 13.78 12.39
CA PHE B 151 22.28 13.80 13.85
C PHE B 151 22.65 12.45 14.47
N GLY B 152 22.59 11.38 13.68
CA GLY B 152 23.00 10.06 14.13
C GLY B 152 22.03 9.46 15.13
N PHE B 153 20.80 9.20 14.70
CA PHE B 153 19.80 8.57 15.56
C PHE B 153 19.98 7.04 15.63
N ASN B 154 19.25 6.40 16.54
CA ASN B 154 19.16 4.95 16.54
C ASN B 154 18.20 4.64 15.42
N GLU B 155 18.74 4.32 14.25
CA GLU B 155 17.90 4.20 13.06
C GLU B 155 16.95 3.02 13.14
N ASP B 156 17.23 2.08 14.03
CA ASP B 156 16.31 0.97 14.29
C ASP B 156 15.11 1.41 15.13
N LYS B 157 15.18 2.57 15.77
CA LYS B 157 14.03 3.15 16.47
C LYS B 157 13.78 4.59 16.04
N THR B 158 14.06 4.91 14.78
CA THR B 158 13.72 6.23 14.25
C THR B 158 12.98 6.14 12.92
N PHE B 159 11.73 6.57 12.97
CA PHE B 159 10.87 6.50 11.82
C PHE B 159 10.61 7.88 11.30
N ILE B 160 11.16 8.17 10.11
CA ILE B 160 11.02 9.45 9.45
C ILE B 160 10.19 9.24 8.21
N TYR B 161 9.13 10.00 8.04
CA TYR B 161 8.22 9.80 6.92
C TYR B 161 7.74 11.11 6.31
N THR B 162 7.34 11.07 5.06
CA THR B 162 6.73 12.26 4.44
C THR B 162 5.25 11.98 4.32
N ASP B 163 4.44 13.02 4.43
CA ASP B 163 3.00 12.84 4.45
C ASP B 163 2.55 12.13 3.21
N TYR B 164 2.90 12.65 2.04
CA TYR B 164 2.45 12.05 0.79
C TYR B 164 2.74 10.55 0.72
N GLN B 165 3.84 10.12 1.31
CA GLN B 165 4.24 8.72 1.32
C GLN B 165 3.50 7.89 2.37
N TYR B 166 3.08 8.46 3.50
CA TYR B 166 2.55 7.67 4.61
C TYR B 166 1.03 7.87 4.82
N PHE B 167 0.42 8.76 4.08
CA PHE B 167 -0.93 9.26 4.39
C PHE B 167 -1.94 8.16 4.54
N GLY B 168 -1.95 7.20 3.62
CA GLY B 168 -2.91 6.10 3.66
C GLY B 168 -2.91 5.34 4.96
N LYS B 169 -1.74 5.09 5.50
CA LYS B 169 -1.63 4.35 6.74
C LYS B 169 -2.26 5.11 7.90
N MET B 170 -2.49 6.41 7.71
CA MET B 170 -2.83 7.32 8.78
C MET B 170 -4.23 7.99 8.60
N TYR B 171 -4.81 7.85 7.41
CA TYR B 171 -5.97 8.63 7.02
C TYR B 171 -7.16 8.41 7.92
N ARG B 172 -7.52 7.15 8.18
CA ARG B 172 -8.63 6.91 9.08
C ARG B 172 -8.57 7.84 10.26
N THR B 173 -7.41 7.85 10.92
CA THR B 173 -7.32 8.47 12.24
C THR B 173 -7.15 9.97 12.09
N ILE B 174 -6.73 10.40 10.89
CA ILE B 174 -6.85 11.82 10.50
C ILE B 174 -8.33 12.23 10.42
N SER B 175 -9.11 11.45 9.69
CA SER B 175 -10.49 11.80 9.43
C SER B 175 -11.24 11.93 10.71
N LEU B 176 -10.88 11.13 11.71
CA LEU B 176 -11.49 11.26 13.05
C LEU B 176 -11.13 12.61 13.69
N VAL B 177 -9.87 13.01 13.53
CA VAL B 177 -9.41 14.31 14.00
C VAL B 177 -10.08 15.47 13.24
N GLU B 178 -10.27 15.30 11.93
CA GLU B 178 -11.01 16.27 11.14
C GLU B 178 -12.41 16.40 11.71
N LYS B 179 -13.08 15.28 11.91
CA LYS B 179 -14.41 15.25 12.49
C LYS B 179 -14.48 15.99 13.83
N ALA B 180 -13.38 15.91 14.58
CA ALA B 180 -13.30 16.45 15.94
C ALA B 180 -12.93 17.94 16.04
N THR B 181 -12.45 18.55 14.95
CA THR B 181 -12.07 19.96 14.99
C THR B 181 -12.99 20.86 14.15
N ALA B 182 -13.62 21.83 14.82
CA ALA B 182 -14.48 22.82 14.17
C ALA B 182 -13.65 23.91 13.51
N TYR B 183 -14.08 24.40 12.36
CA TYR B 183 -13.33 25.43 11.66
C TYR B 183 -13.10 26.61 12.59
N ASN B 184 -14.13 27.06 13.30
CA ASN B 184 -14.00 28.25 14.17
C ASN B 184 -13.00 28.11 15.33
N VAL B 185 -12.75 26.89 15.77
CA VAL B 185 -11.77 26.65 16.82
C VAL B 185 -10.36 26.92 16.31
N VAL B 186 -10.17 26.82 15.00
CA VAL B 186 -8.87 26.87 14.35
C VAL B 186 -8.61 28.15 13.49
N GLN B 187 -9.63 28.72 12.86
CA GLN B 187 -9.46 29.90 12.01
C GLN B 187 -9.02 31.19 12.72
N PRO B 188 -8.60 31.10 14.00
CA PRO B 188 -7.77 32.08 14.67
C PRO B 188 -6.28 31.79 14.76
N PHE B 189 -5.91 30.55 15.02
CA PHE B 189 -4.48 30.22 15.19
C PHE B 189 -3.72 30.35 13.88
N PHE B 190 -4.43 30.12 12.79
CA PHE B 190 -3.96 30.48 11.45
C PHE B 190 -5.00 31.51 11.00
N ASN B 191 -4.60 32.45 10.16
CA ASN B 191 -5.58 33.39 9.63
C ASN B 191 -6.23 32.86 8.37
N PHE B 192 -7.12 31.89 8.53
CA PHE B 192 -7.77 31.32 7.36
C PHE B 192 -8.71 32.37 6.78
N GLU B 193 -8.57 32.60 5.49
CA GLU B 193 -9.17 33.76 4.88
C GLU B 193 -10.32 33.44 3.91
N TYR B 194 -10.73 32.18 3.83
CA TYR B 194 -11.94 31.79 3.05
C TYR B 194 -11.87 32.11 1.57
N SER B 195 -10.86 32.86 1.16
CA SER B 195 -10.38 32.78 -0.19
C SER B 195 -9.29 31.73 -0.16
N ASP B 196 -8.80 31.40 1.05
CA ASP B 196 -7.86 30.32 1.21
C ASP B 196 -8.43 29.01 0.63
N ASN B 197 -7.56 28.16 0.07
CA ASN B 197 -8.00 26.87 -0.49
C ASN B 197 -8.43 25.90 0.60
N ILE B 198 -9.39 25.06 0.22
CA ILE B 198 -9.94 24.00 1.05
C ILE B 198 -8.89 23.22 1.82
N GLY B 199 -7.86 22.75 1.13
CA GLY B 199 -6.85 21.89 1.73
C GLY B 199 -6.10 22.60 2.86
N LYS B 200 -5.74 23.85 2.63
CA LYS B 200 -5.10 24.66 3.65
C LYS B 200 -5.96 24.67 4.94
N LEU B 201 -7.27 24.78 4.81
CA LEU B 201 -8.17 24.82 5.96
C LEU B 201 -8.13 23.49 6.70
N ALA B 202 -8.03 22.38 5.96
CA ALA B 202 -8.02 21.03 6.56
C ALA B 202 -6.66 20.57 7.09
N SER B 203 -5.60 21.29 6.76
CA SER B 203 -4.27 20.95 7.22
C SER B 203 -4.17 20.63 8.69
N PRO B 204 -4.72 21.46 9.56
CA PRO B 204 -4.42 21.24 10.97
C PRO B 204 -4.58 19.77 11.42
N SER B 205 -5.53 19.06 10.84
CA SER B 205 -5.65 17.62 11.04
C SER B 205 -4.36 16.86 10.82
N ILE B 206 -3.80 17.03 9.63
CA ILE B 206 -2.60 16.33 9.26
C ILE B 206 -1.54 16.63 10.28
N MET B 207 -1.54 17.84 10.85
CA MET B 207 -0.51 18.23 11.79
C MET B 207 -0.81 17.72 13.19
N THR B 208 -2.09 17.50 13.53
CA THR B 208 -2.41 17.02 14.88
C THR B 208 -2.48 15.47 14.95
N ALA B 209 -3.02 14.85 13.90
CA ALA B 209 -3.27 13.40 13.91
C ALA B 209 -2.01 12.64 14.13
N SER B 210 -0.89 13.17 13.68
CA SER B 210 0.41 12.54 13.85
C SER B 210 0.94 12.49 15.29
N MET B 211 0.22 13.04 16.25
CA MET B 211 0.70 13.07 17.61
C MET B 211 -0.03 12.02 18.46
N PHE B 212 -0.56 10.99 17.80
CA PHE B 212 -1.32 9.97 18.51
C PHE B 212 -0.92 8.59 18.06
N SER B 213 -0.70 7.68 19.00
CA SER B 213 -0.18 6.37 18.67
C SER B 213 -1.08 5.65 17.68
N GLN B 214 -2.38 5.96 17.72
CA GLN B 214 -3.35 5.36 16.81
C GLN B 214 -2.99 5.56 15.31
N SER B 215 -2.22 6.59 15.01
CA SER B 215 -1.76 6.83 13.65
C SER B 215 -0.66 5.88 13.22
N TYR B 216 -0.08 5.17 14.18
CA TYR B 216 1.11 4.39 13.92
C TYR B 216 0.92 2.96 14.34
N SER B 217 -0.07 2.31 13.74
CA SER B 217 -0.41 0.95 14.13
C SER B 217 0.68 -0.03 13.86
N HIS B 218 1.64 0.29 13.00
CA HIS B 218 2.75 -0.63 12.75
C HIS B 218 3.72 -0.67 13.92
N PHE B 219 3.66 0.35 14.76
CA PHE B 219 4.61 0.50 15.84
C PHE B 219 4.02 0.28 17.23
N PHE B 220 2.70 0.36 17.39
CA PHE B 220 2.10 0.23 18.71
C PHE B 220 0.90 -0.68 18.70
N SER B 221 0.65 -1.34 19.82
CA SER B 221 -0.53 -2.17 19.96
C SER B 221 -1.44 -1.72 21.10
N SER B 222 -0.90 -0.97 22.06
CA SER B 222 -1.72 -0.25 23.02
C SER B 222 -1.65 1.19 22.64
N PRO B 223 -2.45 2.03 23.33
CA PRO B 223 -2.15 3.44 23.26
C PRO B 223 -0.77 3.66 23.85
N ALA B 224 -0.06 4.63 23.28
CA ALA B 224 1.26 4.99 23.70
C ALA B 224 1.37 6.52 23.81
N ARG B 225 1.88 6.97 24.95
CA ARG B 225 2.13 8.40 25.21
C ARG B 225 3.05 9.02 24.22
N CYS B 226 2.77 10.27 23.89
CA CYS B 226 3.57 11.00 22.92
C CYS B 226 4.21 12.22 23.57
N LEU B 227 5.52 12.33 23.41
CA LEU B 227 6.25 13.52 23.85
C LEU B 227 6.63 14.32 22.58
N VAL B 228 5.90 15.43 22.35
CA VAL B 228 6.16 16.31 21.20
C VAL B 228 7.16 17.38 21.57
N LEU B 229 8.03 17.75 20.64
CA LEU B 229 8.98 18.86 20.83
C LEU B 229 8.62 19.98 19.88
N ASP B 230 8.65 21.22 20.36
CA ASP B 230 8.10 22.35 19.60
C ASP B 230 8.43 23.69 20.24
N SER B 231 8.40 24.73 19.44
CA SER B 231 8.65 26.07 19.93
C SER B 231 7.47 26.52 20.72
N ILE B 232 7.73 27.24 21.82
CA ILE B 232 6.70 27.86 22.64
C ILE B 232 5.77 28.72 21.78
N LYS B 233 6.30 29.29 20.69
CA LYS B 233 5.54 29.93 19.61
C LYS B 233 4.13 29.35 19.35
N ASN B 234 3.93 28.06 19.60
CA ASN B 234 2.70 27.35 19.19
C ASN B 234 1.86 26.81 20.36
N VAL B 235 2.08 27.31 21.57
CA VAL B 235 1.50 26.63 22.74
C VAL B 235 0.01 26.44 22.56
N GLN B 236 -0.62 27.45 21.98
CA GLN B 236 -2.06 27.47 21.85
C GLN B 236 -2.59 26.37 20.96
N PHE B 237 -1.92 26.11 19.85
CA PHE B 237 -2.33 25.02 19.00
C PHE B 237 -2.34 23.71 19.76
N HIS B 238 -1.34 23.51 20.61
CA HIS B 238 -1.26 22.28 21.40
C HIS B 238 -2.43 22.12 22.37
N SER B 239 -2.93 23.24 22.88
CA SER B 239 -4.09 23.24 23.79
C SER B 239 -5.36 22.86 23.06
N ILE B 240 -5.40 23.16 21.77
CA ILE B 240 -6.47 22.73 20.90
C ILE B 240 -6.39 21.22 20.80
N ILE B 241 -5.18 20.74 20.51
CA ILE B 241 -4.92 19.31 20.40
C ILE B 241 -5.28 18.53 21.66
N ASP B 242 -5.09 19.12 22.84
CA ASP B 242 -5.55 18.49 24.08
C ASP B 242 -7.08 18.25 24.03
N GLN B 243 -7.84 19.24 23.57
CA GLN B 243 -9.32 19.11 23.49
C GLN B 243 -9.79 18.07 22.50
N ILE B 244 -9.06 17.92 21.40
CA ILE B 244 -9.34 16.88 20.42
C ILE B 244 -9.04 15.53 21.05
N ALA B 245 -7.88 15.39 21.66
CA ALA B 245 -7.54 14.17 22.38
C ALA B 245 -8.68 13.71 23.29
N THR B 246 -9.26 14.63 24.05
CA THR B 246 -10.37 14.23 24.95
C THR B 246 -11.59 13.87 24.14
N THR B 247 -11.98 14.70 23.17
CA THR B 247 -13.20 14.38 22.42
C THR B 247 -13.03 13.14 21.54
N LEU B 248 -11.84 12.57 21.45
CA LEU B 248 -11.62 11.30 20.73
C LEU B 248 -11.18 10.16 21.63
N ASN B 249 -11.00 10.42 22.92
CA ASN B 249 -10.43 9.46 23.85
C ASN B 249 -9.01 9.07 23.49
N PHE B 250 -8.28 9.94 22.81
CA PHE B 250 -6.86 9.71 22.63
C PHE B 250 -6.11 10.28 23.81
N ILE B 251 -4.80 10.04 23.88
CA ILE B 251 -3.98 10.54 24.98
C ILE B 251 -3.48 11.95 24.69
N GLN B 252 -3.69 12.85 25.65
CA GLN B 252 -3.20 14.21 25.55
C GLN B 252 -1.69 14.17 25.49
N PRO B 253 -1.11 14.68 24.40
CA PRO B 253 0.34 14.66 24.28
C PRO B 253 1.05 15.48 25.37
N THR B 254 2.09 14.90 25.96
CA THR B 254 3.00 15.71 26.76
C THR B 254 3.86 16.44 25.74
N VAL B 255 4.15 17.71 26.04
CA VAL B 255 4.81 18.60 25.08
C VAL B 255 5.89 19.40 25.80
N LEU B 256 7.07 19.49 25.21
CA LEU B 256 8.15 20.31 25.76
C LEU B 256 8.41 21.47 24.81
N PHE B 257 8.46 22.68 25.36
CA PHE B 257 8.52 23.88 24.53
C PHE B 257 9.86 24.56 24.63
N HIS B 258 10.42 25.02 23.49
CA HIS B 258 11.70 25.73 23.55
C HIS B 258 11.58 27.24 23.31
N LYS B 259 12.56 28.00 23.85
CA LYS B 259 12.68 29.46 23.68
C LYS B 259 12.84 29.79 22.20
N MET B 260 12.43 31.00 21.79
CA MET B 260 12.67 31.43 20.41
C MET B 260 14.17 31.46 20.16
N VAL B 261 14.60 31.00 19.00
CA VAL B 261 15.98 31.22 18.57
C VAL B 261 16.00 32.53 17.78
N PRO B 262 16.74 33.53 18.27
CA PRO B 262 16.55 34.88 17.77
C PRO B 262 17.15 35.07 16.40
N LEU B 263 16.51 35.89 15.58
CA LEU B 263 17.06 36.27 14.29
C LEU B 263 18.27 37.20 14.51
N LEU B 264 19.07 37.43 13.47
CA LEU B 264 20.27 38.25 13.60
C LEU B 264 19.95 39.73 13.81
N SER B 265 18.66 40.07 13.77
CA SER B 265 18.19 41.45 13.93
C SER B 265 17.88 41.88 15.39
N GLY B 266 18.07 40.95 16.34
CA GLY B 266 17.42 40.97 17.67
C GLY B 266 16.25 40.06 17.42
N VAL B 267 15.84 39.15 18.30
CA VAL B 267 15.75 39.18 19.77
C VAL B 267 14.30 39.55 20.03
N THR B 268 13.88 40.71 19.52
CA THR B 268 12.47 41.09 19.46
C THR B 268 11.82 40.96 18.08
N LYS B 269 12.57 40.51 17.07
CA LYS B 269 12.06 40.44 15.70
C LYS B 269 11.81 39.01 15.28
N PHE B 270 10.56 38.77 14.87
CA PHE B 270 9.98 37.42 14.73
C PHE B 270 9.60 37.02 13.33
N ASP B 271 10.15 37.69 12.32
CA ASP B 271 9.86 37.32 10.94
C ASP B 271 10.34 35.88 10.69
N ILE B 272 10.30 35.46 9.42
CA ILE B 272 10.49 34.06 9.09
C ILE B 272 11.94 33.80 8.68
N PRO B 273 12.64 32.88 9.38
CA PRO B 273 14.09 32.70 9.18
C PRO B 273 14.48 32.46 7.74
N SER B 274 15.44 33.21 7.24
CA SER B 274 15.90 33.08 5.86
C SER B 274 17.41 33.33 5.82
N ASP B 275 18.01 33.30 4.65
CA ASP B 275 19.44 33.56 4.53
C ASP B 275 19.74 34.96 5.07
N HIS B 276 18.83 35.89 4.78
CA HIS B 276 18.89 37.27 5.25
C HIS B 276 18.86 37.40 6.79
N ASN B 277 18.04 36.57 7.46
CA ASN B 277 17.76 36.70 8.90
C ASN B 277 18.68 35.90 9.78
N SER B 278 18.94 34.66 9.39
CA SER B 278 19.65 33.73 10.26
C SER B 278 20.74 32.95 9.55
N ILE B 279 21.51 32.24 10.35
CA ILE B 279 22.49 31.31 9.85
C ILE B 279 21.72 30.11 9.35
N LEU B 280 22.17 29.55 8.24
CA LEU B 280 21.58 28.30 7.68
C LEU B 280 22.49 27.12 8.01
N LEU B 281 21.93 25.95 8.28
CA LEU B 281 22.74 24.74 8.54
C LEU B 281 23.58 24.33 7.31
N SER B 282 23.34 24.97 6.18
CA SER B 282 24.11 24.71 4.97
C SER B 282 25.21 25.72 4.76
N ASP B 283 25.52 26.55 5.76
CA ASP B 283 26.44 27.68 5.58
C ASP B 283 27.92 27.30 5.71
N ASN B 284 28.75 28.01 4.96
CA ASN B 284 30.22 27.98 5.07
C ASN B 284 30.69 28.32 6.44
N ALA B 285 31.96 28.02 6.68
CA ALA B 285 32.64 28.60 7.84
C ALA B 285 32.64 30.13 7.68
N LYS B 286 33.06 30.61 6.51
CA LYS B 286 33.14 32.05 6.23
C LYS B 286 31.78 32.77 6.21
N GLN B 287 30.74 32.11 5.72
CA GLN B 287 29.41 32.71 5.68
C GLN B 287 28.85 32.93 7.09
N VAL B 288 29.05 31.95 7.97
CA VAL B 288 28.63 32.06 9.38
C VAL B 288 29.35 33.22 10.06
N GLU B 289 30.66 33.22 9.90
CA GLU B 289 31.55 34.27 10.45
C GLU B 289 31.08 35.66 10.03
N ARG B 290 30.80 35.81 8.74
CA ARG B 290 30.28 37.05 8.20
C ARG B 290 28.98 37.44 8.93
N LYS B 291 28.05 36.49 9.02
CA LYS B 291 26.74 36.78 9.60
C LYS B 291 26.85 37.22 11.05
N ILE B 292 27.62 36.49 11.85
CA ILE B 292 27.89 36.89 13.25
C ILE B 292 28.58 38.24 13.35
N ASN B 293 29.60 38.46 12.52
CA ASN B 293 30.42 39.67 12.61
C ASN B 293 29.73 40.92 12.07
N LYS B 294 29.06 40.81 10.92
CA LYS B 294 28.46 41.99 10.29
C LYS B 294 26.97 42.14 10.56
N LEU B 295 26.20 41.05 10.48
CA LEU B 295 24.74 41.15 10.60
C LEU B 295 24.19 41.02 12.03
N ALA B 296 24.92 40.31 12.89
CA ALA B 296 24.42 39.98 14.21
C ALA B 296 24.33 41.21 15.12
N PHE B 297 23.12 41.57 15.49
CA PHE B 297 22.84 42.67 16.41
C PHE B 297 23.72 42.59 17.66
N SER B 298 24.25 43.73 18.08
CA SER B 298 25.11 43.80 19.27
C SER B 298 24.38 44.52 20.37
N GLY B 299 24.64 44.11 21.60
CA GLY B 299 24.04 44.70 22.79
C GLY B 299 25.00 45.57 23.57
N GLY B 300 26.16 45.86 22.97
CA GLY B 300 27.17 46.71 23.61
C GLY B 300 26.82 48.18 23.50
N ARG B 301 27.68 49.04 24.02
CA ARG B 301 27.38 50.47 24.07
C ARG B 301 28.00 51.15 22.85
N ASN B 302 27.95 52.49 22.82
CA ASN B 302 28.61 53.27 21.79
C ASN B 302 30.05 53.59 22.20
N THR B 303 30.25 54.66 22.98
CA THR B 303 31.54 54.93 23.59
C THR B 303 32.00 53.66 24.28
N THR B 304 33.19 53.19 23.92
CA THR B 304 33.76 51.99 24.53
C THR B 304 34.11 52.24 26.01
N GLU B 305 34.07 53.51 26.42
CA GLU B 305 34.15 53.86 27.84
C GLU B 305 32.85 53.45 28.54
N GLU B 306 31.71 53.87 27.99
CA GLU B 306 30.39 53.53 28.54
C GLU B 306 30.25 52.03 28.67
N HIS B 307 30.82 51.32 27.69
CA HIS B 307 30.86 49.86 27.71
C HIS B 307 31.58 49.35 28.96
N LYS B 308 32.72 49.95 29.28
CA LYS B 308 33.48 49.56 30.47
C LYS B 308 32.72 49.92 31.74
N LYS B 309 32.28 51.18 31.85
CA LYS B 309 31.66 51.70 33.06
C LYS B 309 30.13 51.70 32.98
N LEU B 310 29.55 50.58 32.58
CA LEU B 310 28.09 50.43 32.46
C LEU B 310 27.74 49.02 32.00
N GLY B 311 28.62 48.41 31.20
CA GLY B 311 28.57 46.97 30.93
C GLY B 311 28.21 46.61 29.50
N GLY B 312 27.47 45.52 29.34
CA GLY B 312 27.05 45.08 28.02
C GLY B 312 25.80 44.28 28.24
N GLN B 313 24.85 44.39 27.30
CA GLN B 313 23.49 43.84 27.51
C GLN B 313 23.25 42.55 26.73
N CYS B 314 23.37 41.43 27.43
CA CYS B 314 23.22 40.08 26.85
C CYS B 314 21.80 39.87 26.33
N ASP B 315 20.84 39.99 27.25
CA ASP B 315 19.63 40.74 27.03
C ASP B 315 19.22 40.89 25.53
N ILE B 316 19.87 41.79 24.78
CA ILE B 316 19.54 41.98 23.33
C ILE B 316 20.67 41.61 22.35
N ASP B 317 21.85 41.25 22.88
CA ASP B 317 22.97 40.87 22.03
C ASP B 317 22.74 39.50 21.45
N VAL B 318 22.33 39.46 20.18
CA VAL B 318 22.03 38.22 19.46
C VAL B 318 23.21 37.26 19.43
N SER B 319 24.40 37.80 19.23
CA SER B 319 25.59 36.99 19.15
C SER B 319 25.75 36.17 20.43
N PHE B 320 25.47 36.78 21.58
CA PHE B 320 25.54 36.06 22.87
C PHE B 320 24.42 35.02 23.02
N GLN B 321 23.19 35.45 22.80
CA GLN B 321 22.04 34.57 22.90
C GLN B 321 22.38 33.30 22.16
N LEU B 322 22.79 33.43 20.90
CA LEU B 322 23.14 32.25 20.08
C LEU B 322 24.18 31.38 20.79
N LEU B 323 25.23 32.01 21.29
CA LEU B 323 26.25 31.26 22.01
C LEU B 323 25.59 30.53 23.16
N ASN B 324 24.67 31.19 23.86
CA ASN B 324 24.02 30.62 25.05
C ASN B 324 23.05 29.47 24.75
N ILE B 325 22.62 29.37 23.49
CA ILE B 325 21.74 28.28 23.09
C ILE B 325 22.53 27.06 22.62
N PHE B 326 23.51 27.29 21.77
CA PHE B 326 24.14 26.20 21.01
C PHE B 326 25.50 25.71 21.53
N SER B 327 26.06 26.36 22.54
CA SER B 327 27.37 25.95 23.02
C SER B 327 27.30 24.68 23.85
N SER B 328 28.42 23.97 23.91
CA SER B 328 28.54 22.75 24.70
C SER B 328 28.94 23.03 26.14
N ASP B 329 30.06 23.74 26.36
CA ASP B 329 30.54 23.93 27.72
C ASP B 329 29.89 25.15 28.41
N ASN B 330 29.24 24.89 29.56
CA ASN B 330 28.59 25.92 30.36
C ASN B 330 29.63 26.79 31.00
N ALA B 331 30.83 26.22 31.16
CA ALA B 331 31.98 26.93 31.72
C ALA B 331 32.25 28.26 31.01
N GLN B 332 32.49 28.21 29.70
CA GLN B 332 32.86 29.40 28.94
C GLN B 332 31.65 30.23 28.52
N VAL B 333 30.47 29.65 28.58
CA VAL B 333 29.23 30.41 28.42
C VAL B 333 29.07 31.41 29.59
N LYS B 334 29.26 30.92 30.82
CA LYS B 334 29.18 31.77 32.01
C LYS B 334 30.30 32.79 32.07
N ASP B 335 31.51 32.38 31.66
CA ASP B 335 32.69 33.28 31.65
C ASP B 335 32.40 34.51 30.80
N VAL B 336 31.87 34.27 29.61
CA VAL B 336 31.43 35.32 28.70
C VAL B 336 30.30 36.15 29.31
N GLU B 337 29.22 35.49 29.74
CA GLU B 337 28.09 36.17 30.43
C GLU B 337 28.62 37.16 31.47
N GLU B 338 29.57 36.69 32.29
CA GLU B 338 30.12 37.48 33.38
C GLU B 338 30.92 38.67 32.85
N LYS B 339 31.90 38.40 31.99
CA LYS B 339 32.82 39.44 31.53
C LYS B 339 32.15 40.49 30.65
N TYR B 340 31.19 40.06 29.82
CA TYR B 340 30.47 40.99 28.95
C TYR B 340 29.56 41.91 29.76
N SER B 341 28.99 41.34 30.82
CA SER B 341 28.15 42.10 31.75
C SER B 341 28.94 43.16 32.49
N LYS B 342 30.13 42.81 32.97
CA LYS B 342 31.01 43.76 33.70
C LYS B 342 32.05 44.50 32.82
N GLY B 343 31.66 44.80 31.57
CA GLY B 343 32.43 45.66 30.67
C GLY B 343 33.80 45.18 30.24
N GLU B 344 34.16 43.94 30.59
CA GLU B 344 35.50 43.43 30.37
C GLU B 344 35.70 42.86 28.95
N LEU B 345 34.62 42.72 28.19
CA LEU B 345 34.68 42.29 26.79
C LEU B 345 33.91 43.27 25.90
N LEU B 346 34.62 43.97 25.01
CA LEU B 346 33.95 44.79 23.98
C LEU B 346 33.29 43.87 22.95
N SER B 347 32.26 44.37 22.26
CA SER B 347 31.39 43.51 21.44
C SER B 347 32.15 42.77 20.35
N GLY B 348 33.08 43.45 19.69
CA GLY B 348 33.92 42.83 18.67
C GLY B 348 34.62 41.58 19.17
N GLU B 349 35.16 41.65 20.38
CA GLU B 349 35.84 40.51 21.01
C GLU B 349 34.88 39.39 21.38
N LEU B 350 33.64 39.75 21.72
CA LEU B 350 32.56 38.77 21.92
C LEU B 350 32.22 38.12 20.59
N LYS B 351 32.03 38.94 19.57
CA LYS B 351 31.68 38.47 18.25
C LYS B 351 32.82 37.65 17.64
N LYS B 352 34.07 37.92 18.05
CA LYS B 352 35.19 37.05 17.69
C LYS B 352 35.00 35.67 18.32
N ILE B 353 34.74 35.60 19.62
CA ILE B 353 34.54 34.31 20.31
C ILE B 353 33.34 33.51 19.81
N VAL B 354 32.25 34.22 19.50
CA VAL B 354 31.02 33.61 19.02
C VAL B 354 31.18 33.14 17.59
N SER B 355 31.78 33.97 16.73
CA SER B 355 32.12 33.53 15.38
C SER B 355 32.88 32.21 15.44
N ALA B 356 33.85 32.15 16.34
CA ALA B 356 34.66 30.94 16.53
C ALA B 356 33.83 29.75 16.94
N SER B 357 32.93 29.93 17.91
CA SER B 357 32.09 28.83 18.41
C SER B 357 31.14 28.29 17.33
N MET B 358 30.53 29.19 16.56
CA MET B 358 29.62 28.79 15.51
C MET B 358 30.34 28.17 14.32
N LYS B 359 31.54 28.66 14.00
CA LYS B 359 32.34 28.02 12.96
C LYS B 359 32.50 26.54 13.29
N ASP B 360 32.95 26.25 14.50
CA ASP B 360 33.18 24.87 14.93
C ASP B 360 31.91 24.10 14.93
N PHE B 361 30.83 24.75 15.30
CA PHE B 361 29.52 24.12 15.36
C PHE B 361 29.09 23.65 13.99
N ILE B 362 29.09 24.57 13.02
CA ILE B 362 28.67 24.24 11.67
C ILE B 362 29.66 23.29 11.00
N VAL B 363 30.95 23.49 11.20
CA VAL B 363 31.90 22.56 10.63
C VAL B 363 31.67 21.14 11.18
N ALA B 364 31.46 21.03 12.49
CA ALA B 364 31.21 19.74 13.13
C ALA B 364 29.99 19.07 12.52
N TYR B 365 28.90 19.83 12.37
CA TYR B 365 27.66 19.30 11.80
C TYR B 365 27.86 18.86 10.38
N ASP B 366 28.43 19.72 9.55
CA ASP B 366 28.70 19.34 8.16
C ASP B 366 29.46 18.02 8.08
N ALA B 367 30.35 17.79 9.02
CA ALA B 367 31.12 16.54 9.02
C ALA B 367 30.23 15.33 9.23
N LYS B 368 29.24 15.48 10.11
CA LYS B 368 28.26 14.42 10.39
C LYS B 368 27.34 14.15 9.20
N LYS B 369 27.08 15.21 8.43
CA LYS B 369 26.09 15.23 7.35
C LYS B 369 26.71 14.67 6.07
N LYS B 370 28.00 14.97 5.89
CA LYS B 370 28.75 14.58 4.70
C LYS B 370 28.52 13.12 4.27
N PRO B 371 28.61 12.15 5.21
CA PRO B 371 28.47 10.75 4.81
C PRO B 371 27.05 10.34 4.52
N ILE B 372 26.07 11.17 4.89
CA ILE B 372 24.66 10.91 4.57
C ILE B 372 24.41 11.23 3.11
N THR B 373 24.90 10.35 2.25
CA THR B 373 24.81 10.51 0.81
C THR B 373 23.42 10.08 0.36
N THR B 374 23.13 10.22 -0.93
CA THR B 374 21.88 9.68 -1.45
C THR B 374 21.82 8.18 -1.17
N ALA B 375 22.90 7.48 -1.52
CA ALA B 375 23.00 6.04 -1.28
C ALA B 375 22.50 5.71 0.12
N TYR B 376 22.99 6.48 1.10
CA TYR B 376 22.67 6.30 2.52
C TYR B 376 21.19 6.46 2.75
N LEU B 377 20.64 7.56 2.29
CA LEU B 377 19.23 7.86 2.50
C LEU B 377 18.33 6.79 1.89
N LYS B 378 18.71 6.30 0.73
CA LYS B 378 17.97 5.19 0.11
C LYS B 378 18.02 3.91 0.94
N ALA B 379 19.20 3.57 1.48
CA ALA B 379 19.34 2.43 2.36
C ALA B 379 18.43 2.57 3.59
N TYR B 380 18.39 3.76 4.18
CA TYR B 380 17.56 4.00 5.36
C TYR B 380 16.08 3.80 5.02
N ILE B 381 15.68 4.36 3.89
CA ILE B 381 14.30 4.26 3.47
C ILE B 381 13.93 2.77 3.25
N SER B 382 14.77 2.03 2.55
CA SER B 382 14.56 0.62 2.39
C SER B 382 14.39 -0.12 3.72
N LYS B 383 15.33 0.03 4.67
CA LYS B 383 15.16 -0.47 6.08
C LYS B 383 13.82 -0.06 6.68
N THR B 384 13.48 1.21 6.51
CA THR B 384 12.23 1.76 7.04
C THR B 384 10.94 1.24 6.40
N LYS B 385 11.01 0.75 5.16
CA LYS B 385 9.82 0.42 4.36
C LYS B 385 9.00 -0.69 5.03
N PHE B 386 7.68 -0.58 4.88
CA PHE B 386 6.74 -1.64 5.30
C PHE B 386 5.33 -1.46 4.67
N PRO C 13 12.40 -15.42 -52.14
CA PRO C 13 11.08 -14.82 -52.57
C PRO C 13 10.53 -13.77 -51.61
N SER C 14 10.50 -14.13 -50.29
CA SER C 14 10.26 -13.22 -49.12
C SER C 14 8.82 -12.65 -48.99
N GLN C 15 7.93 -13.49 -48.47
CA GLN C 15 6.50 -13.19 -48.31
C GLN C 15 6.10 -13.20 -46.82
N LEU C 16 4.85 -12.81 -46.53
CA LEU C 16 4.33 -12.85 -45.14
C LEU C 16 4.28 -14.30 -44.73
N LEU C 17 4.02 -14.60 -43.47
CA LEU C 17 3.92 -16.01 -43.05
C LEU C 17 2.81 -16.81 -43.81
N GLN C 18 2.57 -16.46 -45.07
CA GLN C 18 1.69 -17.18 -46.02
C GLN C 18 2.50 -18.11 -46.93
N SER C 19 3.58 -18.68 -46.42
CA SER C 19 4.27 -19.73 -47.13
C SER C 19 3.25 -20.88 -47.32
N PHE C 20 3.16 -21.42 -48.55
CA PHE C 20 2.03 -22.28 -48.93
C PHE C 20 2.27 -23.68 -49.53
N THR C 21 1.24 -24.48 -49.30
CA THR C 21 1.11 -25.90 -49.68
C THR C 21 -0.40 -26.23 -49.86
N THR C 22 -0.77 -27.52 -49.90
CA THR C 22 -2.17 -27.91 -50.19
C THR C 22 -2.54 -29.33 -49.69
N ARG C 23 -3.71 -29.47 -49.07
CA ARG C 23 -4.22 -30.74 -48.45
C ARG C 23 -3.65 -30.99 -47.07
N THR C 24 -2.33 -30.93 -47.02
CA THR C 24 -1.53 -30.91 -45.80
C THR C 24 -0.34 -30.05 -46.19
N THR C 25 0.49 -29.67 -45.22
CA THR C 25 1.67 -28.89 -45.58
C THR C 25 2.86 -29.83 -45.62
N ASP C 26 3.67 -29.70 -46.68
CA ASP C 26 4.70 -30.69 -46.97
C ASP C 26 5.84 -30.65 -45.95
N TYR C 27 6.52 -29.53 -45.88
CA TYR C 27 7.61 -29.30 -44.93
C TYR C 27 8.98 -29.55 -45.53
N ASN C 28 9.19 -30.65 -46.20
CA ASN C 28 10.48 -30.89 -46.80
C ASN C 28 10.73 -29.90 -47.93
N GLN C 29 9.72 -29.69 -48.78
CA GLN C 29 9.77 -28.68 -49.83
C GLN C 29 9.80 -27.26 -49.22
N LEU C 30 9.09 -27.06 -48.10
CA LEU C 30 9.25 -25.81 -47.37
C LEU C 30 10.67 -25.68 -46.83
N ILE C 31 11.13 -26.70 -46.11
CA ILE C 31 12.51 -26.74 -45.55
C ILE C 31 13.61 -26.49 -46.59
N ASN C 32 13.44 -27.01 -47.81
CA ASN C 32 14.44 -26.78 -48.84
C ASN C 32 14.37 -25.40 -49.45
N SER C 33 13.17 -24.95 -49.81
CA SER C 33 12.97 -23.64 -50.44
C SER C 33 13.35 -22.46 -49.55
N VAL C 34 13.26 -22.69 -48.23
CA VAL C 34 13.72 -21.75 -47.23
C VAL C 34 15.23 -21.79 -47.04
N GLY C 35 15.82 -22.95 -47.30
CA GLY C 35 17.27 -23.13 -47.14
C GLY C 35 17.67 -23.27 -45.69
N ILE C 36 17.20 -24.33 -45.05
CA ILE C 36 17.60 -24.70 -43.68
C ILE C 36 17.47 -26.22 -43.58
N ASN C 37 18.32 -26.85 -42.80
CA ASN C 37 18.30 -28.31 -42.72
C ASN C 37 17.29 -28.85 -41.71
N ALA C 38 16.74 -30.01 -42.01
CA ALA C 38 15.89 -30.74 -41.07
C ALA C 38 16.80 -31.34 -40.00
N ILE C 39 16.29 -31.46 -38.77
CA ILE C 39 17.09 -31.97 -37.67
C ILE C 39 17.48 -33.42 -37.94
N THR C 40 18.76 -33.66 -38.22
CA THR C 40 19.27 -35.00 -38.47
C THR C 40 19.12 -35.82 -37.19
N PRO C 41 18.95 -37.14 -37.32
CA PRO C 41 18.81 -37.94 -36.10
C PRO C 41 20.07 -37.89 -35.23
N GLN C 42 21.22 -37.76 -35.85
CA GLN C 42 22.50 -37.61 -35.15
C GLN C 42 22.51 -36.46 -34.18
N GLN C 43 22.02 -35.31 -34.64
CA GLN C 43 21.86 -34.15 -33.78
C GLN C 43 21.04 -34.52 -32.54
N ILE C 44 19.97 -35.29 -32.76
CA ILE C 44 19.09 -35.69 -31.66
C ILE C 44 19.84 -36.58 -30.68
N GLN C 45 20.74 -37.41 -31.19
CA GLN C 45 21.58 -38.24 -30.34
C GLN C 45 22.50 -37.36 -29.53
N ARG C 46 23.22 -36.50 -30.24
CA ARG C 46 24.18 -35.64 -29.63
C ARG C 46 23.53 -34.93 -28.45
N ILE C 47 22.29 -34.48 -28.62
CA ILE C 47 21.58 -33.85 -27.52
C ILE C 47 21.43 -34.85 -26.38
N GLU C 48 20.96 -36.05 -26.70
CA GLU C 48 20.81 -37.10 -25.71
C GLU C 48 22.12 -37.32 -24.97
N LYS C 49 23.20 -37.48 -25.73
CA LYS C 49 24.52 -37.72 -25.16
C LYS C 49 24.83 -36.67 -24.10
N LEU C 50 24.77 -35.41 -24.51
CA LEU C 50 25.09 -34.30 -23.63
C LEU C 50 24.01 -34.08 -22.55
N SER C 51 22.75 -34.39 -22.84
CA SER C 51 21.68 -34.23 -21.85
C SER C 51 21.84 -35.22 -20.68
N GLY C 52 22.43 -36.37 -20.95
CA GLY C 52 22.50 -37.45 -19.98
C GLY C 52 21.12 -37.95 -19.62
N LYS C 53 20.18 -37.88 -20.55
CA LYS C 53 18.78 -38.25 -20.30
C LYS C 53 18.05 -38.61 -21.60
N ALA C 54 16.98 -39.40 -21.48
CA ALA C 54 16.12 -39.74 -22.62
C ALA C 54 15.73 -38.47 -23.40
N PRO C 55 15.66 -38.56 -24.74
CA PRO C 55 15.27 -37.36 -25.49
C PRO C 55 13.79 -37.01 -25.33
N HIS C 56 13.48 -35.72 -25.47
CA HIS C 56 12.10 -35.24 -25.45
C HIS C 56 11.40 -35.69 -26.70
N HIS C 57 10.09 -35.91 -26.59
CA HIS C 57 9.34 -36.44 -27.72
C HIS C 57 9.10 -35.39 -28.79
N TYR C 58 9.20 -34.13 -28.40
CA TYR C 58 9.13 -33.04 -29.35
C TYR C 58 10.22 -33.18 -30.39
N LEU C 59 11.34 -33.78 -29.98
CA LEU C 59 12.45 -34.07 -30.89
C LEU C 59 12.23 -35.38 -31.63
N SER C 60 11.88 -36.44 -30.89
CA SER C 60 11.80 -37.78 -31.46
C SER C 60 10.66 -37.90 -32.47
N ARG C 61 9.51 -37.30 -32.16
CA ARG C 61 8.36 -37.28 -33.07
C ARG C 61 8.38 -36.07 -34.01
N GLY C 62 9.44 -35.28 -33.95
CA GLY C 62 9.61 -34.18 -34.88
C GLY C 62 8.57 -33.08 -34.75
N VAL C 63 8.21 -32.75 -33.50
CA VAL C 63 7.47 -31.53 -33.23
C VAL C 63 8.36 -30.36 -33.63
N PHE C 64 9.63 -30.45 -33.23
CA PHE C 64 10.65 -29.54 -33.74
C PHE C 64 11.40 -30.23 -34.86
N LEU C 65 11.31 -29.70 -36.07
CA LEU C 65 11.80 -30.43 -37.24
C LEU C 65 13.04 -29.81 -37.91
N ALA C 66 13.12 -28.48 -37.92
CA ALA C 66 14.18 -27.79 -38.63
C ALA C 66 15.12 -27.05 -37.71
N GLU C 67 16.25 -26.65 -38.29
CA GLU C 67 17.43 -26.24 -37.53
C GLU C 67 18.21 -25.27 -38.39
N LYS C 68 18.82 -24.29 -37.71
CA LYS C 68 19.68 -23.33 -38.39
C LYS C 68 21.12 -23.61 -38.06
N SER C 69 21.53 -23.38 -36.81
CA SER C 69 22.93 -23.55 -36.44
C SER C 69 23.10 -24.40 -35.18
N LEU C 70 22.41 -25.53 -35.15
CA LEU C 70 22.37 -26.35 -33.95
C LEU C 70 23.76 -26.91 -33.69
N ASP C 71 24.41 -27.37 -34.76
CA ASP C 71 25.70 -28.00 -34.62
C ASP C 71 26.65 -27.04 -33.91
N LYS C 72 26.65 -25.78 -34.33
CA LYS C 72 27.48 -24.76 -33.66
C LYS C 72 27.09 -24.53 -32.19
N PHE C 73 25.79 -24.50 -31.93
CA PHE C 73 25.32 -24.27 -30.59
C PHE C 73 25.72 -25.41 -29.65
N LEU C 74 25.69 -26.63 -30.17
CA LEU C 74 26.11 -27.79 -29.39
C LEU C 74 27.61 -27.80 -29.18
N ASP C 75 28.36 -27.45 -30.22
CA ASP C 75 29.80 -27.27 -30.07
C ASP C 75 30.04 -26.36 -28.85
N ASP C 76 29.26 -25.28 -28.73
CA ASP C 76 29.44 -24.31 -27.65
C ASP C 76 29.03 -24.86 -26.28
N VAL C 77 27.87 -25.49 -26.21
CA VAL C 77 27.42 -26.06 -24.94
C VAL C 77 28.51 -27.00 -24.43
N GLU C 78 28.94 -27.87 -25.32
CA GLU C 78 29.95 -28.88 -25.03
C GLU C 78 31.25 -28.23 -24.54
N ALA C 79 31.62 -27.11 -25.16
CA ALA C 79 32.84 -26.39 -24.80
C ALA C 79 32.69 -25.56 -23.53
N LYS C 80 31.58 -25.75 -22.81
CA LYS C 80 31.25 -24.94 -21.64
C LYS C 80 31.27 -23.41 -21.92
N LYS C 81 30.96 -23.02 -23.16
CA LYS C 81 30.98 -21.61 -23.59
C LYS C 81 29.67 -20.95 -23.24
N PRO C 82 29.71 -19.63 -22.95
CA PRO C 82 28.48 -18.90 -22.64
C PRO C 82 27.46 -19.01 -23.76
N THR C 83 26.25 -19.42 -23.42
CA THR C 83 25.15 -19.57 -24.37
C THR C 83 23.83 -19.29 -23.66
N PHE C 84 22.76 -19.03 -24.43
CA PHE C 84 21.41 -18.84 -23.86
C PHE C 84 20.24 -19.14 -24.81
N ILE C 85 19.16 -19.64 -24.21
CA ILE C 85 17.95 -20.04 -24.91
C ILE C 85 17.00 -18.88 -24.86
N PHE C 86 16.40 -18.57 -26.00
CA PHE C 86 15.54 -17.40 -26.11
C PHE C 86 14.19 -17.72 -26.69
N ILE C 87 13.15 -17.10 -26.13
CA ILE C 87 11.81 -17.05 -26.75
C ILE C 87 11.24 -15.62 -26.60
N GLN C 88 10.38 -15.24 -27.54
CA GLN C 88 9.63 -14.02 -27.41
C GLN C 88 8.16 -14.35 -27.52
N LYS C 89 7.34 -13.73 -26.71
CA LYS C 89 5.91 -14.03 -26.63
C LYS C 89 5.06 -12.76 -26.75
N TYR C 90 4.05 -12.83 -27.60
CA TYR C 90 3.17 -11.70 -27.86
C TYR C 90 1.95 -11.83 -26.94
N PRO C 91 1.85 -10.96 -25.95
CA PRO C 91 0.84 -11.17 -24.93
C PRO C 91 -0.56 -11.05 -25.51
N GLN C 92 -1.46 -11.94 -25.12
CA GLN C 92 -2.84 -11.89 -25.63
C GLN C 92 -3.86 -12.23 -24.55
N LYS C 93 -5.12 -11.99 -24.88
CA LYS C 93 -6.16 -12.17 -23.90
C LYS C 93 -6.42 -13.65 -23.79
N GLU C 94 -6.65 -14.27 -24.93
CA GLU C 94 -6.80 -15.71 -25.03
C GLU C 94 -5.42 -16.34 -25.26
N VAL C 95 -5.01 -17.24 -24.36
CA VAL C 95 -3.75 -17.97 -24.49
C VAL C 95 -3.93 -19.36 -25.16
N ALA C 96 -3.60 -19.47 -26.44
CA ALA C 96 -3.85 -20.70 -27.20
C ALA C 96 -2.88 -21.82 -26.82
N LEU C 97 -3.23 -23.04 -27.24
CA LEU C 97 -2.46 -24.25 -26.93
C LEU C 97 -1.03 -24.13 -27.48
N GLU C 98 -0.88 -23.55 -28.67
CA GLU C 98 0.46 -23.43 -29.29
C GLU C 98 1.49 -22.96 -28.31
N GLU C 99 1.12 -21.95 -27.53
CA GLU C 99 2.09 -21.22 -26.71
C GLU C 99 2.87 -22.18 -25.81
N TYR C 100 2.24 -23.30 -25.45
CA TYR C 100 2.86 -24.36 -24.67
C TYR C 100 4.16 -24.89 -25.28
N ILE C 101 4.21 -25.05 -26.60
CA ILE C 101 5.36 -25.74 -27.19
C ILE C 101 6.70 -25.11 -26.80
N THR C 102 6.93 -23.85 -27.20
CA THR C 102 8.26 -23.26 -27.04
C THR C 102 8.64 -23.17 -25.57
N LEU C 103 7.66 -22.94 -24.71
CA LEU C 103 7.89 -22.84 -23.27
C LEU C 103 8.38 -24.20 -22.73
N GLU C 104 7.56 -25.23 -22.91
CA GLU C 104 7.92 -26.56 -22.44
C GLU C 104 9.29 -26.96 -22.95
N PHE C 105 9.54 -26.70 -24.23
CA PHE C 105 10.76 -27.18 -24.85
C PHE C 105 11.96 -26.41 -24.32
N ALA C 106 11.74 -25.13 -24.00
CA ALA C 106 12.76 -24.30 -23.39
C ALA C 106 13.10 -24.83 -22.00
N ARG C 107 12.07 -25.18 -21.23
CA ARG C 107 12.28 -25.81 -19.93
C ARG C 107 13.12 -27.08 -20.06
N TYR C 108 12.77 -27.93 -21.03
CA TYR C 108 13.47 -29.19 -21.26
C TYR C 108 14.93 -28.94 -21.57
N LEU C 109 15.16 -28.00 -22.49
CA LEU C 109 16.51 -27.69 -22.89
C LEU C 109 17.29 -27.14 -21.73
N GLN C 110 16.68 -26.24 -20.95
CA GLN C 110 17.37 -25.67 -19.80
C GLN C 110 17.84 -26.77 -18.85
N ASP C 111 16.91 -27.65 -18.50
CA ASP C 111 17.23 -28.75 -17.62
C ASP C 111 18.33 -29.62 -18.21
N ALA C 112 18.23 -29.88 -19.50
CA ALA C 112 19.19 -30.75 -20.20
C ALA C 112 20.62 -30.22 -20.19
N PHE C 113 20.77 -28.90 -20.36
CA PHE C 113 22.08 -28.28 -20.46
C PHE C 113 22.49 -27.37 -19.30
N ASN C 114 21.55 -26.99 -18.44
CA ASN C 114 21.84 -26.07 -17.33
C ASN C 114 22.38 -24.75 -17.87
N ILE C 115 21.47 -23.96 -18.41
CA ILE C 115 21.83 -22.90 -19.33
C ILE C 115 20.83 -21.75 -19.14
N GLN C 116 21.24 -20.51 -19.43
CA GLN C 116 20.34 -19.38 -19.21
C GLN C 116 19.16 -19.37 -20.20
N VAL C 117 17.98 -19.02 -19.70
CA VAL C 117 16.80 -18.78 -20.51
C VAL C 117 16.37 -17.32 -20.37
N ILE C 118 16.10 -16.68 -21.51
CA ILE C 118 15.56 -15.32 -21.54
C ILE C 118 14.30 -15.32 -22.37
N ILE C 119 13.23 -14.75 -21.81
CA ILE C 119 11.95 -14.68 -22.47
C ILE C 119 11.43 -13.23 -22.51
N GLN C 120 11.22 -12.74 -23.72
CA GLN C 120 10.79 -11.36 -23.98
C GLN C 120 9.26 -11.32 -24.13
N ILE C 121 8.57 -10.52 -23.33
CA ILE C 121 7.12 -10.33 -23.51
C ILE C 121 6.89 -9.03 -24.27
N LEU C 122 6.17 -9.09 -25.39
CA LEU C 122 6.03 -7.94 -26.30
C LEU C 122 4.84 -7.04 -26.01
N ASP C 123 4.80 -6.47 -24.81
CA ASP C 123 3.73 -5.56 -24.44
C ASP C 123 3.66 -4.30 -25.31
N ASP C 124 4.78 -3.66 -25.57
CA ASP C 124 4.75 -2.49 -26.44
C ASP C 124 4.20 -2.80 -27.81
N ILE C 125 4.61 -3.92 -28.39
CA ILE C 125 4.19 -4.23 -29.75
C ILE C 125 2.69 -4.46 -29.83
N LYS C 126 2.12 -5.01 -28.75
CA LYS C 126 0.68 -5.15 -28.68
C LYS C 126 0.02 -3.79 -28.74
N VAL C 127 0.47 -2.90 -27.86
CA VAL C 127 -0.05 -1.54 -27.83
C VAL C 127 0.08 -0.86 -29.19
N LEU C 128 1.17 -1.14 -29.91
CA LEU C 128 1.42 -0.54 -31.21
C LEU C 128 0.59 -1.12 -32.35
N ASN C 129 0.12 -2.36 -32.21
CA ASN C 129 -0.79 -2.94 -33.20
C ASN C 129 -2.27 -2.61 -32.89
N ARG C 130 -2.51 -1.50 -32.20
CA ARG C 130 -3.85 -1.09 -31.78
C ARG C 130 -4.72 -2.13 -31.08
N GLU C 131 -4.08 -3.11 -30.43
CA GLU C 131 -4.80 -4.22 -29.81
C GLU C 131 -4.94 -4.13 -28.29
N ALA C 132 -4.32 -3.14 -27.66
CA ALA C 132 -4.42 -2.96 -26.22
C ALA C 132 -3.89 -1.61 -25.77
N THR C 133 -4.43 -1.08 -24.68
CA THR C 133 -3.79 0.05 -24.00
C THR C 133 -2.60 -0.47 -23.21
N ILE C 134 -1.75 0.45 -22.78
CA ILE C 134 -0.56 0.09 -22.03
C ILE C 134 -0.93 -0.69 -20.77
N ASN C 135 -2.06 -0.32 -20.15
CA ASN C 135 -2.52 -0.99 -18.94
C ASN C 135 -3.07 -2.35 -19.26
N GLU C 136 -3.96 -2.40 -20.26
CA GLU C 136 -4.44 -3.67 -20.80
C GLU C 136 -3.27 -4.58 -21.13
N ALA C 137 -2.29 -4.06 -21.85
CA ALA C 137 -1.13 -4.86 -22.24
C ALA C 137 -0.36 -5.38 -21.04
N SER C 138 -0.29 -4.56 -20.00
CA SER C 138 0.41 -4.94 -18.78
C SER C 138 -0.30 -6.08 -18.00
N LYS C 139 -1.62 -6.01 -17.87
CA LYS C 139 -2.39 -7.07 -17.20
C LYS C 139 -2.25 -8.40 -17.94
N MET C 140 -2.17 -8.35 -19.27
CA MET C 140 -2.01 -9.56 -20.07
C MET C 140 -0.64 -10.11 -19.86
N SER C 141 0.34 -9.22 -19.87
CA SER C 141 1.73 -9.64 -19.67
C SER C 141 1.95 -10.27 -18.29
N ASN C 142 1.34 -9.72 -17.25
CA ASN C 142 1.43 -10.33 -15.95
C ASN C 142 0.79 -11.71 -16.00
N ASP C 143 -0.43 -11.82 -16.47
CA ASP C 143 -1.04 -13.14 -16.56
C ASP C 143 -0.10 -14.08 -17.29
N LEU C 144 0.45 -13.64 -18.42
CA LEU C 144 1.38 -14.46 -19.19
C LEU C 144 2.53 -14.97 -18.31
N MET C 145 3.17 -14.05 -17.61
CA MET C 145 4.25 -14.44 -16.72
C MET C 145 3.82 -15.62 -15.83
N LYS C 146 2.58 -15.58 -15.33
CA LYS C 146 2.11 -16.67 -14.50
C LYS C 146 2.06 -17.97 -15.30
N TYR C 147 1.61 -17.91 -16.55
CA TYR C 147 1.59 -19.09 -17.41
C TYR C 147 3.01 -19.61 -17.65
N ILE C 148 3.96 -18.69 -17.81
CA ILE C 148 5.32 -19.09 -18.10
C ILE C 148 5.96 -19.79 -16.90
N LEU C 149 5.88 -19.15 -15.74
CA LEU C 149 6.49 -19.66 -14.53
C LEU C 149 5.91 -21.02 -14.12
N ALA C 150 4.67 -21.30 -14.53
CA ALA C 150 4.02 -22.57 -14.21
C ALA C 150 4.83 -23.76 -14.68
N PHE C 151 5.52 -23.61 -15.81
CA PHE C 151 6.35 -24.68 -16.36
C PHE C 151 7.49 -25.13 -15.42
N GLY C 152 7.78 -24.34 -14.39
CA GLY C 152 8.79 -24.70 -13.40
C GLY C 152 10.19 -24.62 -13.97
N PHE C 153 10.63 -23.43 -14.31
CA PHE C 153 12.01 -23.23 -14.79
C PHE C 153 13.00 -23.16 -13.63
N ASN C 154 14.29 -23.17 -13.95
CA ASN C 154 15.31 -22.85 -12.97
C ASN C 154 15.28 -21.35 -12.86
N GLU C 155 14.59 -20.82 -11.85
CA GLU C 155 14.31 -19.38 -11.80
C GLU C 155 15.56 -18.55 -11.55
N ASP C 156 16.62 -19.20 -11.06
CA ASP C 156 17.91 -18.55 -10.92
C ASP C 156 18.61 -18.38 -12.26
N LYS C 157 18.18 -19.10 -13.29
CA LYS C 157 18.69 -18.90 -14.65
C LYS C 157 17.57 -18.64 -15.65
N THR C 158 16.47 -18.03 -15.21
CA THR C 158 15.41 -17.70 -16.15
C THR C 158 15.03 -16.24 -15.99
N PHE C 159 15.26 -15.48 -17.05
CA PHE C 159 14.98 -14.06 -17.05
C PHE C 159 13.80 -13.79 -17.99
N ILE C 160 12.67 -13.40 -17.41
CA ILE C 160 11.45 -13.06 -18.13
C ILE C 160 11.20 -11.59 -17.99
N TYR C 161 11.11 -10.86 -19.10
CA TYR C 161 10.96 -9.39 -19.00
C TYR C 161 9.91 -8.89 -19.96
N THR C 162 9.37 -7.70 -19.67
CA THR C 162 8.46 -7.05 -20.62
C THR C 162 9.19 -5.89 -21.25
N ASP C 163 8.90 -5.62 -22.51
CA ASP C 163 9.61 -4.59 -23.25
C ASP C 163 9.55 -3.25 -22.56
N TYR C 164 8.35 -2.80 -22.23
CA TYR C 164 8.22 -1.51 -21.54
C TYR C 164 9.10 -1.40 -20.29
N GLN C 165 9.27 -2.50 -19.56
CA GLN C 165 10.06 -2.53 -18.32
C GLN C 165 11.58 -2.59 -18.57
N TYR C 166 12.02 -3.24 -19.65
CA TYR C 166 13.46 -3.49 -19.87
C TYR C 166 14.10 -2.65 -21.01
N PHE C 167 13.29 -1.86 -21.71
CA PHE C 167 13.70 -1.24 -22.97
C PHE C 167 14.99 -0.45 -22.84
N GLY C 168 15.06 0.40 -21.82
CA GLY C 168 16.26 1.22 -21.63
C GLY C 168 17.57 0.43 -21.68
N LYS C 169 17.57 -0.71 -20.99
CA LYS C 169 18.75 -1.51 -20.83
C LYS C 169 19.22 -2.02 -22.20
N MET C 170 18.33 -1.91 -23.18
CA MET C 170 18.46 -2.61 -24.47
C MET C 170 18.52 -1.65 -25.67
N TYR C 171 18.15 -0.38 -25.42
CA TYR C 171 17.84 0.55 -26.51
C TYR C 171 19.03 0.79 -27.41
N ARG C 172 20.20 1.05 -26.84
CA ARG C 172 21.40 1.25 -27.65
C ARG C 172 21.49 0.24 -28.76
N THR C 173 21.38 -1.03 -28.38
CA THR C 173 21.70 -2.11 -29.30
C THR C 173 20.46 -2.38 -30.19
N ILE C 174 19.28 -1.93 -29.75
CA ILE C 174 18.12 -1.83 -30.64
C ILE C 174 18.41 -0.83 -31.76
N SER C 175 18.82 0.37 -31.38
CA SER C 175 19.04 1.44 -32.35
C SER C 175 20.03 1.03 -33.42
N LEU C 176 21.02 0.23 -33.04
CA LEU C 176 21.99 -0.32 -34.00
C LEU C 176 21.28 -1.26 -34.99
N VAL C 177 20.40 -2.10 -34.48
CA VAL C 177 19.58 -2.98 -35.31
C VAL C 177 18.66 -2.17 -36.21
N GLU C 178 18.07 -1.10 -35.68
CA GLU C 178 17.23 -0.21 -36.48
C GLU C 178 18.07 0.32 -37.63
N LYS C 179 19.25 0.83 -37.30
CA LYS C 179 20.17 1.37 -38.31
C LYS C 179 20.46 0.35 -39.40
N ALA C 180 20.51 -0.93 -39.00
CA ALA C 180 20.90 -2.04 -39.86
C ALA C 180 19.80 -2.64 -40.73
N THR C 181 18.52 -2.30 -40.46
CA THR C 181 17.41 -2.86 -41.25
C THR C 181 16.69 -1.80 -42.07
N ALA C 182 16.71 -1.99 -43.39
CA ALA C 182 16.02 -1.10 -44.32
C ALA C 182 14.54 -1.41 -44.30
N TYR C 183 13.70 -0.40 -44.49
CA TYR C 183 12.25 -0.62 -44.54
C TYR C 183 11.86 -1.63 -45.62
N ASN C 184 12.44 -1.51 -46.81
CA ASN C 184 12.11 -2.40 -47.94
C ASN C 184 12.45 -3.88 -47.73
N VAL C 185 13.45 -4.14 -46.88
CA VAL C 185 13.83 -5.51 -46.54
C VAL C 185 12.73 -6.17 -45.72
N VAL C 186 11.93 -5.36 -45.03
CA VAL C 186 10.98 -5.82 -44.02
C VAL C 186 9.49 -5.63 -44.43
N GLN C 187 9.18 -4.58 -45.18
CA GLN C 187 7.79 -4.31 -45.64
C GLN C 187 7.15 -5.36 -46.59
N PRO C 188 7.79 -6.53 -46.76
CA PRO C 188 7.14 -7.76 -47.23
C PRO C 188 6.76 -8.79 -46.17
N PHE C 189 7.61 -9.02 -45.18
CA PHE C 189 7.34 -10.06 -44.18
C PHE C 189 6.14 -9.69 -43.31
N PHE C 190 5.95 -8.39 -43.13
CA PHE C 190 4.71 -7.85 -42.59
C PHE C 190 4.18 -7.04 -43.77
N ASN C 191 2.87 -6.87 -43.86
CA ASN C 191 2.34 -5.99 -44.88
C ASN C 191 2.23 -4.56 -44.39
N PHE C 192 3.36 -3.87 -44.30
CA PHE C 192 3.33 -2.51 -43.78
C PHE C 192 2.68 -1.64 -44.82
N GLU C 193 1.69 -0.88 -44.39
CA GLU C 193 0.79 -0.22 -45.34
C GLU C 193 0.92 1.30 -45.43
N TYR C 194 1.91 1.86 -44.74
CA TYR C 194 2.22 3.30 -44.87
C TYR C 194 1.11 4.26 -44.43
N SER C 195 -0.09 3.73 -44.22
CA SER C 195 -1.05 4.33 -43.32
C SER C 195 -0.79 3.74 -41.96
N ASP C 196 -0.05 2.64 -41.92
CA ASP C 196 0.39 2.05 -40.66
C ASP C 196 1.17 3.09 -39.84
N ASN C 197 1.05 3.03 -38.51
CA ASN C 197 1.77 3.96 -37.65
C ASN C 197 3.28 3.70 -37.62
N ILE C 198 4.03 4.78 -37.45
CA ILE C 198 5.47 4.75 -37.33
C ILE C 198 6.01 3.62 -36.46
N GLY C 199 5.51 3.49 -35.23
CA GLY C 199 6.03 2.52 -34.29
C GLY C 199 5.88 1.09 -34.78
N LYS C 200 4.74 0.79 -35.40
CA LYS C 200 4.51 -0.53 -36.01
C LYS C 200 5.64 -0.84 -37.02
N LEU C 201 6.06 0.16 -37.81
CA LEU C 201 7.11 -0.05 -38.81
C LEU C 201 8.44 -0.36 -38.17
N ALA C 202 8.72 0.26 -37.03
CA ALA C 202 10.00 0.09 -36.35
C ALA C 202 10.06 -1.14 -35.44
N SER C 203 8.92 -1.75 -35.13
CA SER C 203 8.84 -2.95 -34.29
C SER C 203 9.89 -4.01 -34.56
N PRO C 204 10.06 -4.43 -35.83
CA PRO C 204 10.91 -5.58 -36.07
C PRO C 204 12.25 -5.49 -35.32
N SER C 205 12.78 -4.28 -35.16
CA SER C 205 13.94 -4.06 -34.30
C SER C 205 13.81 -4.66 -32.91
N ILE C 206 12.73 -4.27 -32.22
CA ILE C 206 12.46 -4.73 -30.88
C ILE C 206 12.41 -6.26 -30.86
N MET C 207 11.92 -6.85 -31.94
CA MET C 207 11.79 -8.28 -32.01
C MET C 207 13.10 -8.98 -32.37
N THR C 208 14.01 -8.30 -33.08
CA THR C 208 15.28 -8.93 -33.46
C THR C 208 16.37 -8.67 -32.41
N ALA C 209 16.42 -7.44 -31.90
CA ALA C 209 17.54 -7.03 -31.06
C ALA C 209 17.68 -7.93 -29.84
N SER C 210 16.56 -8.48 -29.39
CA SER C 210 16.51 -9.35 -28.22
C SER C 210 17.13 -10.73 -28.44
N MET C 211 17.65 -10.98 -29.64
CA MET C 211 18.27 -12.26 -29.95
C MET C 211 19.80 -12.15 -29.99
N PHE C 212 20.34 -11.16 -29.32
CA PHE C 212 21.76 -10.98 -29.31
C PHE C 212 22.23 -10.73 -27.89
N SER C 213 23.34 -11.34 -27.50
CA SER C 213 23.84 -11.19 -26.14
C SER C 213 24.12 -9.72 -25.75
N GLN C 214 24.51 -8.91 -26.74
CA GLN C 214 24.76 -7.49 -26.54
C GLN C 214 23.59 -6.71 -25.91
N SER C 215 22.37 -7.24 -26.04
CA SER C 215 21.21 -6.65 -25.39
C SER C 215 21.08 -6.97 -23.91
N TYR C 216 21.93 -7.86 -23.41
CA TYR C 216 21.79 -8.36 -22.06
C TYR C 216 23.12 -8.26 -21.34
N SER C 217 23.62 -7.05 -21.24
CA SER C 217 24.94 -6.86 -20.63
C SER C 217 24.99 -7.23 -19.16
N HIS C 218 23.85 -7.36 -18.49
CA HIS C 218 23.84 -7.78 -17.09
C HIS C 218 24.22 -9.25 -16.96
N PHE C 219 24.04 -10.01 -18.03
CA PHE C 219 24.19 -11.46 -18.00
C PHE C 219 25.43 -11.99 -18.72
N PHE C 220 25.99 -11.20 -19.64
CA PHE C 220 27.11 -11.67 -20.45
C PHE C 220 28.22 -10.64 -20.52
N SER C 221 29.45 -11.13 -20.64
CA SER C 221 30.61 -10.27 -20.76
C SER C 221 31.32 -10.47 -22.09
N SER C 222 31.18 -11.66 -22.69
CA SER C 222 31.61 -11.92 -24.05
C SER C 222 30.35 -12.00 -24.88
N PRO C 223 30.49 -12.02 -26.21
CA PRO C 223 29.38 -12.49 -27.02
C PRO C 223 28.98 -13.90 -26.58
N ALA C 224 27.69 -14.18 -26.67
CA ALA C 224 27.16 -15.46 -26.30
C ALA C 224 26.14 -15.89 -27.34
N ARG C 225 26.30 -17.12 -27.83
CA ARG C 225 25.38 -17.70 -28.79
C ARG C 225 23.98 -17.72 -28.27
N CYS C 226 23.04 -17.54 -29.18
CA CYS C 226 21.62 -17.58 -28.86
C CYS C 226 20.91 -18.70 -29.61
N LEU C 227 20.15 -19.50 -28.86
CA LEU C 227 19.30 -20.52 -29.46
C LEU C 227 17.85 -20.07 -29.35
N VAL C 228 17.27 -19.59 -30.45
CA VAL C 228 15.90 -19.12 -30.46
C VAL C 228 14.97 -20.28 -30.79
N LEU C 229 13.78 -20.28 -30.18
CA LEU C 229 12.71 -21.24 -30.47
C LEU C 229 11.54 -20.52 -31.11
N ASP C 230 10.98 -21.10 -32.16
CA ASP C 230 9.99 -20.42 -32.97
C ASP C 230 9.31 -21.35 -33.97
N SER C 231 8.12 -20.96 -34.41
CA SER C 231 7.39 -21.70 -35.42
C SER C 231 8.07 -21.52 -36.75
N ILE C 232 8.11 -22.60 -37.52
CA ILE C 232 8.61 -22.57 -38.89
C ILE C 232 7.92 -21.45 -39.70
N LYS C 233 6.66 -21.16 -39.37
CA LYS C 233 5.88 -19.98 -39.84
C LYS C 233 6.70 -18.70 -40.13
N ASN C 234 7.83 -18.53 -39.45
CA ASN C 234 8.60 -17.30 -39.51
C ASN C 234 10.02 -17.46 -40.09
N VAL C 235 10.31 -18.55 -40.80
CA VAL C 235 11.71 -18.84 -41.11
C VAL C 235 12.36 -17.67 -41.79
N GLN C 236 11.59 -17.02 -42.65
CA GLN C 236 12.12 -15.91 -43.45
C GLN C 236 12.59 -14.72 -42.61
N PHE C 237 11.83 -14.33 -41.61
CA PHE C 237 12.23 -13.26 -40.71
C PHE C 237 13.58 -13.55 -40.07
N HIS C 238 13.81 -14.82 -39.72
CA HIS C 238 15.07 -15.23 -39.11
C HIS C 238 16.25 -15.10 -40.07
N SER C 239 16.00 -15.31 -41.36
CA SER C 239 17.03 -15.11 -42.38
C SER C 239 17.39 -13.63 -42.55
N ILE C 240 16.43 -12.74 -42.29
CA ILE C 240 16.69 -11.33 -42.29
C ILE C 240 17.63 -11.08 -41.14
N ILE C 241 17.25 -11.61 -39.97
CA ILE C 241 18.05 -11.45 -38.75
C ILE C 241 19.50 -11.92 -38.93
N ASP C 242 19.72 -12.99 -39.70
CA ASP C 242 21.08 -13.40 -40.01
C ASP C 242 21.85 -12.27 -40.70
N GLN C 243 21.24 -11.60 -41.66
CA GLN C 243 21.92 -10.51 -42.42
C GLN C 243 22.25 -9.31 -41.57
N ILE C 244 21.36 -9.02 -40.61
CA ILE C 244 21.62 -7.96 -39.65
C ILE C 244 22.82 -8.35 -38.82
N ALA C 245 22.79 -9.58 -38.26
CA ALA C 245 23.88 -10.10 -37.45
C ALA C 245 25.22 -9.89 -38.12
N THR C 246 25.28 -10.16 -39.42
CA THR C 246 26.53 -9.96 -40.13
C THR C 246 26.81 -8.46 -40.24
N THR C 247 25.85 -7.67 -40.70
CA THR C 247 26.15 -6.26 -40.91
C THR C 247 26.42 -5.54 -39.60
N LEU C 248 26.21 -6.18 -38.46
CA LEU C 248 26.57 -5.60 -37.15
C LEU C 248 27.72 -6.33 -36.44
N ASN C 249 28.24 -7.40 -37.02
CA ASN C 249 29.19 -8.29 -36.36
C ASN C 249 28.65 -8.98 -35.12
N PHE C 250 27.34 -9.15 -35.03
CA PHE C 250 26.76 -9.96 -33.96
C PHE C 250 26.73 -11.41 -34.41
N ILE C 251 26.39 -12.30 -33.49
CA ILE C 251 26.36 -13.73 -33.82
C ILE C 251 25.03 -14.09 -34.43
N GLN C 252 25.08 -14.75 -35.57
CA GLN C 252 23.87 -15.30 -36.17
C GLN C 252 23.22 -16.30 -35.22
N PRO C 253 21.95 -16.06 -34.86
CA PRO C 253 21.30 -16.96 -33.94
C PRO C 253 21.06 -18.33 -34.52
N THR C 254 21.38 -19.36 -33.74
CA THR C 254 20.92 -20.69 -34.07
C THR C 254 19.43 -20.71 -33.67
N VAL C 255 18.62 -21.33 -34.52
CA VAL C 255 17.16 -21.30 -34.38
C VAL C 255 16.61 -22.69 -34.60
N LEU C 256 15.68 -23.12 -33.75
CA LEU C 256 15.01 -24.40 -33.94
C LEU C 256 13.55 -24.15 -34.22
N PHE C 257 13.02 -24.75 -35.28
CA PHE C 257 11.69 -24.43 -35.76
C PHE C 257 10.69 -25.56 -35.49
N HIS C 258 9.48 -25.23 -35.06
CA HIS C 258 8.48 -26.28 -34.84
C HIS C 258 7.37 -26.31 -35.90
N LYS C 259 6.75 -27.48 -36.05
CA LYS C 259 5.60 -27.69 -36.95
C LYS C 259 4.42 -26.83 -36.51
N MET C 260 3.54 -26.50 -37.44
CA MET C 260 2.31 -25.79 -37.08
C MET C 260 1.49 -26.65 -36.12
N VAL C 261 0.96 -26.05 -35.06
CA VAL C 261 -0.04 -26.74 -34.24
C VAL C 261 -1.40 -26.43 -34.86
N PRO C 262 -2.11 -27.47 -35.31
CA PRO C 262 -3.25 -27.22 -36.19
C PRO C 262 -4.45 -26.69 -35.43
N LEU C 263 -5.23 -25.84 -36.08
CA LEU C 263 -6.50 -25.39 -35.52
C LEU C 263 -7.50 -26.54 -35.56
N LEU C 264 -8.62 -26.42 -34.85
CA LEU C 264 -9.62 -27.50 -34.78
C LEU C 264 -10.38 -27.71 -36.10
N SER C 265 -10.09 -26.84 -37.08
CA SER C 265 -10.73 -26.87 -38.40
C SER C 265 -9.98 -27.72 -39.44
N GLY C 266 -8.89 -28.37 -39.05
CA GLY C 266 -7.84 -28.86 -39.97
C GLY C 266 -6.88 -27.71 -39.90
N VAL C 267 -5.55 -27.86 -39.85
CA VAL C 267 -4.66 -28.83 -40.50
C VAL C 267 -4.15 -28.05 -41.70
N THR C 268 -5.07 -27.63 -42.57
CA THR C 268 -4.75 -26.70 -43.66
C THR C 268 -5.22 -25.26 -43.39
N LYS C 269 -5.84 -25.01 -42.24
CA LYS C 269 -6.39 -23.67 -41.95
C LYS C 269 -5.53 -22.96 -40.94
N PHE C 270 -5.09 -21.76 -41.31
CA PHE C 270 -4.00 -21.03 -40.66
C PHE C 270 -4.42 -19.71 -40.05
N ASP C 271 -5.71 -19.51 -39.78
CA ASP C 271 -6.15 -18.28 -39.13
C ASP C 271 -5.54 -18.15 -37.71
N ILE C 272 -5.99 -17.16 -36.97
CA ILE C 272 -5.33 -16.82 -35.73
C ILE C 272 -6.01 -17.52 -34.56
N PRO C 273 -5.24 -18.30 -33.77
CA PRO C 273 -5.86 -19.13 -32.73
C PRO C 273 -6.72 -18.32 -31.79
N SER C 274 -7.94 -18.79 -31.56
CA SER C 274 -8.85 -18.13 -30.62
C SER C 274 -9.69 -19.20 -29.93
N ASP C 275 -10.60 -18.77 -29.06
CA ASP C 275 -11.45 -19.74 -28.36
C ASP C 275 -12.21 -20.57 -29.39
N HIS C 276 -12.65 -19.90 -30.45
CA HIS C 276 -13.33 -20.52 -31.58
C HIS C 276 -12.50 -21.60 -32.30
N ASN C 277 -11.19 -21.35 -32.46
CA ASN C 277 -10.30 -22.20 -33.29
C ASN C 277 -9.66 -23.32 -32.51
N SER C 278 -9.13 -23.00 -31.33
CA SER C 278 -8.28 -23.93 -30.61
C SER C 278 -8.62 -24.03 -29.15
N ILE C 279 -8.00 -25.01 -28.50
CA ILE C 279 -8.05 -25.17 -27.07
C ILE C 279 -7.18 -24.09 -26.47
N LEU C 280 -7.64 -23.50 -25.37
CA LEU C 280 -6.88 -22.48 -24.62
C LEU C 280 -6.26 -23.13 -23.38
N LEU C 281 -5.05 -22.72 -23.00
CA LEU C 281 -4.45 -23.24 -21.76
C LEU C 281 -5.26 -22.90 -20.50
N SER C 282 -6.27 -22.06 -20.65
CA SER C 282 -7.16 -21.70 -19.55
C SER C 282 -8.46 -22.50 -19.55
N ASP C 283 -8.51 -23.57 -20.32
CA ASP C 283 -9.77 -24.29 -20.51
C ASP C 283 -10.08 -25.35 -19.44
N ASN C 284 -11.37 -25.51 -19.15
CA ASN C 284 -11.91 -26.58 -18.31
C ASN C 284 -11.52 -27.94 -18.81
N ALA C 285 -11.68 -28.93 -17.95
CA ALA C 285 -11.66 -30.29 -18.42
C ALA C 285 -12.79 -30.43 -19.45
N LYS C 286 -14.02 -30.03 -19.07
CA LYS C 286 -15.21 -30.15 -19.95
C LYS C 286 -15.12 -29.33 -21.26
N GLN C 287 -14.53 -28.13 -21.19
CA GLN C 287 -14.41 -27.30 -22.38
C GLN C 287 -13.49 -27.95 -23.40
N VAL C 288 -12.38 -28.51 -22.94
CA VAL C 288 -11.44 -29.22 -23.83
C VAL C 288 -12.14 -30.39 -24.48
N GLU C 289 -12.80 -31.20 -23.66
CA GLU C 289 -13.56 -32.37 -24.10
C GLU C 289 -14.53 -31.98 -25.20
N ARG C 290 -15.27 -30.90 -24.96
CA ARG C 290 -16.24 -30.39 -25.92
C ARG C 290 -15.53 -30.06 -27.24
N LYS C 291 -14.43 -29.32 -27.17
CA LYS C 291 -13.74 -28.90 -28.37
C LYS C 291 -13.24 -30.08 -29.20
N ILE C 292 -12.58 -31.05 -28.55
CA ILE C 292 -12.13 -32.27 -29.22
C ILE C 292 -13.29 -33.07 -29.82
N ASN C 293 -14.37 -33.22 -29.04
CA ASN C 293 -15.49 -34.07 -29.46
C ASN C 293 -16.36 -33.45 -30.54
N LYS C 294 -16.70 -32.17 -30.40
CA LYS C 294 -17.62 -31.53 -31.34
C LYS C 294 -16.93 -30.70 -32.42
N LEU C 295 -15.90 -29.93 -32.08
CA LEU C 295 -15.28 -29.00 -33.04
C LEU C 295 -14.11 -29.61 -33.83
N ALA C 296 -13.41 -30.58 -33.24
CA ALA C 296 -12.17 -31.08 -33.81
C ALA C 296 -12.43 -31.88 -35.09
N PHE C 297 -11.94 -31.35 -36.20
CA PHE C 297 -12.03 -32.01 -37.51
C PHE C 297 -11.60 -33.49 -37.43
N SER C 298 -12.37 -34.36 -38.08
CA SER C 298 -12.07 -35.78 -38.10
C SER C 298 -11.61 -36.20 -39.49
N GLY C 299 -10.69 -37.17 -39.53
CA GLY C 299 -10.14 -37.69 -40.78
C GLY C 299 -10.69 -39.07 -41.15
N GLY C 300 -11.73 -39.50 -40.45
CA GLY C 300 -12.37 -40.78 -40.71
C GLY C 300 -13.27 -40.71 -41.92
N ARG C 301 -13.93 -41.82 -42.24
CA ARG C 301 -14.75 -41.90 -43.43
C ARG C 301 -16.20 -41.62 -43.08
N ASN C 302 -17.11 -41.80 -44.03
CA ASN C 302 -18.55 -41.69 -43.78
C ASN C 302 -19.12 -43.01 -43.34
N THR C 303 -19.45 -43.89 -44.29
CA THR C 303 -19.82 -45.26 -43.97
C THR C 303 -18.74 -45.81 -43.05
N THR C 304 -19.14 -46.30 -41.89
CA THR C 304 -18.21 -46.93 -40.96
C THR C 304 -17.66 -48.25 -41.52
N GLU C 305 -18.26 -48.74 -42.60
CA GLU C 305 -17.70 -49.86 -43.37
C GLU C 305 -16.46 -49.39 -44.13
N GLU C 306 -16.59 -48.30 -44.88
CA GLU C 306 -15.46 -47.71 -45.61
C GLU C 306 -14.31 -47.41 -44.66
N HIS C 307 -14.65 -46.99 -43.44
CA HIS C 307 -13.66 -46.76 -42.39
C HIS C 307 -12.87 -48.04 -42.10
N LYS C 308 -13.57 -49.17 -41.99
CA LYS C 308 -12.93 -50.46 -41.75
C LYS C 308 -12.08 -50.88 -42.96
N LYS C 309 -12.70 -50.87 -44.14
CA LYS C 309 -12.06 -51.38 -45.36
C LYS C 309 -11.46 -50.26 -46.22
N LEU C 310 -10.67 -49.39 -45.60
CA LEU C 310 -10.04 -48.26 -46.30
C LEU C 310 -9.22 -47.41 -45.32
N GLY C 311 -9.64 -47.37 -44.05
CA GLY C 311 -8.78 -46.91 -42.97
C GLY C 311 -9.24 -45.61 -42.35
N GLY C 312 -8.28 -44.79 -41.95
CA GLY C 312 -8.57 -43.50 -41.37
C GLY C 312 -7.37 -42.63 -41.61
N GLN C 313 -7.60 -41.34 -41.88
CA GLN C 313 -6.54 -40.46 -42.36
C GLN C 313 -6.00 -39.51 -41.27
N CYS C 314 -4.87 -39.88 -40.68
CA CYS C 314 -4.23 -39.13 -39.59
C CYS C 314 -3.78 -37.75 -40.07
N ASP C 315 -2.92 -37.75 -41.07
CA ASP C 315 -3.05 -36.89 -42.22
C ASP C 315 -3.85 -35.59 -41.99
N ILE C 316 -5.19 -35.67 -41.94
CA ILE C 316 -6.06 -34.48 -41.70
C ILE C 316 -6.86 -34.52 -40.38
N ASP C 317 -6.82 -35.64 -39.65
CA ASP C 317 -7.54 -35.74 -38.38
C ASP C 317 -6.86 -34.89 -37.31
N VAL C 318 -7.42 -33.72 -37.04
CA VAL C 318 -6.87 -32.80 -36.06
C VAL C 318 -6.71 -33.47 -34.70
N SER C 319 -7.72 -34.23 -34.30
CA SER C 319 -7.73 -34.86 -32.98
C SER C 319 -6.47 -35.72 -32.79
N PHE C 320 -6.07 -36.43 -33.84
CA PHE C 320 -4.85 -37.23 -33.80
C PHE C 320 -3.59 -36.38 -33.76
N GLN C 321 -3.50 -35.44 -34.71
CA GLN C 321 -2.35 -34.57 -34.79
C GLN C 321 -2.02 -34.02 -33.41
N LEU C 322 -3.04 -33.46 -32.76
CA LEU C 322 -2.86 -32.92 -31.41
C LEU C 322 -2.31 -34.00 -30.48
N LEU C 323 -2.90 -35.18 -30.50
CA LEU C 323 -2.40 -36.27 -29.66
C LEU C 323 -0.92 -36.49 -29.98
N ASN C 324 -0.57 -36.47 -31.27
CA ASN C 324 0.81 -36.73 -31.70
C ASN C 324 1.82 -35.66 -31.32
N ILE C 325 1.33 -34.47 -31.01
CA ILE C 325 2.21 -33.38 -30.59
C ILE C 325 2.42 -33.39 -29.08
N PHE C 326 1.34 -33.49 -28.32
CA PHE C 326 1.38 -33.18 -26.89
C PHE C 326 1.47 -34.41 -25.97
N SER C 327 1.35 -35.62 -26.50
CA SER C 327 1.37 -36.80 -25.64
C SER C 327 2.77 -37.14 -25.14
N SER C 328 2.80 -37.82 -24.00
CA SER C 328 4.05 -38.24 -23.37
C SER C 328 4.54 -39.56 -23.91
N ASP C 329 3.72 -40.59 -23.82
CA ASP C 329 4.19 -41.93 -24.22
C ASP C 329 4.03 -42.19 -25.73
N ASN C 330 5.16 -42.45 -26.37
CA ASN C 330 5.20 -42.77 -27.81
C ASN C 330 4.55 -44.10 -28.07
N ALA C 331 4.53 -44.95 -27.03
CA ALA C 331 3.90 -46.27 -27.08
C ALA C 331 2.45 -46.20 -27.59
N GLN C 332 1.61 -45.44 -26.89
CA GLN C 332 0.17 -45.36 -27.22
C GLN C 332 -0.13 -44.39 -28.36
N VAL C 333 0.81 -43.49 -28.66
CA VAL C 333 0.72 -42.68 -29.86
C VAL C 333 0.81 -43.55 -31.10
N LYS C 334 1.80 -44.45 -31.14
CA LYS C 334 1.97 -45.39 -32.26
C LYS C 334 0.83 -46.39 -32.35
N ASP C 335 0.36 -46.88 -31.20
CA ASP C 335 -0.76 -47.83 -31.14
C ASP C 335 -1.98 -47.24 -31.86
N VAL C 336 -2.29 -45.98 -31.51
CA VAL C 336 -3.37 -45.23 -32.16
C VAL C 336 -3.10 -45.01 -33.64
N GLU C 337 -1.92 -44.47 -33.97
CA GLU C 337 -1.50 -44.30 -35.38
C GLU C 337 -1.78 -45.57 -36.19
N GLU C 338 -1.38 -46.71 -35.62
CA GLU C 338 -1.52 -47.99 -36.29
C GLU C 338 -2.99 -48.39 -36.47
N LYS C 339 -3.73 -48.43 -35.36
CA LYS C 339 -5.11 -48.94 -35.39
C LYS C 339 -6.07 -48.04 -36.17
N TYR C 340 -5.86 -46.73 -36.09
CA TYR C 340 -6.70 -45.78 -36.82
C TYR C 340 -6.45 -45.89 -38.32
N SER C 341 -5.18 -46.11 -38.68
CA SER C 341 -4.80 -46.33 -40.07
C SER C 341 -5.44 -47.58 -40.66
N LYS C 342 -5.42 -48.68 -39.89
CA LYS C 342 -5.99 -49.96 -40.35
C LYS C 342 -7.46 -50.19 -39.92
N GLY C 343 -8.23 -49.10 -39.86
CA GLY C 343 -9.69 -49.14 -39.66
C GLY C 343 -10.21 -49.67 -38.33
N GLU C 344 -9.30 -49.96 -37.40
CA GLU C 344 -9.65 -50.67 -36.18
C GLU C 344 -10.21 -49.72 -35.11
N LEU C 345 -10.12 -48.42 -35.34
CA LEU C 345 -10.66 -47.40 -34.44
C LEU C 345 -11.54 -46.42 -35.21
N LEU C 346 -12.85 -46.41 -34.95
CA LEU C 346 -13.72 -45.38 -35.53
C LEU C 346 -13.43 -44.05 -34.86
N SER C 347 -13.74 -42.95 -35.55
CA SER C 347 -13.26 -41.62 -35.11
C SER C 347 -13.72 -41.24 -33.71
N GLY C 348 -14.99 -41.53 -33.39
CA GLY C 348 -15.51 -41.30 -32.06
C GLY C 348 -14.65 -41.91 -30.96
N GLU C 349 -14.21 -43.15 -31.18
CA GLU C 349 -13.36 -43.86 -30.22
C GLU C 349 -11.96 -43.26 -30.15
N LEU C 350 -11.49 -42.69 -31.26
CA LEU C 350 -10.24 -41.90 -31.27
C LEU C 350 -10.44 -40.62 -30.49
N LYS C 351 -11.54 -39.94 -30.76
CA LYS C 351 -11.87 -38.70 -30.10
C LYS C 351 -12.15 -38.92 -28.62
N LYS C 352 -12.62 -40.11 -28.25
CA LYS C 352 -12.72 -40.47 -26.83
C LYS C 352 -11.33 -40.51 -26.20
N ILE C 353 -10.40 -41.23 -26.81
CA ILE C 353 -9.01 -41.34 -26.29
C ILE C 353 -8.26 -40.00 -26.23
N VAL C 354 -8.46 -39.18 -27.26
CA VAL C 354 -7.79 -37.88 -27.36
C VAL C 354 -8.38 -36.92 -26.36
N SER C 355 -9.72 -36.89 -26.25
CA SER C 355 -10.37 -36.09 -25.21
C SER C 355 -9.76 -36.43 -23.86
N ALA C 356 -9.60 -37.72 -23.60
CA ALA C 356 -8.99 -38.20 -22.35
C ALA C 356 -7.57 -37.70 -22.18
N SER C 357 -6.76 -37.80 -23.22
CA SER C 357 -5.36 -37.38 -23.12
C SER C 357 -5.23 -35.88 -22.83
N MET C 358 -6.04 -35.07 -23.53
CA MET C 358 -6.02 -33.61 -23.35
C MET C 358 -6.62 -33.15 -22.03
N LYS C 359 -7.64 -33.86 -21.54
CA LYS C 359 -8.15 -33.58 -20.21
C LYS C 359 -7.02 -33.66 -19.21
N ASP C 360 -6.30 -34.78 -19.23
CA ASP C 360 -5.18 -34.98 -18.30
C ASP C 360 -4.09 -33.94 -18.48
N PHE C 361 -3.86 -33.56 -19.72
CA PHE C 361 -2.85 -32.59 -20.05
C PHE C 361 -3.17 -31.24 -19.43
N ILE C 362 -4.38 -30.74 -19.67
CA ILE C 362 -4.79 -29.46 -19.15
C ILE C 362 -4.92 -29.53 -17.64
N VAL C 363 -5.50 -30.58 -17.12
CA VAL C 363 -5.61 -30.69 -15.68
C VAL C 363 -4.23 -30.67 -15.02
N ALA C 364 -3.29 -31.41 -15.59
CA ALA C 364 -1.91 -31.44 -15.08
C ALA C 364 -1.27 -30.05 -15.07
N TYR C 365 -1.43 -29.33 -16.19
CA TYR C 365 -0.88 -27.98 -16.31
C TYR C 365 -1.51 -27.04 -15.30
N ASP C 366 -2.84 -27.00 -15.26
CA ASP C 366 -3.56 -26.18 -14.29
C ASP C 366 -3.06 -26.41 -12.87
N ALA C 367 -2.71 -27.65 -12.54
CA ALA C 367 -2.15 -27.97 -11.23
C ALA C 367 -0.78 -27.35 -11.00
N LYS C 368 0.01 -27.22 -12.05
CA LYS C 368 1.31 -26.52 -11.99
C LYS C 368 1.17 -25.01 -11.88
N LYS C 369 0.08 -24.48 -12.43
CA LYS C 369 -0.15 -23.06 -12.58
C LYS C 369 -0.79 -22.48 -11.33
N LYS C 370 -1.60 -23.31 -10.69
CA LYS C 370 -2.38 -22.91 -9.51
C LYS C 370 -1.56 -22.23 -8.41
N PRO C 371 -0.38 -22.79 -8.06
CA PRO C 371 0.43 -22.13 -7.02
C PRO C 371 1.16 -20.85 -7.46
N ILE C 372 1.21 -20.57 -8.77
CA ILE C 372 1.78 -19.33 -9.27
C ILE C 372 0.77 -18.21 -9.05
N THR C 373 0.69 -17.76 -7.80
CA THR C 373 -0.24 -16.73 -7.41
C THR C 373 0.38 -15.38 -7.72
N THR C 374 -0.36 -14.30 -7.46
CA THR C 374 0.20 -12.97 -7.59
C THR C 374 1.42 -12.85 -6.69
N ALA C 375 1.26 -13.28 -5.44
CA ALA C 375 2.34 -13.27 -4.44
C ALA C 375 3.62 -13.88 -4.98
N TYR C 376 3.47 -15.00 -5.68
CA TYR C 376 4.57 -15.71 -6.31
C TYR C 376 5.24 -14.88 -7.38
N LEU C 377 4.46 -14.38 -8.31
CA LEU C 377 4.96 -13.61 -9.44
C LEU C 377 5.70 -12.38 -8.94
N LYS C 378 5.18 -11.72 -7.91
CA LYS C 378 5.87 -10.59 -7.30
C LYS C 378 7.21 -10.96 -6.70
N ALA C 379 7.27 -12.12 -6.04
CA ALA C 379 8.52 -12.63 -5.49
C ALA C 379 9.54 -12.88 -6.60
N TYR C 380 9.09 -13.47 -7.70
CA TYR C 380 9.97 -13.72 -8.83
C TYR C 380 10.52 -12.44 -9.43
N ILE C 381 9.66 -11.46 -9.61
CA ILE C 381 10.07 -10.17 -10.16
C ILE C 381 11.12 -9.53 -9.27
N SER C 382 10.88 -9.54 -7.96
CA SER C 382 11.83 -9.02 -6.98
C SER C 382 13.20 -9.70 -7.07
N LYS C 383 13.24 -11.04 -7.05
CA LYS C 383 14.50 -11.79 -7.35
C LYS C 383 15.16 -11.31 -8.64
N THR C 384 14.33 -11.19 -9.68
CA THR C 384 14.78 -10.81 -11.01
C THR C 384 15.29 -9.37 -11.14
N LYS C 385 14.85 -8.47 -10.26
CA LYS C 385 15.12 -7.04 -10.41
C LYS C 385 16.63 -6.77 -10.42
N PHE C 386 17.05 -5.76 -11.19
CA PHE C 386 18.42 -5.23 -11.11
C PHE C 386 18.51 -3.87 -11.79
N PRO D 13 0.31 22.40 -47.36
CA PRO D 13 1.10 21.79 -48.47
C PRO D 13 2.03 20.66 -48.00
N SER D 14 2.82 20.96 -46.97
CA SER D 14 3.64 19.97 -46.20
C SER D 14 4.88 19.38 -46.93
N GLN D 15 5.96 20.18 -46.99
CA GLN D 15 7.21 19.85 -47.68
C GLN D 15 8.38 19.77 -46.68
N LEU D 16 9.56 19.34 -47.16
CA LEU D 16 10.77 19.30 -46.32
C LEU D 16 11.12 20.73 -45.99
N LEU D 17 12.02 20.96 -45.04
CA LEU D 17 12.40 22.34 -44.72
C LEU D 17 12.95 23.15 -45.96
N GLN D 18 12.42 22.85 -47.15
CA GLN D 18 12.65 23.59 -48.39
C GLN D 18 11.49 24.58 -48.64
N SER D 19 10.94 25.18 -47.59
CA SER D 19 9.99 26.27 -47.76
C SER D 19 10.78 27.39 -48.44
N PHE D 20 10.21 27.98 -49.49
CA PHE D 20 10.97 28.83 -50.44
C PHE D 20 10.51 30.27 -50.77
N THR D 21 11.54 31.04 -51.11
CA THR D 21 11.51 32.48 -51.45
C THR D 21 12.69 32.80 -52.43
N THR D 22 13.01 34.07 -52.65
CA THR D 22 14.01 34.46 -53.67
C THR D 22 14.67 35.84 -53.42
N ARG D 23 16.00 35.92 -53.56
CA ARG D 23 16.82 37.13 -53.31
C ARG D 23 17.13 37.33 -51.85
N THR D 24 16.07 37.29 -51.06
CA THR D 24 16.09 37.21 -49.62
C THR D 24 14.85 36.39 -49.27
N THR D 25 14.69 35.99 -48.03
CA THR D 25 13.48 35.25 -47.66
C THR D 25 12.52 36.22 -46.99
N ASP D 26 11.25 36.17 -47.43
CA ASP D 26 10.29 37.19 -47.06
C ASP D 26 9.91 37.14 -45.58
N TYR D 27 9.34 36.01 -45.16
CA TYR D 27 8.99 35.75 -43.75
C TYR D 27 7.54 36.07 -43.45
N ASN D 28 7.03 37.21 -43.91
CA ASN D 28 5.62 37.53 -43.66
C ASN D 28 4.73 36.63 -44.48
N GLN D 29 5.10 36.42 -45.74
CA GLN D 29 4.41 35.46 -46.60
C GLN D 29 4.66 34.01 -46.14
N LEU D 30 5.84 33.71 -45.64
CA LEU D 30 6.07 32.44 -44.97
C LEU D 30 5.17 32.35 -43.74
N ILE D 31 5.27 33.33 -42.83
CA ILE D 31 4.47 33.36 -41.60
C ILE D 31 2.95 33.20 -41.86
N ASN D 32 2.43 33.78 -42.93
CA ASN D 32 1.01 33.63 -43.21
C ASN D 32 0.66 32.28 -43.81
N SER D 33 1.42 31.84 -44.81
CA SER D 33 1.18 30.52 -45.47
C SER D 33 1.33 29.31 -44.53
N VAL D 34 2.15 29.48 -43.49
CA VAL D 34 2.30 28.50 -42.43
C VAL D 34 1.18 28.58 -41.42
N GLY D 35 0.58 29.75 -41.27
CA GLY D 35 -0.51 29.96 -40.32
C GLY D 35 -0.01 30.04 -38.87
N ILE D 36 0.78 31.05 -38.58
CA ILE D 36 1.22 31.35 -37.21
C ILE D 36 1.46 32.83 -37.14
N ASN D 37 1.25 33.44 -36.00
CA ASN D 37 1.38 34.91 -35.90
C ASN D 37 2.80 35.38 -35.63
N ALA D 38 3.13 36.55 -36.17
CA ALA D 38 4.37 37.23 -35.85
C ALA D 38 4.26 37.79 -34.44
N ILE D 39 5.38 37.85 -33.73
CA ILE D 39 5.38 38.30 -32.34
C ILE D 39 4.99 39.77 -32.28
N THR D 40 3.79 40.02 -31.77
CA THR D 40 3.29 41.38 -31.65
C THR D 40 4.19 42.13 -30.67
N PRO D 41 4.30 43.46 -30.81
CA PRO D 41 5.15 44.18 -29.87
C PRO D 41 4.61 44.10 -28.45
N GLN D 42 3.28 44.04 -28.32
CA GLN D 42 2.62 43.90 -27.03
C GLN D 42 3.10 42.70 -26.26
N GLN D 43 3.20 41.57 -26.95
CA GLN D 43 3.75 40.36 -26.36
C GLN D 43 5.13 40.65 -25.80
N ILE D 44 5.94 41.40 -26.56
CA ILE D 44 7.29 41.73 -26.13
C ILE D 44 7.29 42.58 -24.87
N GLN D 45 6.30 43.47 -24.76
CA GLN D 45 6.15 44.28 -23.56
C GLN D 45 5.77 43.38 -22.41
N ARG D 46 4.74 42.58 -22.62
CA ARG D 46 4.26 41.69 -21.58
C ARG D 46 5.42 40.87 -20.99
N ILE D 47 6.32 40.41 -21.85
CA ILE D 47 7.50 39.72 -21.39
C ILE D 47 8.36 40.63 -20.54
N GLU D 48 8.61 41.85 -21.02
CA GLU D 48 9.35 42.84 -20.23
C GLU D 48 8.68 43.08 -18.87
N LYS D 49 7.36 43.28 -18.87
CA LYS D 49 6.59 43.54 -17.64
C LYS D 49 6.87 42.44 -16.63
N LEU D 50 6.64 41.19 -17.04
CA LEU D 50 6.84 40.04 -16.17
C LEU D 50 8.32 39.75 -15.89
N SER D 51 9.21 40.06 -16.83
CA SER D 51 10.64 39.81 -16.63
C SER D 51 11.24 40.74 -15.57
N GLY D 52 10.63 41.91 -15.41
CA GLY D 52 11.19 42.94 -14.53
C GLY D 52 12.57 43.40 -14.99
N LYS D 53 12.80 43.37 -16.30
CA LYS D 53 14.12 43.70 -16.87
C LYS D 53 14.02 44.12 -18.34
N ALA D 54 15.03 44.84 -18.82
CA ALA D 54 15.13 45.23 -20.26
C ALA D 54 14.94 43.99 -21.17
N PRO D 55 14.23 44.16 -22.31
CA PRO D 55 14.04 42.97 -23.17
C PRO D 55 15.34 42.59 -23.90
N HIS D 56 15.42 41.31 -24.24
CA HIS D 56 16.55 40.79 -25.01
C HIS D 56 16.45 41.35 -26.41
N HIS D 57 17.59 41.51 -27.06
CA HIS D 57 17.62 42.06 -28.41
C HIS D 57 17.21 41.03 -29.44
N TYR D 58 17.23 39.76 -29.06
CA TYR D 58 16.69 38.72 -29.94
C TYR D 58 15.20 38.95 -30.16
N LEU D 59 14.53 39.58 -29.19
CA LEU D 59 13.12 39.92 -29.31
C LEU D 59 12.95 41.26 -29.99
N SER D 60 13.71 42.26 -29.57
CA SER D 60 13.53 43.64 -30.05
C SER D 60 13.92 43.81 -31.53
N ARG D 61 15.02 43.16 -31.94
CA ARG D 61 15.44 43.15 -33.34
C ARG D 61 14.85 42.00 -34.13
N GLY D 62 13.98 41.22 -33.50
CA GLY D 62 13.27 40.16 -34.22
C GLY D 62 14.12 39.01 -34.72
N VAL D 63 15.10 38.61 -33.91
CA VAL D 63 15.80 37.37 -34.15
C VAL D 63 14.77 36.26 -33.99
N PHE D 64 13.95 36.37 -32.95
CA PHE D 64 12.78 35.51 -32.79
C PHE D 64 11.58 36.29 -33.27
N LEU D 65 10.95 35.82 -34.34
CA LEU D 65 9.91 36.61 -35.00
C LEU D 65 8.51 36.04 -34.87
N ALA D 66 8.34 34.73 -34.91
CA ALA D 66 7.02 34.14 -34.91
C ALA D 66 6.74 33.37 -33.64
N GLU D 67 5.47 33.03 -33.47
CA GLU D 67 4.90 32.58 -32.20
C GLU D 67 3.76 31.63 -32.48
N LYS D 68 3.58 30.65 -31.61
CA LYS D 68 2.44 29.75 -31.73
C LYS D 68 1.43 30.04 -30.65
N SER D 69 1.78 29.78 -29.40
CA SER D 69 0.83 29.95 -28.30
C SER D 69 1.47 30.73 -27.14
N LEU D 70 2.09 31.86 -27.48
CA LEU D 70 2.85 32.62 -26.49
C LEU D 70 1.91 33.22 -25.46
N ASP D 71 0.80 33.77 -25.95
CA ASP D 71 -0.18 34.37 -25.07
C ASP D 71 -0.63 33.40 -23.98
N LYS D 72 -0.91 32.16 -24.36
CA LYS D 72 -1.26 31.12 -23.38
C LYS D 72 -0.14 30.85 -22.38
N PHE D 73 1.09 30.73 -22.90
CA PHE D 73 2.23 30.40 -22.06
C PHE D 73 2.46 31.51 -21.04
N LEU D 74 2.26 32.75 -21.45
CA LEU D 74 2.42 33.88 -20.56
C LEU D 74 1.31 33.86 -19.55
N ASP D 75 0.08 33.58 -19.99
CA ASP D 75 -1.01 33.45 -19.04
C ASP D 75 -0.57 32.50 -17.93
N ASP D 76 0.09 31.40 -18.31
CA ASP D 76 0.48 30.40 -17.32
C ASP D 76 1.60 30.88 -16.43
N VAL D 77 2.65 31.48 -17.00
CA VAL D 77 3.76 31.94 -16.18
C VAL D 77 3.23 32.87 -15.12
N GLU D 78 2.36 33.77 -15.55
CA GLU D 78 1.75 34.81 -14.71
C GLU D 78 0.92 34.18 -13.60
N ALA D 79 0.22 33.10 -13.94
CA ALA D 79 -0.62 32.40 -12.97
C ALA D 79 0.18 31.49 -12.02
N LYS D 80 1.50 31.60 -12.05
CA LYS D 80 2.37 30.70 -11.29
C LYS D 80 2.08 29.22 -11.57
N LYS D 81 1.64 28.89 -12.77
CA LYS D 81 1.36 27.50 -13.16
C LYS D 81 2.60 26.78 -13.68
N PRO D 82 2.66 25.46 -13.48
CA PRO D 82 3.81 24.69 -13.94
C PRO D 82 4.03 24.83 -15.45
N THR D 83 5.26 25.18 -15.83
CA THR D 83 5.67 25.37 -17.22
C THR D 83 7.12 25.02 -17.37
N PHE D 84 7.55 24.78 -18.61
CA PHE D 84 8.98 24.53 -18.93
C PHE D 84 9.45 24.91 -20.36
N ILE D 85 10.70 25.34 -20.45
CA ILE D 85 11.33 25.73 -21.70
C ILE D 85 12.09 24.54 -22.27
N PHE D 86 11.91 24.28 -23.55
CA PHE D 86 12.50 23.10 -24.14
C PHE D 86 13.29 23.42 -25.39
N ILE D 87 14.43 22.74 -25.52
CA ILE D 87 15.18 22.72 -26.79
C ILE D 87 15.68 21.32 -27.06
N GLN D 88 15.79 20.95 -28.34
CA GLN D 88 16.44 19.69 -28.69
C GLN D 88 17.61 19.97 -29.62
N LYS D 89 18.73 19.28 -29.39
CA LYS D 89 19.94 19.54 -30.12
C LYS D 89 20.45 18.26 -30.75
N TYR D 90 20.85 18.36 -32.02
CA TYR D 90 21.40 17.25 -32.77
C TYR D 90 22.92 17.31 -32.67
N PRO D 91 23.53 16.36 -31.96
CA PRO D 91 24.97 16.50 -31.69
C PRO D 91 25.76 16.40 -32.99
N GLN D 92 26.77 17.25 -33.13
CA GLN D 92 27.62 17.19 -34.31
C GLN D 92 29.08 17.51 -34.01
N LYS D 93 29.94 17.20 -34.98
CA LYS D 93 31.37 17.28 -34.74
C LYS D 93 31.76 18.72 -34.80
N GLU D 94 31.29 19.42 -35.83
CA GLU D 94 31.45 20.88 -35.95
C GLU D 94 30.23 21.60 -35.35
N VAL D 95 30.43 22.40 -34.31
CA VAL D 95 29.32 23.12 -33.69
C VAL D 95 29.15 24.52 -34.29
N ALA D 96 28.16 24.69 -35.16
CA ALA D 96 27.98 25.96 -35.89
C ALA D 96 27.47 27.11 -35.00
N LEU D 97 27.59 28.33 -35.51
CA LEU D 97 27.19 29.55 -34.78
C LEU D 97 25.69 29.53 -34.45
N GLU D 98 24.86 28.99 -35.35
CA GLU D 98 23.41 28.94 -35.10
C GLU D 98 23.10 28.44 -33.71
N GLU D 99 23.82 27.40 -33.30
CA GLU D 99 23.45 26.64 -32.11
C GLU D 99 23.32 27.54 -30.92
N TYR D 100 24.08 28.64 -30.94
CA TYR D 100 24.05 29.68 -29.91
C TYR D 100 22.67 30.27 -29.67
N ILE D 101 21.90 30.50 -30.71
CA ILE D 101 20.66 31.25 -30.53
C ILE D 101 19.73 30.62 -29.46
N THR D 102 19.23 29.42 -29.72
CA THR D 102 18.22 28.84 -28.83
C THR D 102 18.76 28.68 -27.40
N LEU D 103 20.04 28.36 -27.27
CA LEU D 103 20.65 28.19 -25.96
C LEU D 103 20.66 29.51 -25.20
N GLU D 104 21.26 30.53 -25.78
CA GLU D 104 21.29 31.86 -25.15
C GLU D 104 19.88 32.35 -24.80
N PHE D 105 18.93 32.14 -25.71
CA PHE D 105 17.59 32.67 -25.51
C PHE D 105 16.83 31.92 -24.43
N ALA D 106 17.12 30.62 -24.33
CA ALA D 106 16.60 29.79 -23.23
C ALA D 106 17.13 30.31 -21.88
N ARG D 107 18.44 30.54 -21.81
CA ARG D 107 19.05 31.11 -20.62
C ARG D 107 18.34 32.40 -20.21
N TYR D 108 18.15 33.28 -21.19
CA TYR D 108 17.49 34.55 -20.94
C TYR D 108 16.10 34.34 -20.37
N LEU D 109 15.35 33.47 -21.02
CA LEU D 109 13.97 33.22 -20.61
C LEU D 109 13.95 32.62 -19.22
N GLN D 110 14.85 31.69 -18.95
CA GLN D 110 14.90 31.06 -17.64
C GLN D 110 15.10 32.11 -16.58
N ASP D 111 16.11 32.94 -16.77
CA ASP D 111 16.42 34.00 -15.82
C ASP D 111 15.21 34.91 -15.64
N ALA D 112 14.58 35.24 -16.76
CA ALA D 112 13.44 36.15 -16.81
C ALA D 112 12.23 35.69 -16.00
N PHE D 113 11.96 34.39 -16.07
CA PHE D 113 10.79 33.79 -15.43
C PHE D 113 11.06 32.82 -14.26
N ASN D 114 12.30 32.37 -14.09
CA ASN D 114 12.65 31.43 -13.05
C ASN D 114 11.82 30.17 -13.25
N ILE D 115 12.24 29.36 -14.21
CA ILE D 115 11.38 28.36 -14.79
C ILE D 115 12.25 27.15 -15.27
N GLN D 116 11.70 25.95 -15.31
CA GLN D 116 12.52 24.79 -15.66
C GLN D 116 12.92 24.84 -17.12
N VAL D 117 14.17 24.46 -17.40
CA VAL D 117 14.64 24.24 -18.75
C VAL D 117 14.99 22.78 -18.90
N ILE D 118 14.56 22.18 -20.04
CA ILE D 118 14.93 20.80 -20.42
C ILE D 118 15.52 20.82 -21.83
N ILE D 119 16.68 20.19 -21.98
CA ILE D 119 17.37 20.13 -23.25
C ILE D 119 17.70 18.69 -23.60
N GLN D 120 17.16 18.25 -24.75
CA GLN D 120 17.32 16.89 -25.28
C GLN D 120 18.52 16.84 -26.25
N ILE D 121 19.47 15.95 -26.02
CA ILE D 121 20.53 15.70 -26.98
C ILE D 121 20.22 14.42 -27.75
N LEU D 122 20.17 14.53 -29.07
CA LEU D 122 19.74 13.44 -29.95
C LEU D 122 20.85 12.48 -30.40
N ASP D 123 21.53 11.87 -29.45
CA ASP D 123 22.59 10.92 -29.77
C ASP D 123 22.13 9.72 -30.58
N ASP D 124 21.02 9.11 -30.18
CA ASP D 124 20.48 7.99 -30.96
C ASP D 124 20.17 8.40 -32.41
N ILE D 125 19.54 9.54 -32.60
CA ILE D 125 19.14 9.92 -33.94
C ILE D 125 20.34 10.12 -34.84
N LYS D 126 21.44 10.60 -34.26
CA LYS D 126 22.69 10.69 -35.02
C LYS D 126 23.16 9.30 -35.49
N VAL D 127 23.24 8.37 -34.55
CA VAL D 127 23.60 6.99 -34.85
C VAL D 127 22.70 6.42 -35.93
N LEU D 128 21.41 6.74 -35.87
CA LEU D 128 20.44 6.21 -36.84
C LEU D 128 20.56 6.83 -38.26
N ASN D 129 21.08 8.05 -38.36
CA ASN D 129 21.29 8.67 -39.65
C ASN D 129 22.66 8.34 -40.23
N ARG D 130 23.20 7.19 -39.82
CA ARG D 130 24.50 6.69 -40.30
C ARG D 130 25.65 7.69 -40.20
N GLU D 131 25.56 8.63 -39.27
CA GLU D 131 26.56 9.69 -39.10
C GLU D 131 27.53 9.53 -37.92
N ALA D 132 27.34 8.51 -37.07
CA ALA D 132 28.22 8.28 -35.92
C ALA D 132 27.97 6.94 -35.28
N THR D 133 29.02 6.33 -34.73
CA THR D 133 28.81 5.17 -33.88
C THR D 133 28.30 5.65 -32.53
N ILE D 134 27.81 4.72 -31.73
CA ILE D 134 27.28 5.04 -30.41
C ILE D 134 28.33 5.74 -29.57
N ASN D 135 29.58 5.33 -29.70
CA ASN D 135 30.68 5.92 -28.96
C ASN D 135 30.99 7.29 -29.50
N GLU D 136 31.16 7.37 -30.82
CA GLU D 136 31.34 8.67 -31.48
C GLU D 136 30.22 9.63 -31.04
N ALA D 137 28.98 9.16 -31.11
CA ALA D 137 27.85 10.01 -30.78
C ALA D 137 27.97 10.49 -29.34
N SER D 138 28.44 9.61 -28.46
CA SER D 138 28.57 9.92 -27.03
C SER D 138 29.62 11.00 -26.74
N LYS D 139 30.76 10.90 -27.40
CA LYS D 139 31.80 11.91 -27.25
C LYS D 139 31.36 13.27 -27.76
N MET D 140 30.52 13.30 -28.79
CA MET D 140 30.01 14.57 -29.31
C MET D 140 29.03 15.14 -28.31
N SER D 141 28.15 14.27 -27.81
CA SER D 141 27.13 14.68 -26.87
C SER D 141 27.74 15.22 -25.60
N ASN D 142 28.80 14.58 -25.12
CA ASN D 142 29.52 15.14 -23.98
C ASN D 142 30.05 16.54 -24.28
N ASP D 143 30.79 16.67 -25.38
CA ASP D 143 31.31 17.97 -25.76
C ASP D 143 30.16 18.96 -25.83
N LEU D 144 29.05 18.57 -26.45
CA LEU D 144 27.91 19.47 -26.52
C LEU D 144 27.46 19.96 -25.14
N MET D 145 27.29 19.02 -24.22
CA MET D 145 26.91 19.41 -22.86
C MET D 145 27.82 20.50 -22.30
N LYS D 146 29.13 20.42 -22.61
CA LYS D 146 30.05 21.43 -22.16
C LYS D 146 29.69 22.79 -22.81
N TYR D 147 29.37 22.78 -24.10
CA TYR D 147 28.96 24.01 -24.79
C TYR D 147 27.68 24.58 -24.16
N ILE D 148 26.77 23.70 -23.80
CA ILE D 148 25.50 24.14 -23.26
C ILE D 148 25.69 24.75 -21.89
N LEU D 149 26.41 24.03 -21.02
CA LEU D 149 26.61 24.51 -19.65
C LEU D 149 27.38 25.84 -19.59
N ALA D 150 28.19 26.11 -20.61
CA ALA D 150 28.96 27.35 -20.67
C ALA D 150 28.07 28.60 -20.56
N PHE D 151 26.84 28.50 -21.07
CA PHE D 151 25.89 29.64 -21.05
C PHE D 151 25.50 30.07 -19.66
N GLY D 152 25.81 29.24 -18.67
CA GLY D 152 25.57 29.56 -17.25
C GLY D 152 24.11 29.56 -16.90
N PHE D 153 23.49 28.39 -16.96
CA PHE D 153 22.08 28.26 -16.59
C PHE D 153 21.91 28.19 -15.05
N ASN D 154 20.67 28.21 -14.61
CA ASN D 154 20.34 27.82 -13.25
C ASN D 154 20.35 26.31 -13.24
N GLU D 155 21.47 25.74 -12.82
CA GLU D 155 21.68 24.30 -12.97
C GLU D 155 20.73 23.50 -12.09
N ASP D 156 20.18 24.14 -11.06
CA ASP D 156 19.16 23.51 -10.23
C ASP D 156 17.80 23.44 -10.93
N LYS D 157 17.60 24.20 -12.01
CA LYS D 157 16.40 24.06 -12.83
C LYS D 157 16.76 23.84 -14.30
N THR D 158 17.88 23.18 -14.59
CA THR D 158 18.23 22.86 -15.97
C THR D 158 18.59 21.39 -16.14
N PHE D 159 17.73 20.69 -16.86
CA PHE D 159 17.89 19.27 -17.09
C PHE D 159 18.31 19.02 -18.54
N ILE D 160 19.55 18.58 -18.68
CA ILE D 160 20.13 18.23 -19.95
C ILE D 160 20.32 16.72 -19.98
N TYR D 161 19.79 16.06 -21.00
CA TYR D 161 19.89 14.60 -21.08
C TYR D 161 20.19 14.16 -22.51
N THR D 162 20.76 12.97 -22.65
CA THR D 162 20.94 12.37 -23.96
C THR D 162 19.92 11.26 -24.10
N ASP D 163 19.43 11.02 -25.33
CA ASP D 163 18.36 10.04 -25.54
C ASP D 163 18.77 8.68 -24.97
N TYR D 164 19.91 8.16 -25.41
CA TYR D 164 20.34 6.86 -24.98
C TYR D 164 20.31 6.74 -23.47
N GLN D 165 20.66 7.79 -22.76
CA GLN D 165 20.70 7.75 -21.28
C GLN D 165 19.31 7.82 -20.62
N TYR D 166 18.36 8.55 -21.23
CA TYR D 166 17.07 8.85 -20.62
C TYR D 166 15.89 8.07 -21.19
N PHE D 167 16.10 7.29 -22.25
CA PHE D 167 15.01 6.73 -23.08
C PHE D 167 13.98 5.94 -22.27
N GLY D 168 14.45 5.08 -21.39
CA GLY D 168 13.54 4.27 -20.58
C GLY D 168 12.52 5.08 -19.81
N LYS D 169 12.96 6.18 -19.25
CA LYS D 169 12.09 7.02 -18.47
C LYS D 169 10.98 7.60 -19.33
N MET D 170 11.15 7.54 -20.63
CA MET D 170 10.34 8.30 -21.58
C MET D 170 9.58 7.41 -22.56
N TYR D 171 9.98 6.14 -22.65
CA TYR D 171 9.54 5.26 -23.73
C TYR D 171 8.03 5.11 -23.79
N ARG D 172 7.37 4.82 -22.67
CA ARG D 172 5.91 4.66 -22.69
C ARG D 172 5.31 5.75 -23.54
N THR D 173 5.66 6.97 -23.19
CA THR D 173 4.95 8.11 -23.74
C THR D 173 5.46 8.40 -25.16
N ILE D 174 6.64 7.91 -25.49
CA ILE D 174 7.09 7.83 -26.89
C ILE D 174 6.19 6.89 -27.70
N SER D 175 6.00 5.68 -27.20
CA SER D 175 5.21 4.67 -27.90
C SER D 175 3.81 5.16 -28.18
N LEU D 176 3.23 5.96 -27.27
CA LEU D 176 1.92 6.56 -27.52
C LEU D 176 1.97 7.53 -28.71
N VAL D 177 3.03 8.33 -28.77
CA VAL D 177 3.25 9.23 -29.88
C VAL D 177 3.49 8.46 -31.20
N GLU D 178 4.22 7.36 -31.12
CA GLU D 178 4.43 6.51 -32.25
C GLU D 178 3.07 6.03 -32.74
N LYS D 179 2.27 5.52 -31.82
CA LYS D 179 0.92 5.07 -32.15
C LYS D 179 0.14 6.17 -32.89
N ALA D 180 0.35 7.42 -32.46
CA ALA D 180 -0.44 8.58 -32.91
C ALA D 180 -0.02 9.19 -34.23
N THR D 181 1.16 8.81 -34.75
CA THR D 181 1.66 9.40 -36.00
C THR D 181 1.73 8.34 -37.08
N ALA D 182 1.00 8.59 -38.15
CA ALA D 182 1.01 7.74 -39.34
C ALA D 182 2.24 8.03 -40.19
N TYR D 183 2.78 7.01 -40.85
CA TYR D 183 3.97 7.21 -41.69
C TYR D 183 3.72 8.28 -42.77
N ASN D 184 2.57 8.24 -43.42
CA ASN D 184 2.27 9.18 -44.51
C ASN D 184 2.17 10.65 -44.09
N VAL D 185 1.81 10.88 -42.84
CA VAL D 185 1.77 12.23 -42.30
C VAL D 185 3.19 12.82 -42.21
N VAL D 186 4.20 11.95 -42.11
CA VAL D 186 5.58 12.37 -41.84
C VAL D 186 6.57 12.16 -43.04
N GLN D 187 6.33 11.15 -43.87
CA GLN D 187 7.20 10.85 -45.03
C GLN D 187 7.27 11.93 -46.11
N PRO D 188 6.73 13.14 -45.84
CA PRO D 188 7.04 14.39 -46.57
C PRO D 188 8.00 15.34 -45.89
N PHE D 189 7.83 15.57 -44.59
CA PHE D 189 8.70 16.54 -43.89
C PHE D 189 10.17 16.11 -43.88
N PHE D 190 10.37 14.79 -43.83
CA PHE D 190 11.66 14.16 -44.12
C PHE D 190 11.43 13.41 -45.46
N ASN D 191 12.44 13.23 -46.27
CA ASN D 191 12.25 12.39 -47.41
C ASN D 191 12.54 10.93 -47.07
N PHE D 192 11.59 10.26 -46.41
CA PHE D 192 11.83 8.88 -46.07
C PHE D 192 11.74 8.04 -47.31
N GLU D 193 12.76 7.24 -47.56
CA GLU D 193 12.95 6.63 -48.86
C GLU D 193 12.73 5.12 -48.89
N TYR D 194 12.29 4.52 -47.78
CA TYR D 194 11.88 3.11 -47.78
C TYR D 194 13.00 2.11 -48.12
N SER D 195 14.14 2.63 -48.54
CA SER D 195 15.41 1.95 -48.38
C SER D 195 16.01 2.47 -47.10
N ASP D 196 15.44 3.56 -46.59
CA ASP D 196 15.81 4.09 -45.28
C ASP D 196 15.60 3.01 -44.23
N ASN D 197 16.44 3.01 -43.21
CA ASN D 197 16.29 2.05 -42.10
C ASN D 197 15.07 2.34 -41.23
N ILE D 198 14.51 1.27 -40.70
CA ILE D 198 13.40 1.32 -39.77
C ILE D 198 13.47 2.45 -38.69
N GLY D 199 14.60 2.53 -37.98
CA GLY D 199 14.78 3.46 -36.88
C GLY D 199 14.73 4.91 -37.31
N LYS D 200 15.29 5.21 -38.46
CA LYS D 200 15.18 6.55 -39.04
C LYS D 200 13.71 6.94 -39.27
N LEU D 201 12.87 5.98 -39.66
CA LEU D 201 11.45 6.27 -39.90
C LEU D 201 10.76 6.59 -38.58
N ALA D 202 11.15 5.91 -37.51
CA ALA D 202 10.48 6.05 -36.23
C ALA D 202 10.96 7.25 -35.43
N SER D 203 12.09 7.82 -35.81
CA SER D 203 12.70 8.96 -35.11
C SER D 203 11.79 10.09 -34.73
N PRO D 204 10.95 10.55 -35.66
CA PRO D 204 10.12 11.71 -35.32
C PRO D 204 9.40 11.62 -33.96
N SER D 205 9.01 10.41 -33.54
CA SER D 205 8.53 10.17 -32.16
C SER D 205 9.47 10.70 -31.11
N ILE D 206 10.71 10.24 -31.16
CA ILE D 206 11.71 10.62 -30.19
C ILE D 206 11.80 12.14 -30.18
N MET D 207 11.64 12.76 -31.33
CA MET D 207 11.79 14.20 -31.40
C MET D 207 10.56 14.95 -30.91
N THR D 208 9.38 14.32 -31.01
CA THR D 208 8.15 14.99 -30.59
C THR D 208 7.80 14.70 -29.14
N ALA D 209 8.01 13.46 -28.69
CA ALA D 209 7.57 13.03 -27.35
C ALA D 209 8.17 13.86 -26.26
N SER D 210 9.37 14.35 -26.51
CA SER D 210 10.10 15.19 -25.55
C SER D 210 9.51 16.56 -25.31
N MET D 211 8.43 16.89 -26.02
CA MET D 211 7.80 18.21 -25.90
C MET D 211 6.53 18.14 -25.07
N PHE D 212 6.42 17.11 -24.26
CA PHE D 212 5.24 16.94 -23.42
C PHE D 212 5.64 16.62 -21.99
N SER D 213 4.97 17.25 -21.04
CA SER D 213 5.34 17.06 -19.63
C SER D 213 5.28 15.59 -19.24
N GLN D 214 4.35 14.86 -19.82
CA GLN D 214 4.17 13.45 -19.55
C GLN D 214 5.46 12.63 -19.70
N SER D 215 6.41 13.11 -20.49
CA SER D 215 7.70 12.43 -20.64
C SER D 215 8.61 12.67 -19.46
N TYR D 216 8.27 13.62 -18.60
CA TYR D 216 9.18 14.03 -17.54
C TYR D 216 8.51 13.92 -16.19
N SER D 217 8.12 12.69 -15.84
CA SER D 217 7.37 12.47 -14.61
C SER D 217 8.17 12.73 -13.36
N HIS D 218 9.47 12.85 -13.46
CA HIS D 218 10.28 13.21 -12.30
C HIS D 218 10.15 14.68 -11.97
N PHE D 219 9.71 15.48 -12.94
CA PHE D 219 9.67 16.93 -12.77
C PHE D 219 8.28 17.53 -12.63
N PHE D 220 7.24 16.81 -13.04
CA PHE D 220 5.88 17.37 -13.06
C PHE D 220 4.89 16.41 -12.48
N SER D 221 3.81 16.91 -11.93
CA SER D 221 2.76 16.06 -11.42
C SER D 221 1.42 16.35 -12.08
N SER D 222 1.24 17.54 -12.64
CA SER D 222 0.11 17.89 -13.52
C SER D 222 0.68 17.98 -14.91
N PRO D 223 -0.17 18.06 -15.92
CA PRO D 223 0.33 18.54 -17.18
C PRO D 223 0.93 19.91 -17.03
N ALA D 224 2.00 20.18 -17.78
CA ALA D 224 2.72 21.43 -17.75
C ALA D 224 2.99 21.87 -19.19
N ARG D 225 2.63 23.12 -19.49
CA ARG D 225 2.89 23.74 -20.77
C ARG D 225 4.35 23.73 -21.15
N CYS D 226 4.59 23.57 -22.44
CA CYS D 226 5.95 23.55 -22.95
C CYS D 226 6.18 24.71 -23.93
N LEU D 227 7.25 25.45 -23.72
CA LEU D 227 7.63 26.49 -24.66
C LEU D 227 8.85 26.02 -25.39
N VAL D 228 8.67 25.60 -26.66
CA VAL D 228 9.78 25.08 -27.48
C VAL D 228 10.42 26.21 -28.28
N LEU D 229 11.74 26.16 -28.45
CA LEU D 229 12.49 27.13 -29.24
C LEU D 229 13.05 26.39 -30.44
N ASP D 230 13.00 27.02 -31.61
CA ASP D 230 13.32 26.33 -32.84
C ASP D 230 13.38 27.29 -34.01
N SER D 231 14.10 26.90 -35.05
CA SER D 231 14.15 27.67 -36.28
C SER D 231 12.81 27.59 -36.98
N ILE D 232 12.41 28.70 -37.58
CA ILE D 232 11.21 28.75 -38.42
C ILE D 232 11.29 27.69 -39.54
N LYS D 233 12.50 27.36 -39.96
CA LYS D 233 12.81 26.18 -40.80
C LYS D 233 11.86 24.98 -40.64
N ASN D 234 11.36 24.77 -39.43
CA ASN D 234 10.63 23.55 -39.07
C ASN D 234 9.15 23.76 -38.73
N VAL D 235 8.57 24.89 -39.12
CA VAL D 235 7.25 25.23 -38.59
C VAL D 235 6.28 24.12 -38.81
N GLN D 236 6.38 23.47 -39.97
CA GLN D 236 5.43 22.42 -40.38
C GLN D 236 5.44 21.17 -39.47
N PHE D 237 6.63 20.75 -39.09
CA PHE D 237 6.78 19.65 -38.15
C PHE D 237 6.04 19.96 -36.86
N HIS D 238 6.15 21.20 -36.36
CA HIS D 238 5.45 21.59 -35.14
C HIS D 238 3.92 21.52 -35.30
N SER D 239 3.40 21.78 -36.50
CA SER D 239 1.97 21.68 -36.75
C SER D 239 1.48 20.23 -36.73
N ILE D 240 2.40 19.31 -37.06
CA ILE D 240 2.12 17.89 -36.96
C ILE D 240 1.99 17.57 -35.48
N ILE D 241 2.97 18.03 -34.71
CA ILE D 241 3.00 17.82 -33.27
C ILE D 241 1.73 18.33 -32.61
N ASP D 242 1.17 19.46 -33.08
CA ASP D 242 -0.11 19.94 -32.56
C ASP D 242 -1.19 18.87 -32.74
N GLN D 243 -1.24 18.23 -33.90
CA GLN D 243 -2.28 17.21 -34.16
C GLN D 243 -2.09 15.95 -33.32
N ILE D 244 -0.86 15.61 -33.03
CA ILE D 244 -0.61 14.49 -32.12
C ILE D 244 -1.06 14.84 -30.71
N ALA D 245 -0.69 16.04 -30.25
CA ALA D 245 -1.10 16.53 -28.94
C ALA D 245 -2.61 16.39 -28.77
N THR D 246 -3.39 16.76 -29.78
CA THR D 246 -4.83 16.64 -29.67
C THR D 246 -5.23 15.17 -29.65
N THR D 247 -4.72 14.38 -30.59
CA THR D 247 -5.13 12.96 -30.64
C THR D 247 -4.61 12.15 -29.47
N LEU D 248 -3.80 12.75 -28.59
CA LEU D 248 -3.38 12.11 -27.33
C LEU D 248 -3.91 12.79 -26.05
N ASN D 249 -4.61 13.92 -26.21
CA ASN D 249 -4.98 14.79 -25.09
C ASN D 249 -3.80 15.39 -24.35
N PHE D 250 -2.66 15.57 -25.03
CA PHE D 250 -1.56 16.31 -24.46
C PHE D 250 -1.73 17.78 -24.77
N ILE D 251 -0.88 18.63 -24.21
CA ILE D 251 -0.97 20.07 -24.45
C ILE D 251 -0.18 20.47 -25.70
N GLN D 252 -0.84 21.18 -26.59
CA GLN D 252 -0.15 21.70 -27.73
C GLN D 252 0.97 22.64 -27.27
N PRO D 253 2.20 22.35 -27.70
CA PRO D 253 3.30 23.20 -27.31
C PRO D 253 3.21 24.60 -27.88
N THR D 254 3.46 25.60 -27.04
CA THR D 254 3.69 26.94 -27.55
C THR D 254 5.13 26.88 -28.05
N VAL D 255 5.37 27.54 -29.17
CA VAL D 255 6.64 27.46 -29.89
C VAL D 255 7.06 28.86 -30.32
N LEU D 256 8.33 29.21 -30.16
CA LEU D 256 8.85 30.49 -30.67
C LEU D 256 9.89 30.21 -31.75
N PHE D 257 9.74 30.86 -32.90
CA PHE D 257 10.55 30.53 -34.06
C PHE D 257 11.57 31.63 -34.37
N HIS D 258 12.80 31.24 -34.70
CA HIS D 258 13.81 32.25 -35.05
C HIS D 258 14.12 32.33 -36.55
N LYS D 259 14.60 33.48 -36.99
CA LYS D 259 15.03 33.72 -38.37
C LYS D 259 16.21 32.82 -38.70
N MET D 260 16.41 32.51 -39.99
CA MET D 260 17.59 31.76 -40.40
C MET D 260 18.84 32.57 -40.04
N VAL D 261 19.86 31.89 -39.51
CA VAL D 261 21.19 32.50 -39.36
C VAL D 261 21.96 32.20 -40.65
N PRO D 262 22.31 33.23 -41.42
CA PRO D 262 22.75 33.00 -42.77
C PRO D 262 24.15 32.39 -42.81
N LEU D 263 24.40 31.56 -43.81
CA LEU D 263 25.74 31.06 -44.10
C LEU D 263 26.57 32.20 -44.69
N LEU D 264 27.90 32.02 -44.73
CA LEU D 264 28.81 33.06 -45.22
C LEU D 264 28.68 33.31 -46.73
N SER D 265 27.86 32.49 -47.40
CA SER D 265 27.64 32.58 -48.83
C SER D 265 26.49 33.49 -49.27
N GLY D 266 25.86 34.16 -48.30
CA GLY D 266 24.50 34.72 -48.45
C GLY D 266 23.69 33.58 -47.85
N VAL D 267 22.63 33.77 -47.06
CA VAL D 267 21.54 34.79 -47.07
C VAL D 267 20.38 34.08 -47.80
N THR D 268 20.65 33.69 -49.05
CA THR D 268 19.74 32.83 -49.80
C THR D 268 20.23 31.39 -49.90
N LYS D 269 21.37 31.06 -49.31
CA LYS D 269 21.93 29.70 -49.40
C LYS D 269 21.74 28.95 -48.08
N PHE D 270 21.11 27.77 -48.21
CA PHE D 270 20.55 27.02 -47.07
C PHE D 270 21.18 25.65 -46.84
N ASP D 271 22.38 25.40 -47.36
CA ASP D 271 23.04 24.13 -47.10
C ASP D 271 23.28 23.94 -45.59
N ILE D 272 24.06 22.93 -45.25
CA ILE D 272 24.20 22.52 -43.85
C ILE D 272 25.47 23.12 -43.23
N PRO D 273 25.33 23.88 -42.11
CA PRO D 273 26.46 24.66 -41.59
C PRO D 273 27.67 23.80 -41.29
N SER D 274 28.83 24.20 -41.80
CA SER D 274 30.07 23.48 -41.59
C SER D 274 31.21 24.49 -41.40
N ASP D 275 32.43 24.02 -41.22
CA ASP D 275 33.57 24.94 -41.14
C ASP D 275 33.59 25.79 -42.42
N HIS D 276 33.36 25.16 -43.57
CA HIS D 276 33.32 25.82 -44.87
C HIS D 276 32.28 26.94 -44.99
N ASN D 277 31.11 26.75 -44.36
CA ASN D 277 29.96 27.66 -44.51
C ASN D 277 29.87 28.73 -43.47
N SER D 278 30.12 28.37 -42.21
CA SER D 278 29.87 29.29 -41.11
C SER D 278 30.99 29.32 -40.11
N ILE D 279 30.88 30.27 -39.19
CA ILE D 279 31.76 30.35 -38.05
C ILE D 279 31.33 29.25 -37.11
N LEU D 280 32.29 28.58 -36.47
CA LEU D 280 32.05 27.57 -35.43
C LEU D 280 32.27 28.18 -34.03
N LEU D 281 31.50 27.75 -33.04
CA LEU D 281 31.70 28.24 -31.66
C LEU D 281 33.09 27.84 -31.10
N SER D 282 33.78 26.95 -31.81
CA SER D 282 35.11 26.50 -31.43
C SER D 282 36.22 27.28 -32.14
N ASP D 283 35.89 28.39 -32.79
CA ASP D 283 36.87 29.07 -33.63
C ASP D 283 37.78 30.03 -32.85
N ASN D 284 39.00 30.17 -33.36
CA ASN D 284 39.96 31.20 -32.96
C ASN D 284 39.44 32.59 -33.14
N ALA D 285 40.11 33.53 -32.51
CA ALA D 285 39.91 34.91 -32.83
C ALA D 285 40.26 35.06 -34.30
N LYS D 286 41.43 34.59 -34.69
CA LYS D 286 41.92 34.74 -36.07
C LYS D 286 41.08 34.02 -37.14
N GLN D 287 40.56 32.85 -36.79
CA GLN D 287 39.73 32.07 -37.71
C GLN D 287 38.40 32.77 -38.01
N VAL D 288 37.79 33.34 -36.99
CA VAL D 288 36.57 34.13 -37.17
C VAL D 288 36.85 35.32 -38.06
N GLU D 289 37.90 36.08 -37.74
CA GLU D 289 38.33 37.25 -38.49
C GLU D 289 38.50 36.87 -39.96
N ARG D 290 39.18 35.77 -40.21
CA ARG D 290 39.39 35.31 -41.56
C ARG D 290 38.07 35.09 -42.26
N LYS D 291 37.17 34.38 -41.61
CA LYS D 291 35.90 34.03 -42.21
C LYS D 291 35.08 35.27 -42.56
N ILE D 292 34.95 36.21 -41.63
CA ILE D 292 34.27 37.47 -41.91
C ILE D 292 34.93 38.27 -43.03
N ASN D 293 36.26 38.34 -43.00
CA ASN D 293 36.99 39.18 -43.95
C ASN D 293 37.06 38.58 -45.35
N LYS D 294 37.35 37.30 -45.46
CA LYS D 294 37.55 36.71 -46.78
C LYS D 294 36.33 35.96 -47.30
N LEU D 295 35.65 35.19 -46.45
CA LEU D 295 34.53 34.33 -46.92
C LEU D 295 33.14 34.98 -46.88
N ALA D 296 32.95 35.94 -45.99
CA ALA D 296 31.62 36.51 -45.75
C ALA D 296 31.16 37.37 -46.92
N PHE D 297 30.10 36.91 -47.58
CA PHE D 297 29.49 37.63 -48.69
C PHE D 297 29.25 39.10 -48.34
N SER D 298 29.56 39.98 -49.29
CA SER D 298 29.37 41.43 -49.10
C SER D 298 28.22 41.93 -49.96
N GLY D 299 27.49 42.93 -49.45
CA GLY D 299 26.35 43.53 -50.14
C GLY D 299 26.65 44.91 -50.71
N GLY D 300 27.93 45.28 -50.69
CA GLY D 300 28.38 46.57 -51.23
C GLY D 300 28.45 46.53 -52.75
N ARG D 301 28.84 47.64 -53.35
CA ARG D 301 28.86 47.77 -54.81
C ARG D 301 30.24 47.45 -55.33
N ASN D 302 30.46 47.66 -56.64
CA ASN D 302 31.79 47.49 -57.25
C ASN D 302 32.58 48.77 -57.16
N THR D 303 32.37 49.69 -58.11
CA THR D 303 32.92 51.04 -58.00
C THR D 303 32.57 51.58 -56.63
N THR D 304 33.58 52.00 -55.89
CA THR D 304 33.37 52.58 -54.57
C THR D 304 32.66 53.94 -54.68
N GLU D 305 32.56 54.46 -55.89
CA GLU D 305 31.72 55.63 -56.18
C GLU D 305 30.24 55.24 -56.11
N GLU D 306 29.87 54.18 -56.82
CA GLU D 306 28.49 53.66 -56.80
C GLU D 306 28.08 53.34 -55.37
N HIS D 307 29.03 52.85 -54.59
CA HIS D 307 28.80 52.61 -53.17
C HIS D 307 28.36 53.90 -52.46
N LYS D 308 29.08 54.99 -52.72
CA LYS D 308 28.72 56.27 -52.12
C LYS D 308 27.36 56.78 -52.63
N LYS D 309 27.20 56.82 -53.95
CA LYS D 309 26.01 57.42 -54.58
C LYS D 309 24.99 56.37 -54.99
N LEU D 310 24.64 55.48 -54.07
CA LEU D 310 23.68 54.40 -54.30
C LEU D 310 23.50 53.55 -53.04
N GLY D 311 24.57 53.42 -52.25
CA GLY D 311 24.47 52.90 -50.88
C GLY D 311 25.11 51.54 -50.69
N GLY D 312 24.51 50.73 -49.83
CA GLY D 312 25.02 49.39 -49.55
C GLY D 312 23.85 48.55 -49.10
N GLN D 313 23.82 47.28 -49.50
CA GLN D 313 22.64 46.46 -49.31
C GLN D 313 22.77 45.47 -48.16
N CYS D 314 22.17 45.83 -47.01
CA CYS D 314 22.23 45.02 -45.77
C CYS D 314 21.51 43.69 -45.95
N ASP D 315 20.24 43.78 -46.29
CA ASP D 315 19.65 42.98 -47.33
C ASP D 315 20.38 41.64 -47.63
N ILE D 316 21.52 41.68 -48.35
CA ILE D 316 22.31 40.45 -48.69
C ILE D 316 23.72 40.39 -48.06
N ASP D 317 24.17 41.46 -47.38
CA ASP D 317 25.49 41.49 -46.74
C ASP D 317 25.47 40.63 -45.50
N VAL D 318 26.05 39.43 -45.61
CA VAL D 318 26.11 38.47 -44.52
C VAL D 318 26.79 39.04 -43.30
N SER D 319 27.86 39.79 -43.53
CA SER D 319 28.64 40.35 -42.43
C SER D 319 27.76 41.24 -41.56
N PHE D 320 26.85 41.99 -42.18
CA PHE D 320 25.92 42.83 -41.42
C PHE D 320 24.86 42.03 -40.71
N GLN D 321 24.20 41.14 -41.46
CA GLN D 321 23.18 40.28 -40.89
C GLN D 321 23.67 39.66 -39.58
N LEU D 322 24.85 39.04 -39.63
CA LEU D 322 25.44 38.43 -38.44
C LEU D 322 25.61 39.45 -37.31
N LEU D 323 26.09 40.65 -37.64
CA LEU D 323 26.20 41.70 -36.62
C LEU D 323 24.80 41.97 -36.05
N ASN D 324 23.79 42.05 -36.92
CA ASN D 324 22.41 42.35 -36.50
C ASN D 324 21.71 41.26 -35.66
N ILE D 325 22.25 40.04 -35.70
CA ILE D 325 21.73 38.95 -34.89
C ILE D 325 22.41 38.86 -33.52
N PHE D 326 23.73 38.90 -33.51
CA PHE D 326 24.51 38.54 -32.30
C PHE D 326 25.04 39.72 -31.44
N SER D 327 24.88 40.95 -31.91
CA SER D 327 25.41 42.09 -31.17
C SER D 327 24.59 42.40 -29.92
N SER D 328 25.22 43.06 -28.96
CA SER D 328 24.54 43.47 -27.74
C SER D 328 23.88 44.85 -27.87
N ASP D 329 24.67 45.86 -28.26
CA ASP D 329 24.11 47.22 -28.27
C ASP D 329 23.41 47.57 -29.59
N ASN D 330 22.11 47.89 -29.47
CA ASN D 330 21.29 48.28 -30.61
C ASN D 330 21.75 49.63 -31.17
N ALA D 331 22.39 50.41 -30.30
CA ALA D 331 22.93 51.72 -30.66
C ALA D 331 23.84 51.65 -31.89
N GLN D 332 24.89 50.83 -31.81
CA GLN D 332 25.88 50.73 -32.90
C GLN D 332 25.43 49.80 -34.04
N VAL D 333 24.45 48.95 -33.77
CA VAL D 333 23.81 48.19 -34.84
C VAL D 333 23.10 49.14 -35.80
N LYS D 334 22.30 50.05 -35.24
CA LYS D 334 21.58 51.05 -36.05
C LYS D 334 22.52 52.01 -36.74
N ASP D 335 23.58 52.43 -36.03
CA ASP D 335 24.57 53.35 -36.58
C ASP D 335 25.14 52.77 -37.87
N VAL D 336 25.53 51.50 -37.80
CA VAL D 336 26.04 50.78 -38.96
C VAL D 336 24.95 50.65 -40.03
N GLU D 337 23.77 50.15 -39.67
CA GLU D 337 22.63 50.07 -40.61
C GLU D 337 22.46 51.38 -41.38
N GLU D 338 22.47 52.49 -40.65
CA GLU D 338 22.28 53.80 -41.25
C GLU D 338 23.41 54.15 -42.22
N LYS D 339 24.64 54.12 -41.72
CA LYS D 339 25.80 54.58 -42.51
C LYS D 339 26.11 53.71 -43.72
N TYR D 340 25.93 52.40 -43.58
CA TYR D 340 26.15 51.47 -44.69
C TYR D 340 25.11 51.68 -45.77
N SER D 341 23.87 51.93 -45.34
CA SER D 341 22.77 52.24 -46.27
C SER D 341 23.04 53.51 -47.08
N LYS D 342 23.50 54.56 -46.41
CA LYS D 342 23.76 55.86 -47.06
C LYS D 342 25.23 56.00 -47.52
N GLY D 343 25.84 54.90 -47.96
CA GLY D 343 27.15 54.94 -48.62
C GLY D 343 28.34 55.41 -47.80
N GLU D 344 28.15 55.65 -46.51
CA GLU D 344 29.16 56.27 -45.67
C GLU D 344 30.19 55.24 -45.14
N LEU D 345 29.92 53.96 -45.31
CA LEU D 345 30.82 52.89 -44.91
C LEU D 345 31.06 51.94 -46.07
N LEU D 346 32.29 51.88 -46.60
CA LEU D 346 32.62 50.86 -47.61
C LEU D 346 32.70 49.49 -46.92
N SER D 347 32.53 48.42 -47.68
CA SER D 347 32.32 47.08 -47.10
C SER D 347 33.49 46.64 -46.22
N GLY D 348 34.71 46.86 -46.67
CA GLY D 348 35.89 46.56 -45.90
C GLY D 348 35.82 47.13 -44.49
N GLU D 349 35.39 48.38 -44.37
CA GLU D 349 35.26 49.05 -43.07
C GLU D 349 34.15 48.46 -42.23
N LEU D 350 33.09 47.98 -42.89
CA LEU D 350 32.03 47.23 -42.21
C LEU D 350 32.59 45.90 -41.71
N LYS D 351 33.31 45.22 -42.60
CA LYS D 351 33.88 43.92 -42.29
C LYS D 351 34.97 44.05 -41.24
N LYS D 352 35.61 45.20 -41.14
CA LYS D 352 36.50 45.48 -40.02
C LYS D 352 35.70 45.50 -38.70
N ILE D 353 34.61 46.29 -38.66
CA ILE D 353 33.79 46.44 -37.44
C ILE D 353 33.18 45.11 -37.04
N VAL D 354 32.71 44.35 -38.01
CA VAL D 354 32.04 43.07 -37.76
C VAL D 354 33.03 42.02 -37.31
N SER D 355 34.19 41.95 -37.96
CA SER D 355 35.27 41.09 -37.50
C SER D 355 35.55 41.36 -36.05
N ALA D 356 35.64 42.65 -35.70
CA ALA D 356 35.88 43.07 -34.32
C ALA D 356 34.77 42.59 -33.35
N SER D 357 33.51 42.76 -33.74
CA SER D 357 32.39 42.38 -32.90
C SER D 357 32.37 40.87 -32.64
N MET D 358 32.60 40.09 -33.71
CA MET D 358 32.61 38.64 -33.60
C MET D 358 33.84 38.06 -32.89
N LYS D 359 34.99 38.71 -33.03
CA LYS D 359 36.13 38.34 -32.22
C LYS D 359 35.75 38.40 -30.74
N ASP D 360 35.22 39.54 -30.31
CA ASP D 360 34.85 39.73 -28.90
C ASP D 360 33.83 38.71 -28.47
N PHE D 361 32.89 38.43 -29.37
CA PHE D 361 31.82 37.51 -29.10
C PHE D 361 32.36 36.12 -28.80
N ILE D 362 33.17 35.59 -29.70
CA ILE D 362 33.73 34.25 -29.54
C ILE D 362 34.70 34.21 -28.38
N VAL D 363 35.52 35.25 -28.24
CA VAL D 363 36.46 35.28 -27.12
C VAL D 363 35.66 35.24 -25.81
N ALA D 364 34.63 36.07 -25.70
CA ALA D 364 33.79 36.11 -24.51
C ALA D 364 33.26 34.72 -24.20
N TYR D 365 32.69 34.08 -25.20
CA TYR D 365 32.09 32.75 -25.03
C TYR D 365 33.12 31.71 -24.59
N ASP D 366 34.23 31.64 -25.31
CA ASP D 366 35.29 30.73 -24.94
C ASP D 366 35.66 30.91 -23.45
N ALA D 367 35.65 32.15 -22.96
CA ALA D 367 35.97 32.41 -21.55
C ALA D 367 34.97 31.75 -20.61
N LYS D 368 33.70 31.77 -20.99
CA LYS D 368 32.63 31.12 -20.24
C LYS D 368 32.71 29.61 -20.28
N LYS D 369 33.27 29.08 -21.36
CA LYS D 369 33.30 27.65 -21.65
C LYS D 369 34.52 26.99 -21.03
N LYS D 370 35.60 27.77 -20.94
CA LYS D 370 36.87 27.29 -20.43
C LYS D 370 36.75 26.55 -19.08
N PRO D 371 36.03 27.13 -18.10
CA PRO D 371 35.94 26.46 -16.80
C PRO D 371 35.08 25.21 -16.78
N ILE D 372 34.23 25.01 -17.80
CA ILE D 372 33.41 23.80 -17.93
C ILE D 372 34.27 22.61 -18.37
N THR D 373 35.05 22.13 -17.41
CA THR D 373 36.03 21.08 -17.65
C THR D 373 35.31 19.75 -17.60
N THR D 374 36.00 18.65 -17.84
CA THR D 374 35.37 17.34 -17.67
C THR D 374 34.86 17.22 -16.25
N ALA D 375 35.73 17.54 -15.29
CA ALA D 375 35.39 17.50 -13.88
C ALA D 375 34.04 18.16 -13.63
N TYR D 376 33.85 19.34 -14.21
CA TYR D 376 32.62 20.11 -14.05
C TYR D 376 31.41 19.38 -14.61
N LEU D 377 31.51 18.88 -15.83
CA LEU D 377 30.42 18.18 -16.50
C LEU D 377 30.03 16.92 -15.74
N LYS D 378 31.01 16.24 -15.16
CA LYS D 378 30.74 15.08 -14.31
C LYS D 378 29.98 15.46 -13.04
N ALA D 379 30.38 16.57 -12.42
CA ALA D 379 29.67 17.09 -11.25
C ALA D 379 28.21 17.42 -11.58
N TYR D 380 27.99 18.07 -12.71
CA TYR D 380 26.65 18.41 -13.12
C TYR D 380 25.80 17.14 -13.29
N ILE D 381 26.36 16.15 -13.98
CA ILE D 381 25.65 14.92 -14.29
C ILE D 381 25.25 14.24 -12.98
N SER D 382 26.19 14.18 -12.04
CA SER D 382 25.93 13.64 -10.71
C SER D 382 24.78 14.36 -9.98
N LYS D 383 24.82 15.69 -9.87
CA LYS D 383 23.68 16.47 -9.38
C LYS D 383 22.40 16.06 -10.12
N THR D 384 22.47 16.01 -11.45
CA THR D 384 21.32 15.71 -12.30
C THR D 384 20.73 14.29 -12.18
N LYS D 385 21.55 13.34 -11.70
CA LYS D 385 21.20 11.91 -11.69
C LYS D 385 19.96 11.66 -10.85
N PHE D 386 19.14 10.69 -11.29
CA PHE D 386 18.00 10.19 -10.49
C PHE D 386 17.42 8.87 -11.01
N PRO E 13 12.86 -36.19 40.66
CA PRO E 13 13.28 -35.02 41.52
C PRO E 13 12.68 -33.68 41.07
N SER E 14 12.76 -33.40 39.75
CA SER E 14 12.04 -32.29 39.03
C SER E 14 12.46 -30.81 39.36
N GLN E 15 13.59 -30.43 38.76
CA GLN E 15 14.22 -29.13 38.96
C GLN E 15 14.24 -28.31 37.64
N LEU E 16 14.68 -27.05 37.73
CA LEU E 16 14.80 -26.19 36.53
C LEU E 16 15.89 -26.81 35.67
N LEU E 17 16.06 -26.34 34.44
CA LEU E 17 17.14 -26.88 33.60
C LEU E 17 18.55 -26.73 34.23
N GLN E 18 18.64 -26.81 35.56
CA GLN E 18 19.90 -26.86 36.34
C GLN E 18 20.25 -28.31 36.71
N SER E 19 19.93 -29.26 35.83
CA SER E 19 20.42 -30.62 36.02
C SER E 19 21.96 -30.54 36.00
N PHE E 20 22.64 -31.19 36.97
CA PHE E 20 24.06 -30.92 37.22
C PHE E 20 25.06 -32.08 37.27
N THR E 21 26.29 -31.67 36.97
CA THR E 21 27.51 -32.48 36.84
C THR E 21 28.73 -31.57 37.14
N THR E 22 29.96 -32.01 36.82
CA THR E 22 31.18 -31.27 37.19
C THR E 22 32.42 -31.59 36.30
N ARG E 23 33.16 -30.56 35.89
CA ARG E 23 34.34 -30.65 34.98
C ARG E 23 33.95 -30.73 33.53
N THR E 24 33.07 -31.70 33.27
CA THR E 24 32.36 -31.87 32.02
C THR E 24 31.03 -32.45 32.45
N THR E 25 30.07 -32.53 31.54
CA THR E 25 28.79 -33.12 31.93
C THR E 25 28.78 -34.56 31.43
N ASP E 26 28.35 -35.46 32.30
CA ASP E 26 28.50 -36.88 32.05
C ASP E 26 27.61 -37.37 30.93
N TYR E 27 26.30 -37.25 31.12
CA TYR E 27 25.28 -37.60 30.12
C TYR E 27 24.71 -38.99 30.36
N ASN E 28 25.54 -39.99 30.57
CA ASN E 28 25.01 -41.33 30.81
C ASN E 28 24.29 -41.37 32.15
N GLN E 29 24.91 -40.79 33.17
CA GLN E 29 24.26 -40.64 34.49
C GLN E 29 23.08 -39.65 34.41
N LEU E 30 23.18 -38.62 33.58
CA LEU E 30 22.01 -37.81 33.30
C LEU E 30 20.94 -38.68 32.62
N ILE E 31 21.29 -39.30 31.49
CA ILE E 31 20.37 -40.15 30.72
C ILE E 31 19.66 -41.22 31.57
N ASN E 32 20.35 -41.80 32.53
CA ASN E 32 19.72 -42.80 33.38
C ASN E 32 18.80 -42.18 34.44
N SER E 33 19.28 -41.15 35.14
CA SER E 33 18.49 -40.48 36.20
C SER E 33 17.20 -39.83 35.70
N VAL E 34 17.23 -39.44 34.43
CA VAL E 34 16.06 -38.92 33.74
C VAL E 34 15.12 -40.02 33.28
N GLY E 35 15.68 -41.21 33.02
CA GLY E 35 14.89 -42.35 32.56
C GLY E 35 14.52 -42.20 31.10
N ILE E 36 15.52 -42.23 30.23
CA ILE E 36 15.33 -42.25 28.78
C ILE E 36 16.56 -42.91 28.17
N ASN E 37 16.38 -43.64 27.08
CA ASN E 37 17.48 -44.41 26.53
C ASN E 37 18.36 -43.59 25.59
N ALA E 38 19.65 -43.92 25.56
CA ALA E 38 20.58 -43.37 24.59
C ALA E 38 20.31 -44.03 23.26
N ILE E 39 20.53 -43.29 22.17
CA ILE E 39 20.23 -43.77 20.83
C ILE E 39 21.15 -44.96 20.52
N THR E 40 20.54 -46.15 20.46
CA THR E 40 21.28 -47.36 20.15
C THR E 40 21.80 -47.24 18.72
N PRO E 41 22.94 -47.87 18.41
CA PRO E 41 23.43 -47.77 17.03
C PRO E 41 22.46 -48.39 16.03
N GLN E 42 21.74 -49.42 16.46
CA GLN E 42 20.73 -50.09 15.63
C GLN E 42 19.68 -49.14 15.13
N GLN E 43 19.20 -48.29 16.03
CA GLN E 43 18.26 -47.24 15.66
C GLN E 43 18.85 -46.38 14.53
N ILE E 44 20.14 -46.04 14.67
CA ILE E 44 20.81 -45.21 13.66
C ILE E 44 20.86 -45.92 12.31
N GLN E 45 21.05 -47.24 12.33
CA GLN E 45 21.04 -48.05 11.11
C GLN E 45 19.65 -48.01 10.51
N ARG E 46 18.66 -48.34 11.34
CA ARG E 46 17.27 -48.35 10.90
C ARG E 46 16.92 -47.05 10.18
N ILE E 47 17.41 -45.93 10.71
CA ILE E 47 17.20 -44.66 10.03
C ILE E 47 17.88 -44.66 8.68
N GLU E 48 19.14 -45.09 8.63
CA GLU E 48 19.87 -45.19 7.38
C GLU E 48 19.11 -46.08 6.38
N LYS E 49 18.67 -47.25 6.84
CA LYS E 49 17.92 -48.20 5.99
C LYS E 49 16.75 -47.51 5.32
N LEU E 50 15.89 -46.91 6.14
CA LEU E 50 14.70 -46.22 5.65
C LEU E 50 15.01 -44.89 4.93
N SER E 51 16.09 -44.21 5.31
CA SER E 51 16.47 -42.95 4.64
C SER E 51 16.93 -43.20 3.20
N GLY E 52 17.50 -44.38 2.96
CA GLY E 52 18.13 -44.70 1.68
C GLY E 52 19.34 -43.80 1.40
N LYS E 53 20.03 -43.38 2.46
CA LYS E 53 21.13 -42.43 2.34
C LYS E 53 22.07 -42.52 3.54
N ALA E 54 23.31 -42.08 3.36
CA ALA E 54 24.31 -42.03 4.46
C ALA E 54 23.74 -41.29 5.67
N PRO E 55 24.06 -41.76 6.90
CA PRO E 55 23.49 -41.07 8.06
C PRO E 55 24.13 -39.70 8.31
N HIS E 56 23.37 -38.82 8.94
CA HIS E 56 23.84 -37.50 9.32
C HIS E 56 24.86 -37.65 10.44
N HIS E 57 25.81 -36.75 10.50
CA HIS E 57 26.88 -36.85 11.50
C HIS E 57 26.38 -36.44 12.88
N TYR E 58 25.27 -35.72 12.93
CA TYR E 58 24.65 -35.39 14.20
C TYR E 58 24.23 -36.68 14.91
N LEU E 59 23.92 -37.71 14.14
CA LEU E 59 23.60 -39.02 14.68
C LEU E 59 24.85 -39.85 14.94
N SER E 60 25.77 -39.90 13.97
CA SER E 60 26.96 -40.76 14.05
C SER E 60 27.94 -40.29 15.14
N ARG E 61 28.14 -38.98 15.25
CA ARG E 61 28.97 -38.40 16.32
C ARG E 61 28.20 -38.08 17.59
N GLY E 62 26.92 -38.43 17.62
CA GLY E 62 26.11 -38.30 18.82
C GLY E 62 25.88 -36.87 19.27
N VAL E 63 25.67 -35.97 18.30
CA VAL E 63 25.17 -34.63 18.60
C VAL E 63 23.80 -34.81 19.22
N PHE E 64 23.00 -35.68 18.60
CA PHE E 64 21.75 -36.17 19.17
C PHE E 64 22.02 -37.52 19.83
N LEU E 65 21.85 -37.58 21.15
CA LEU E 65 22.28 -38.76 21.88
C LEU E 65 21.14 -39.58 22.48
N ALA E 66 20.09 -38.91 22.96
CA ALA E 66 19.02 -39.61 23.67
C ALA E 66 17.70 -39.58 22.91
N GLU E 67 16.80 -40.45 23.34
CA GLU E 67 15.62 -40.85 22.60
C GLU E 67 14.52 -41.16 23.58
N LYS E 68 13.27 -40.88 23.18
CA LYS E 68 12.13 -41.25 23.99
C LYS E 68 11.37 -42.40 23.36
N SER E 69 10.74 -42.16 22.21
CA SER E 69 9.94 -43.20 21.57
C SER E 69 10.27 -43.35 20.09
N LEU E 70 11.56 -43.42 19.79
CA LEU E 70 12.03 -43.41 18.40
C LEU E 70 11.55 -44.69 17.71
N ASP E 71 11.69 -45.81 18.41
CA ASP E 71 11.31 -47.09 17.83
C ASP E 71 9.86 -47.04 17.35
N LYS E 72 8.97 -46.47 18.15
CA LYS E 72 7.56 -46.30 17.76
C LYS E 72 7.40 -45.37 16.56
N PHE E 73 8.15 -44.28 16.56
CA PHE E 73 8.05 -43.32 15.47
C PHE E 73 8.51 -43.91 14.14
N LEU E 74 9.55 -44.74 14.21
CA LEU E 74 10.05 -45.42 13.02
C LEU E 74 9.06 -46.49 12.56
N ASP E 75 8.50 -47.26 13.49
CA ASP E 75 7.44 -48.20 13.15
C ASP E 75 6.39 -47.46 12.31
N ASP E 76 6.04 -46.24 12.71
CA ASP E 76 5.01 -45.48 12.01
C ASP E 76 5.46 -45.00 10.64
N VAL E 77 6.66 -44.40 10.56
CA VAL E 77 7.15 -43.92 9.27
C VAL E 77 7.13 -45.08 8.29
N GLU E 78 7.65 -46.22 8.75
CA GLU E 78 7.74 -47.43 7.94
C GLU E 78 6.38 -47.89 7.48
N ALA E 79 5.39 -47.78 8.36
CA ALA E 79 4.01 -48.20 8.06
C ALA E 79 3.26 -47.18 7.20
N LYS E 80 3.98 -46.18 6.67
CA LYS E 80 3.38 -45.09 5.93
C LYS E 80 2.24 -44.40 6.72
N LYS E 81 2.36 -44.38 8.06
CA LYS E 81 1.34 -43.74 8.92
C LYS E 81 1.59 -42.24 9.05
N PRO E 82 0.51 -41.45 9.24
CA PRO E 82 0.67 -40.01 9.42
C PRO E 82 1.57 -39.69 10.60
N THR E 83 2.59 -38.87 10.36
CA THR E 83 3.54 -38.43 11.37
C THR E 83 4.06 -37.02 11.04
N PHE E 84 4.64 -36.35 12.04
CA PHE E 84 5.25 -35.05 11.82
C PHE E 84 6.39 -34.69 12.78
N ILE E 85 7.33 -33.90 12.25
CA ILE E 85 8.51 -33.43 12.98
C ILE E 85 8.23 -32.05 13.52
N PHE E 86 8.55 -31.82 14.79
CA PHE E 86 8.19 -30.56 15.42
C PHE E 86 9.37 -29.90 16.08
N ILE E 87 9.44 -28.57 15.98
CA ILE E 87 10.35 -27.75 16.79
C ILE E 87 9.65 -26.49 17.26
N GLN E 88 10.03 -25.99 18.42
CA GLN E 88 9.52 -24.69 18.85
C GLN E 88 10.70 -23.81 19.11
N LYS E 89 10.60 -22.53 18.73
CA LYS E 89 11.71 -21.59 18.80
C LYS E 89 11.29 -20.33 19.50
N TYR E 90 12.13 -19.86 20.41
CA TYR E 90 11.85 -18.67 21.17
C TYR E 90 12.54 -17.51 20.50
N PRO E 91 11.78 -16.58 19.88
CA PRO E 91 12.41 -15.56 19.06
C PRO E 91 13.29 -14.62 19.87
N GLN E 92 14.49 -14.34 19.39
CA GLN E 92 15.37 -13.43 20.11
C GLN E 92 16.10 -12.47 19.17
N LYS E 93 16.74 -11.47 19.77
CA LYS E 93 17.37 -10.44 18.99
C LYS E 93 18.65 -11.02 18.44
N GLU E 94 19.46 -11.59 19.34
CA GLU E 94 20.68 -12.28 18.97
C GLU E 94 20.34 -13.76 18.73
N VAL E 95 20.59 -14.25 17.52
CA VAL E 95 20.38 -15.67 17.18
C VAL E 95 21.67 -16.47 17.35
N ALA E 96 21.76 -17.26 18.42
CA ALA E 96 22.98 -18.03 18.74
C ALA E 96 23.20 -19.24 17.84
N LEU E 97 24.41 -19.77 17.88
CA LEU E 97 24.79 -20.91 17.05
C LEU E 97 23.92 -22.14 17.34
N GLU E 98 23.55 -22.35 18.61
CA GLU E 98 22.72 -23.52 18.98
C GLU E 98 21.54 -23.70 18.05
N GLU E 99 20.87 -22.59 17.74
CA GLU E 99 19.59 -22.64 17.07
C GLU E 99 19.69 -23.47 15.79
N TYR E 100 20.87 -23.47 15.16
CA TYR E 100 21.16 -24.23 13.96
C TYR E 100 20.86 -25.72 14.10
N ILE E 101 21.16 -26.31 15.25
CA ILE E 101 21.07 -27.76 15.37
C ILE E 101 19.68 -28.30 14.99
N THR E 102 18.66 -27.93 15.75
CA THR E 102 17.35 -28.56 15.57
C THR E 102 16.80 -28.28 14.16
N LEU E 103 17.10 -27.11 13.63
CA LEU E 103 16.63 -26.74 12.31
C LEU E 103 17.27 -27.64 11.25
N GLU E 104 18.59 -27.66 11.21
CA GLU E 104 19.32 -28.50 10.26
C GLU E 104 18.88 -29.95 10.34
N PHE E 105 18.72 -30.45 11.56
CA PHE E 105 18.44 -31.85 11.76
C PHE E 105 17.02 -32.17 11.34
N ALA E 106 16.12 -31.19 11.52
CA ALA E 106 14.74 -31.30 11.04
C ALA E 106 14.73 -31.40 9.52
N ARG E 107 15.50 -30.53 8.87
CA ARG E 107 15.64 -30.57 7.42
C ARG E 107 16.08 -31.95 6.97
N TYR E 108 17.11 -32.47 7.63
CA TYR E 108 17.69 -33.78 7.28
C TYR E 108 16.63 -34.86 7.40
N LEU E 109 15.93 -34.85 8.52
CA LEU E 109 14.90 -35.85 8.77
C LEU E 109 13.79 -35.71 7.74
N GLN E 110 13.39 -34.48 7.42
CA GLN E 110 12.33 -34.29 6.44
C GLN E 110 12.72 -34.91 5.13
N ASP E 111 13.90 -34.54 4.64
CA ASP E 111 14.40 -35.09 3.40
C ASP E 111 14.46 -36.61 3.46
N ALA E 112 14.94 -37.13 4.59
CA ALA E 112 15.11 -38.58 4.78
C ALA E 112 13.81 -39.37 4.69
N PHE E 113 12.74 -38.82 5.26
CA PHE E 113 11.44 -39.53 5.34
C PHE E 113 10.32 -38.92 4.50
N ASN E 114 10.48 -37.70 3.99
CA ASN E 114 9.44 -37.03 3.24
C ASN E 114 8.18 -36.92 4.10
N ILE E 115 8.22 -35.98 5.03
CA ILE E 115 7.32 -36.00 6.18
C ILE E 115 7.04 -34.55 6.58
N GLN E 116 5.89 -34.27 7.19
CA GLN E 116 5.55 -32.88 7.52
C GLN E 116 6.44 -32.33 8.65
N VAL E 117 6.84 -31.05 8.49
CA VAL E 117 7.53 -30.33 9.55
C VAL E 117 6.64 -29.18 10.00
N ILE E 118 6.51 -29.01 11.32
CA ILE E 118 5.81 -27.85 11.91
C ILE E 118 6.71 -27.15 12.91
N ILE E 119 6.85 -25.84 12.78
CA ILE E 119 7.74 -25.07 13.64
C ILE E 119 7.01 -23.89 14.28
N GLN E 120 6.96 -23.90 15.61
CA GLN E 120 6.23 -22.90 16.38
C GLN E 120 7.18 -21.78 16.80
N ILE E 121 6.82 -20.53 16.49
CA ILE E 121 7.59 -19.38 16.97
C ILE E 121 6.87 -18.72 18.14
N LEU E 122 7.56 -18.62 19.28
CA LEU E 122 6.92 -18.21 20.54
C LEU E 122 6.90 -16.71 20.79
N ASP E 123 6.31 -15.97 19.87
CA ASP E 123 6.24 -14.52 20.03
C ASP E 123 5.48 -14.08 21.27
N ASP E 124 4.35 -14.70 21.56
CA ASP E 124 3.60 -14.33 22.76
C ASP E 124 4.38 -14.56 24.04
N ILE E 125 5.06 -15.67 24.11
CA ILE E 125 5.79 -16.00 25.31
C ILE E 125 6.91 -14.99 25.55
N LYS E 126 7.51 -14.50 24.47
CA LYS E 126 8.53 -13.46 24.61
C LYS E 126 7.91 -12.23 25.26
N VAL E 127 6.81 -11.77 24.68
CA VAL E 127 6.08 -10.62 25.21
C VAL E 127 5.70 -10.82 26.68
N LEU E 128 5.34 -12.05 27.04
CA LEU E 128 4.94 -12.35 28.40
C LEU E 128 6.10 -12.38 29.38
N ASN E 129 7.32 -12.68 28.91
CA ASN E 129 8.50 -12.68 29.78
C ASN E 129 9.11 -11.28 29.87
N ARG E 130 8.31 -10.26 29.63
CA ARG E 130 8.73 -8.86 29.66
C ARG E 130 9.96 -8.53 28.80
N GLU E 131 10.21 -9.32 27.78
CA GLU E 131 11.41 -9.17 26.94
C GLU E 131 11.18 -8.45 25.61
N ALA E 132 9.93 -8.17 25.26
CA ALA E 132 9.63 -7.50 23.99
C ALA E 132 8.20 -7.02 23.95
N THR E 133 7.97 -5.94 23.20
CA THR E 133 6.60 -5.55 22.86
C THR E 133 6.13 -6.45 21.73
N ILE E 134 4.81 -6.43 21.49
CA ILE E 134 4.21 -7.27 20.47
C ILE E 134 4.83 -6.99 19.11
N ASN E 135 5.15 -5.72 18.86
CA ASN E 135 5.76 -5.31 17.62
C ASN E 135 7.20 -5.79 17.57
N GLU E 136 7.95 -5.48 18.63
CA GLU E 136 9.31 -5.97 18.75
C GLU E 136 9.32 -7.46 18.50
N ALA E 137 8.43 -8.18 19.19
CA ALA E 137 8.39 -9.65 19.10
C ALA E 137 8.13 -10.11 17.67
N SER E 138 7.28 -9.35 16.97
CA SER E 138 6.94 -9.66 15.59
C SER E 138 8.10 -9.49 14.60
N LYS E 139 8.86 -8.39 14.74
CA LYS E 139 10.06 -8.17 13.89
C LYS E 139 11.12 -9.26 14.11
N MET E 140 11.23 -9.75 15.34
CA MET E 140 12.19 -10.79 15.63
C MET E 140 11.70 -12.06 15.00
N SER E 141 10.40 -12.34 15.13
CA SER E 141 9.83 -13.55 14.59
C SER E 141 9.95 -13.60 13.09
N ASN E 142 9.72 -12.47 12.42
CA ASN E 142 9.93 -12.41 10.99
C ASN E 142 11.37 -12.74 10.66
N ASP E 143 12.31 -12.00 11.25
CA ASP E 143 13.72 -12.31 11.00
C ASP E 143 14.00 -13.80 11.19
N LEU E 144 13.48 -14.37 12.27
CA LEU E 144 13.66 -15.79 12.55
C LEU E 144 13.19 -16.65 11.39
N MET E 145 11.98 -16.36 10.92
CA MET E 145 11.46 -17.09 9.78
C MET E 145 12.45 -17.08 8.60
N LYS E 146 13.13 -15.96 8.40
CA LYS E 146 14.12 -15.89 7.34
C LYS E 146 15.29 -16.85 7.63
N TYR E 147 15.72 -16.92 8.90
CA TYR E 147 16.77 -17.86 9.29
C TYR E 147 16.31 -19.29 9.04
N ILE E 148 15.05 -19.57 9.37
CA ILE E 148 14.56 -20.93 9.25
C ILE E 148 14.50 -21.38 7.80
N LEU E 149 13.88 -20.55 6.96
CA LEU E 149 13.69 -20.86 5.55
C LEU E 149 15.01 -21.00 4.81
N ALA E 150 16.06 -20.38 5.32
CA ALA E 150 17.39 -20.46 4.72
C ALA E 150 17.87 -21.91 4.61
N PHE E 151 17.48 -22.75 5.57
CA PHE E 151 17.86 -24.17 5.57
C PHE E 151 17.35 -24.96 4.35
N GLY E 152 16.41 -24.39 3.61
CA GLY E 152 15.89 -25.00 2.39
C GLY E 152 15.05 -26.24 2.68
N PHE E 153 13.91 -26.03 3.33
CA PHE E 153 12.98 -27.13 3.61
C PHE E 153 12.12 -27.43 2.40
N ASN E 154 11.37 -28.53 2.45
CA ASN E 154 10.31 -28.79 1.49
C ASN E 154 9.16 -27.90 1.91
N GLU E 155 9.05 -26.74 1.27
CA GLU E 155 8.13 -25.72 1.74
C GLU E 155 6.68 -26.14 1.55
N ASP E 156 6.45 -27.14 0.72
CA ASP E 156 5.11 -27.72 0.60
C ASP E 156 4.77 -28.64 1.76
N LYS E 157 5.75 -29.04 2.55
CA LYS E 157 5.49 -29.79 3.77
C LYS E 157 6.17 -29.15 4.99
N THR E 158 6.31 -27.84 4.98
CA THR E 158 6.87 -27.15 6.15
C THR E 158 5.99 -26.00 6.59
N PHE E 159 5.42 -26.14 7.78
CA PHE E 159 4.50 -25.15 8.30
C PHE E 159 5.17 -24.44 9.45
N ILE E 160 5.47 -23.16 9.25
CA ILE E 160 6.09 -22.30 10.25
C ILE E 160 5.09 -21.26 10.67
N TYR E 161 4.80 -21.15 11.96
CA TYR E 161 3.77 -20.21 12.41
C TYR E 161 4.22 -19.47 13.65
N THR E 162 3.61 -18.31 13.89
CA THR E 162 3.85 -17.59 15.16
C THR E 162 2.61 -17.75 16.01
N ASP E 163 2.78 -17.83 17.33
CA ASP E 163 1.66 -18.06 18.23
C ASP E 163 0.56 -17.02 18.03
N TYR E 164 0.91 -15.74 18.11
CA TYR E 164 -0.13 -14.70 17.94
C TYR E 164 -0.98 -14.90 16.66
N GLN E 165 -0.36 -15.35 15.58
CA GLN E 165 -1.04 -15.53 14.30
C GLN E 165 -1.91 -16.82 14.26
N TYR E 166 -1.51 -17.87 14.96
CA TYR E 166 -2.15 -19.19 14.82
C TYR E 166 -3.01 -19.62 16.03
N PHE E 167 -3.00 -18.82 17.08
CA PHE E 167 -3.54 -19.23 18.40
C PHE E 167 -4.97 -19.72 18.30
N GLY E 168 -5.82 -18.99 17.63
CA GLY E 168 -7.23 -19.38 17.54
C GLY E 168 -7.39 -20.83 17.10
N LYS E 169 -6.65 -21.19 16.06
CA LYS E 169 -6.81 -22.46 15.41
C LYS E 169 -6.50 -23.57 16.39
N MET E 170 -5.86 -23.18 17.50
CA MET E 170 -5.22 -24.12 18.44
C MET E 170 -5.77 -24.05 19.87
N TYR E 171 -6.55 -22.99 20.16
CA TYR E 171 -6.90 -22.63 21.54
C TYR E 171 -7.67 -23.70 22.26
N ARG E 172 -8.69 -24.26 21.61
CA ARG E 172 -9.47 -25.34 22.21
C ARG E 172 -8.58 -26.34 22.86
N THR E 173 -7.62 -26.83 22.08
CA THR E 173 -6.82 -27.98 22.51
C THR E 173 -5.70 -27.51 23.45
N ILE E 174 -5.37 -26.21 23.42
CA ILE E 174 -4.58 -25.59 24.49
C ILE E 174 -5.34 -25.66 25.80
N SER E 175 -6.57 -25.18 25.80
CA SER E 175 -7.36 -25.09 27.01
C SER E 175 -7.51 -26.43 27.67
N LEU E 176 -7.60 -27.48 26.87
CA LEU E 176 -7.62 -28.85 27.39
C LEU E 176 -6.31 -29.19 28.12
N VAL E 177 -5.18 -28.77 27.53
CA VAL E 177 -3.86 -28.94 28.16
C VAL E 177 -3.73 -28.09 29.42
N GLU E 178 -4.26 -26.88 29.38
CA GLU E 178 -4.29 -26.05 30.58
C GLU E 178 -5.05 -26.79 31.70
N LYS E 179 -6.24 -27.28 31.36
CA LYS E 179 -7.06 -28.06 32.28
C LYS E 179 -6.28 -29.22 32.89
N ALA E 180 -5.40 -29.82 32.08
CA ALA E 180 -4.68 -31.03 32.44
C ALA E 180 -3.41 -30.81 33.24
N THR E 181 -2.91 -29.57 33.33
CA THR E 181 -1.67 -29.32 34.08
C THR E 181 -1.90 -28.48 35.33
N ALA E 182 -1.55 -29.05 36.48
CA ALA E 182 -1.63 -28.37 37.75
C ALA E 182 -0.46 -27.42 37.89
N TYR E 183 -0.67 -26.28 38.56
CA TYR E 183 0.42 -25.31 38.76
C TYR E 183 1.61 -25.93 39.49
N ASN E 184 1.35 -26.72 40.53
CA ASN E 184 2.43 -27.35 41.32
C ASN E 184 3.31 -28.36 40.55
N VAL E 185 2.74 -28.96 39.50
CA VAL E 185 3.50 -29.88 38.65
C VAL E 185 4.53 -29.11 37.85
N VAL E 186 4.29 -27.82 37.64
CA VAL E 186 5.08 -26.99 36.73
C VAL E 186 5.93 -25.88 37.43
N GLN E 187 5.46 -25.35 38.56
CA GLN E 187 6.21 -24.30 39.30
C GLN E 187 7.58 -24.69 39.91
N PRO E 188 8.09 -25.89 39.59
CA PRO E 188 9.51 -26.26 39.71
C PRO E 188 10.35 -26.14 38.45
N PHE E 189 9.84 -26.60 37.31
CA PHE E 189 10.64 -26.59 36.06
C PHE E 189 10.99 -25.17 35.57
N PHE E 190 10.09 -24.25 35.88
CA PHE E 190 10.35 -22.82 35.79
C PHE E 190 10.26 -22.38 37.25
N ASN E 191 10.96 -21.33 37.61
CA ASN E 191 10.77 -20.79 38.95
C ASN E 191 9.68 -19.74 38.94
N PHE E 192 8.43 -20.20 38.93
CA PHE E 192 7.31 -19.27 38.96
C PHE E 192 7.21 -18.67 40.35
N GLU E 193 7.19 -17.35 40.41
CA GLU E 193 7.42 -16.65 41.66
C GLU E 193 6.20 -15.95 42.24
N TYR E 194 5.03 -16.14 41.64
CA TYR E 194 3.76 -15.64 42.20
C TYR E 194 3.67 -14.11 42.35
N SER E 195 4.79 -13.43 42.15
CA SER E 195 4.77 -12.04 41.69
C SER E 195 4.79 -12.09 40.18
N ASP E 196 5.18 -13.25 39.62
CA ASP E 196 5.12 -13.47 38.18
C ASP E 196 3.71 -13.21 37.65
N ASN E 197 3.62 -12.68 36.43
CA ASN E 197 2.33 -12.40 35.83
C ASN E 197 1.59 -13.66 35.44
N ILE E 198 0.28 -13.59 35.50
CA ILE E 198 -0.63 -14.66 35.14
C ILE E 198 -0.26 -15.41 33.85
N GLY E 199 -0.01 -14.68 32.78
CA GLY E 199 0.26 -15.28 31.48
C GLY E 199 1.52 -16.12 31.43
N LYS E 200 2.56 -15.65 32.12
CA LYS E 200 3.80 -16.40 32.28
C LYS E 200 3.49 -17.78 32.89
N LEU E 201 2.61 -17.82 33.89
CA LEU E 201 2.27 -19.07 34.57
C LEU E 201 1.60 -20.03 33.62
N ALA E 202 0.74 -19.50 32.76
CA ALA E 202 -0.05 -20.33 31.83
C ALA E 202 0.72 -20.77 30.57
N SER E 203 1.85 -20.11 30.28
CA SER E 203 2.67 -20.39 29.10
C SER E 203 2.86 -21.89 28.81
N PRO E 204 3.28 -22.67 29.81
CA PRO E 204 3.65 -24.04 29.48
C PRO E 204 2.65 -24.73 28.56
N SER E 205 1.37 -24.41 28.70
CA SER E 205 0.33 -24.90 27.78
C SER E 205 0.66 -24.64 26.33
N ILE E 206 0.92 -23.38 26.04
CA ILE E 206 1.21 -22.96 24.69
C ILE E 206 2.39 -23.78 24.18
N MET E 207 3.32 -24.08 25.06
CA MET E 207 4.52 -24.80 24.66
C MET E 207 4.29 -26.30 24.52
N THR E 208 3.32 -26.86 25.25
CA THR E 208 3.07 -28.31 25.17
C THR E 208 2.00 -28.62 24.12
N ALA E 209 0.96 -27.80 24.02
CA ALA E 209 -0.19 -28.13 23.18
C ALA E 209 0.23 -28.32 21.73
N SER E 210 1.27 -27.61 21.33
CA SER E 210 1.78 -27.64 19.96
C SER E 210 2.47 -28.94 19.58
N MET E 211 2.54 -29.89 20.51
CA MET E 211 3.18 -31.17 20.24
C MET E 211 2.15 -32.29 20.03
N PHE E 212 0.94 -31.90 19.67
CA PHE E 212 -0.13 -32.86 19.46
C PHE E 212 -0.86 -32.58 18.16
N SER E 213 -1.14 -33.63 17.39
CA SER E 213 -1.78 -33.47 16.09
C SER E 213 -3.13 -32.77 16.21
N GLN E 214 -3.81 -32.97 17.33
CA GLN E 214 -5.09 -32.33 17.58
C GLN E 214 -5.04 -30.80 17.47
N SER E 215 -3.87 -30.20 17.63
CA SER E 215 -3.72 -28.74 17.44
C SER E 215 -3.67 -28.31 15.98
N TYR E 216 -3.54 -29.28 15.07
CA TYR E 216 -3.28 -28.99 13.67
C TYR E 216 -4.30 -29.69 12.81
N SER E 217 -5.56 -29.36 13.03
CA SER E 217 -6.63 -30.04 12.32
C SER E 217 -6.61 -29.76 10.81
N HIS E 218 -5.93 -28.72 10.36
CA HIS E 218 -5.83 -28.46 8.92
C HIS E 218 -4.95 -29.52 8.23
N PHE E 219 -4.10 -30.18 9.00
CA PHE E 219 -3.07 -31.07 8.44
C PHE E 219 -3.33 -32.54 8.71
N PHE E 220 -4.14 -32.86 9.72
CA PHE E 220 -4.34 -34.26 10.11
C PHE E 220 -5.80 -34.58 10.35
N SER E 221 -6.17 -35.82 10.05
CA SER E 221 -7.55 -36.27 10.25
C SER E 221 -7.61 -37.39 11.28
N SER E 222 -6.52 -38.14 11.43
CA SER E 222 -6.37 -39.09 12.54
C SER E 222 -5.40 -38.47 13.50
N PRO E 223 -5.26 -39.05 14.70
CA PRO E 223 -4.09 -38.73 15.48
C PRO E 223 -2.83 -39.04 14.68
N ALA E 224 -1.81 -38.22 14.87
CA ALA E 224 -0.55 -38.40 14.19
C ALA E 224 0.59 -38.21 15.18
N ARG E 225 1.51 -39.17 15.19
CA ARG E 225 2.70 -39.13 16.03
C ARG E 225 3.52 -37.89 15.81
N CYS E 226 4.11 -37.40 16.88
CA CYS E 226 4.96 -36.23 16.82
C CYS E 226 6.38 -36.56 17.24
N LEU E 227 7.35 -36.15 16.43
CA LEU E 227 8.76 -36.29 16.78
C LEU E 227 9.33 -34.92 17.10
N VAL E 228 9.49 -34.61 18.37
CA VAL E 228 9.98 -33.29 18.78
C VAL E 228 11.48 -33.33 18.84
N LEU E 229 12.13 -32.23 18.50
CA LEU E 229 13.59 -32.08 18.64
C LEU E 229 13.85 -31.00 19.70
N ASP E 230 14.82 -31.25 20.56
CA ASP E 230 15.05 -30.38 21.71
C ASP E 230 16.35 -30.70 22.42
N SER E 231 16.86 -29.74 23.18
CA SER E 231 18.05 -29.97 24.01
C SER E 231 17.73 -30.87 25.17
N ILE E 232 18.65 -31.76 25.50
CA ILE E 232 18.52 -32.60 26.68
C ILE E 232 18.25 -31.74 27.93
N LYS E 233 18.77 -30.51 27.95
CA LYS E 233 18.42 -29.44 28.92
C LYS E 233 16.99 -29.49 29.49
N ASN E 234 16.03 -29.99 28.72
CA ASN E 234 14.60 -29.91 29.06
C ASN E 234 13.91 -31.27 29.29
N VAL E 235 14.68 -32.34 29.51
CA VAL E 235 14.08 -33.68 29.46
C VAL E 235 12.88 -33.76 30.37
N GLN E 236 12.99 -33.11 31.52
CA GLN E 236 11.97 -33.19 32.54
C GLN E 236 10.64 -32.63 32.09
N PHE E 237 10.68 -31.48 31.43
CA PHE E 237 9.46 -30.88 30.89
C PHE E 237 8.75 -31.85 29.97
N HIS E 238 9.51 -32.57 29.16
CA HIS E 238 8.92 -33.54 28.24
C HIS E 238 8.25 -34.70 28.98
N SER E 239 8.77 -35.08 30.14
CA SER E 239 8.14 -36.12 30.98
C SER E 239 6.81 -35.64 31.57
N ILE E 240 6.70 -34.33 31.79
CA ILE E 240 5.45 -33.73 32.21
C ILE E 240 4.46 -33.90 31.08
N ILE E 241 4.88 -33.49 29.88
CA ILE E 241 4.08 -33.61 28.68
C ILE E 241 3.57 -35.04 28.44
N ASP E 242 4.39 -36.05 28.74
CA ASP E 242 3.93 -37.42 28.63
C ASP E 242 2.70 -37.66 29.53
N GLN E 243 2.72 -37.15 30.77
CA GLN E 243 1.60 -37.33 31.70
C GLN E 243 0.33 -36.59 31.27
N ILE E 244 0.51 -35.46 30.61
CA ILE E 244 -0.61 -34.74 30.07
C ILE E 244 -1.20 -35.58 28.94
N ALA E 245 -0.35 -36.00 28.01
CA ALA E 245 -0.77 -36.84 26.89
C ALA E 245 -1.68 -37.97 27.38
N THR E 246 -1.27 -38.65 28.44
CA THR E 246 -2.09 -39.75 28.96
C THR E 246 -3.37 -39.20 29.55
N THR E 247 -3.31 -38.16 30.38
CA THR E 247 -4.55 -37.65 31.00
C THR E 247 -5.47 -36.98 30.00
N LEU E 248 -5.04 -36.83 28.75
CA LEU E 248 -5.92 -36.32 27.69
C LEU E 248 -6.21 -37.34 26.58
N ASN E 249 -5.60 -38.53 26.65
CA ASN E 249 -5.64 -39.54 25.58
C ASN E 249 -4.96 -39.09 24.31
N PHE E 250 -4.04 -38.14 24.40
CA PHE E 250 -3.24 -37.77 23.24
C PHE E 250 -2.05 -38.72 23.14
N ILE E 251 -1.28 -38.62 22.05
CA ILE E 251 -0.13 -39.49 21.88
C ILE E 251 1.09 -38.88 22.54
N GLN E 252 1.75 -39.67 23.36
CA GLN E 252 3.01 -39.26 23.95
C GLN E 252 4.00 -38.98 22.83
N PRO E 253 4.57 -37.77 22.81
CA PRO E 253 5.51 -37.44 21.77
C PRO E 253 6.79 -38.21 21.87
N THR E 254 7.25 -38.74 20.75
CA THR E 254 8.61 -39.25 20.69
C THR E 254 9.47 -37.99 20.59
N VAL E 255 10.62 -38.01 21.28
CA VAL E 255 11.47 -36.83 21.44
C VAL E 255 12.92 -37.26 21.27
N LEU E 256 13.68 -36.49 20.49
CA LEU E 256 15.11 -36.73 20.36
C LEU E 256 15.87 -35.57 20.97
N PHE E 257 16.84 -35.88 21.83
CA PHE E 257 17.52 -34.86 22.62
C PHE E 257 18.95 -34.65 22.16
N HIS E 258 19.39 -33.39 22.09
CA HIS E 258 20.78 -33.12 21.70
C HIS E 258 21.68 -32.67 22.88
N LYS E 259 22.98 -32.90 22.71
CA LYS E 259 24.02 -32.45 23.67
C LYS E 259 24.03 -30.93 23.77
N MET E 260 24.47 -30.39 24.90
CA MET E 260 24.64 -28.94 25.02
C MET E 260 25.66 -28.47 23.99
N VAL E 261 25.37 -27.35 23.31
CA VAL E 261 26.38 -26.68 22.50
C VAL E 261 27.09 -25.70 23.42
N PRO E 262 28.40 -25.89 23.62
CA PRO E 262 29.07 -25.19 24.70
C PRO E 262 29.32 -23.73 24.40
N LEU E 263 29.24 -22.89 25.43
CA LEU E 263 29.59 -21.48 25.29
C LEU E 263 31.09 -21.37 25.09
N LEU E 264 31.58 -20.20 24.67
CA LEU E 264 33.03 -20.00 24.44
C LEU E 264 33.87 -20.01 25.72
N SER E 265 33.19 -20.08 26.86
CA SER E 265 33.82 -20.06 28.17
C SER E 265 34.19 -21.45 28.71
N GLY E 266 33.93 -22.51 27.93
CA GLY E 266 33.78 -23.89 28.44
C GLY E 266 32.28 -23.97 28.62
N VAL E 267 31.57 -25.05 28.27
CA VAL E 267 31.87 -26.49 28.38
C VAL E 267 31.16 -26.89 29.67
N THR E 268 31.55 -26.25 30.77
CA THR E 268 30.82 -26.37 32.03
C THR E 268 30.01 -25.13 32.38
N LYS E 269 30.00 -24.11 31.50
CA LYS E 269 29.25 -22.87 31.77
C LYS E 269 27.99 -22.76 30.94
N PHE E 270 26.87 -22.57 31.64
CA PHE E 270 25.53 -22.76 31.09
C PHE E 270 24.67 -21.50 31.05
N ASP E 271 25.28 -20.33 31.11
CA ASP E 271 24.51 -19.09 31.00
C ASP E 271 23.80 -19.01 29.62
N ILE E 272 23.21 -17.86 29.34
CA ILE E 272 22.31 -17.75 28.21
C ILE E 272 23.08 -17.20 27.00
N PRO E 273 23.09 -17.96 25.88
CA PRO E 273 23.95 -17.56 24.74
C PRO E 273 23.71 -16.13 24.29
N SER E 274 24.79 -15.37 24.12
CA SER E 274 24.72 -14.00 23.66
C SER E 274 25.94 -13.70 22.79
N ASP E 275 26.04 -12.47 22.29
CA ASP E 275 27.18 -12.11 21.48
C ASP E 275 28.46 -12.36 22.29
N HIS E 276 28.38 -12.02 23.57
CA HIS E 276 29.48 -12.25 24.52
C HIS E 276 29.91 -13.72 24.68
N ASN E 277 28.93 -14.63 24.68
CA ASN E 277 29.17 -16.06 24.99
C ASN E 277 29.49 -16.91 23.78
N SER E 278 28.74 -16.72 22.70
CA SER E 278 28.79 -17.62 21.58
C SER E 278 28.86 -16.90 20.25
N ILE E 279 29.08 -17.69 19.21
CA ILE E 279 28.99 -17.22 17.84
C ILE E 279 27.51 -17.07 17.50
N LEU E 280 27.18 -16.01 16.77
CA LEU E 280 25.81 -15.78 16.28
C LEU E 280 25.74 -16.17 14.81
N LEU E 281 24.60 -16.71 14.37
CA LEU E 281 24.42 -17.04 12.94
C LEU E 281 24.47 -15.82 12.05
N SER E 282 24.47 -14.64 12.65
CA SER E 282 24.58 -13.38 11.92
C SER E 282 25.99 -12.82 11.89
N ASP E 283 26.98 -13.62 12.23
CA ASP E 283 28.33 -13.11 12.39
C ASP E 283 29.12 -13.08 11.09
N ASN E 284 30.02 -12.10 11.00
CA ASN E 284 31.05 -12.00 9.96
C ASN E 284 31.91 -13.23 9.89
N ALA E 285 32.66 -13.34 8.80
CA ALA E 285 33.79 -14.24 8.76
C ALA E 285 34.76 -13.83 9.86
N LYS E 286 35.14 -12.55 9.87
CA LYS E 286 36.12 -12.00 10.84
C LYS E 286 35.64 -12.08 12.31
N GLN E 287 34.36 -11.85 12.56
CA GLN E 287 33.83 -11.90 13.93
C GLN E 287 33.90 -13.31 14.50
N VAL E 288 33.57 -14.31 13.68
CA VAL E 288 33.68 -15.73 14.07
C VAL E 288 35.12 -16.05 14.37
N GLU E 289 36.01 -15.70 13.44
CA GLU E 289 37.44 -15.93 13.59
C GLU E 289 37.97 -15.35 14.91
N ARG E 290 37.55 -14.12 15.21
CA ARG E 290 37.92 -13.45 16.45
C ARG E 290 37.46 -14.26 17.66
N LYS E 291 36.19 -14.68 17.64
CA LYS E 291 35.62 -15.40 18.77
C LYS E 291 36.36 -16.72 19.05
N ILE E 292 36.58 -17.50 18.00
CA ILE E 292 37.34 -18.75 18.12
C ILE E 292 38.76 -18.50 18.61
N ASN E 293 39.43 -17.52 18.03
CA ASN E 293 40.84 -17.27 18.31
C ASN E 293 41.09 -16.64 19.67
N LYS E 294 40.30 -15.64 20.04
CA LYS E 294 40.54 -14.92 21.29
C LYS E 294 39.65 -15.37 22.46
N LEU E 295 38.36 -15.60 22.21
CA LEU E 295 37.42 -15.90 23.31
C LEU E 295 37.26 -17.40 23.62
N ALA E 296 37.50 -18.25 22.63
CA ALA E 296 37.22 -19.69 22.76
C ALA E 296 38.19 -20.38 23.71
N PHE E 297 37.65 -20.85 24.83
CA PHE E 297 38.43 -21.58 25.83
C PHE E 297 39.26 -22.68 25.19
N SER E 298 40.51 -22.81 25.63
CA SER E 298 41.42 -23.83 25.11
C SER E 298 41.66 -24.90 26.16
N GLY E 299 41.84 -26.13 25.70
CA GLY E 299 42.10 -27.27 26.59
C GLY E 299 43.53 -27.74 26.54
N GLY E 300 44.41 -26.94 25.93
CA GLY E 300 45.84 -27.25 25.85
C GLY E 300 46.55 -26.96 27.16
N ARG E 301 47.86 -27.18 27.19
CA ARG E 301 48.65 -27.00 28.41
C ARG E 301 49.29 -25.62 28.42
N ASN E 302 50.14 -25.37 29.41
CA ASN E 302 50.90 -24.12 29.48
C ASN E 302 52.20 -24.25 28.71
N THR E 303 53.23 -24.82 29.35
CA THR E 303 54.46 -25.17 28.64
C THR E 303 54.07 -25.99 27.42
N THR E 304 54.49 -25.54 26.25
CA THR E 304 54.23 -26.26 25.01
C THR E 304 54.98 -27.60 24.98
N GLU E 305 55.90 -27.79 25.92
CA GLU E 305 56.52 -29.09 26.15
C GLU E 305 55.50 -30.03 26.77
N GLU E 306 54.88 -29.60 27.88
CA GLU E 306 53.86 -30.40 28.56
C GLU E 306 52.76 -30.79 27.59
N HIS E 307 52.45 -29.89 26.66
CA HIS E 307 51.49 -30.14 25.59
C HIS E 307 51.94 -31.34 24.75
N LYS E 308 53.22 -31.38 24.38
CA LYS E 308 53.75 -32.49 23.60
C LYS E 308 53.76 -33.79 24.43
N LYS E 309 54.31 -33.73 25.63
CA LYS E 309 54.50 -34.92 26.46
C LYS E 309 53.42 -35.06 27.53
N LEU E 310 52.16 -34.96 27.12
CA LEU E 310 51.02 -35.08 28.03
C LEU E 310 49.70 -34.92 27.26
N GLY E 311 49.73 -34.11 26.19
CA GLY E 311 48.66 -34.12 25.19
C GLY E 311 47.86 -32.85 25.14
N GLY E 312 46.56 -33.00 24.91
CA GLY E 312 45.65 -31.87 24.87
C GLY E 312 44.27 -32.40 25.19
N GLN E 313 43.48 -31.60 25.89
CA GLN E 313 42.21 -32.09 26.45
C GLN E 313 41.00 -31.59 25.67
N CYS E 314 40.47 -32.45 24.80
CA CYS E 314 39.33 -32.15 23.93
C CYS E 314 38.09 -31.88 24.78
N ASP E 315 37.71 -32.90 25.54
CA ASP E 315 37.32 -32.73 26.93
C ASP E 315 36.78 -31.32 27.32
N ILE E 316 37.66 -30.33 27.47
CA ILE E 316 37.25 -28.94 27.81
C ILE E 316 37.56 -27.89 26.72
N ASP E 317 38.26 -28.27 25.65
CA ASP E 317 38.59 -27.34 24.57
C ASP E 317 37.35 -27.05 23.75
N VAL E 318 36.76 -25.88 23.98
CA VAL E 318 35.54 -25.43 23.30
C VAL E 318 35.72 -25.43 21.80
N SER E 319 36.87 -24.94 21.35
CA SER E 319 37.14 -24.83 19.93
C SER E 319 36.98 -26.20 19.24
N PHE E 320 37.46 -27.25 19.89
CA PHE E 320 37.32 -28.62 19.35
C PHE E 320 35.87 -29.08 19.39
N GLN E 321 35.25 -28.97 20.56
CA GLN E 321 33.86 -29.39 20.73
C GLN E 321 33.02 -28.86 19.58
N LEU E 322 33.12 -27.55 19.36
CA LEU E 322 32.39 -26.91 18.27
C LEU E 322 32.70 -27.58 16.93
N LEU E 323 33.98 -27.81 16.65
CA LEU E 323 34.36 -28.49 15.43
C LEU E 323 33.66 -29.85 15.39
N ASN E 324 33.64 -30.56 16.51
CA ASN E 324 33.05 -31.90 16.58
C ASN E 324 31.54 -31.95 16.43
N ILE E 325 30.87 -30.83 16.64
CA ILE E 325 29.42 -30.75 16.46
C ILE E 325 29.05 -30.39 15.03
N PHE E 326 29.69 -29.35 14.50
CA PHE E 326 29.19 -28.71 13.27
C PHE E 326 29.92 -29.10 11.97
N SER E 327 31.01 -29.87 12.08
CA SER E 327 31.78 -30.24 10.87
C SER E 327 31.10 -31.31 10.04
N SER E 328 31.41 -31.32 8.74
CA SER E 328 30.82 -32.28 7.80
C SER E 328 31.62 -33.57 7.75
N ASP E 329 32.90 -33.48 7.47
CA ASP E 329 33.68 -34.71 7.30
C ASP E 329 34.22 -35.26 8.63
N ASN E 330 33.82 -36.49 8.94
CA ASN E 330 34.28 -37.19 10.15
C ASN E 330 35.76 -37.52 10.03
N ALA E 331 36.25 -37.60 8.80
CA ALA E 331 37.66 -37.86 8.52
C ALA E 331 38.58 -36.90 9.26
N GLN E 332 38.42 -35.60 9.02
CA GLN E 332 39.32 -34.59 9.60
C GLN E 332 38.94 -34.23 11.05
N VAL E 333 37.72 -34.57 11.46
CA VAL E 333 37.34 -34.47 12.86
C VAL E 333 38.17 -35.45 13.71
N LYS E 334 38.24 -36.69 13.26
CA LYS E 334 39.02 -37.72 13.94
C LYS E 334 40.53 -37.44 13.89
N ASP E 335 41.00 -36.94 12.74
CA ASP E 335 42.41 -36.60 12.55
C ASP E 335 42.84 -35.59 13.62
N VAL E 336 42.02 -34.55 13.80
CA VAL E 336 42.24 -33.54 14.83
C VAL E 336 42.14 -34.15 16.24
N GLU E 337 41.06 -34.86 16.52
CA GLU E 337 40.89 -35.57 17.80
C GLU E 337 42.15 -36.35 18.15
N GLU E 338 42.67 -37.07 17.18
CA GLU E 338 43.87 -37.91 17.37
C GLU E 338 45.12 -37.09 17.66
N LYS E 339 45.43 -36.15 16.77
CA LYS E 339 46.67 -35.38 16.86
C LYS E 339 46.71 -34.44 18.06
N TYR E 340 45.57 -33.85 18.40
CA TYR E 340 45.49 -32.95 19.55
C TYR E 340 45.68 -33.72 20.84
N SER E 341 45.11 -34.94 20.88
CA SER E 341 45.26 -35.83 22.04
C SER E 341 46.71 -36.24 22.25
N LYS E 342 47.40 -36.58 21.17
CA LYS E 342 48.81 -37.02 21.25
C LYS E 342 49.83 -35.87 21.04
N GLY E 343 49.47 -34.67 21.49
CA GLY E 343 50.40 -33.52 21.54
C GLY E 343 50.94 -32.98 20.23
N GLU E 344 50.41 -33.46 19.11
CA GLU E 344 50.96 -33.16 17.79
C GLU E 344 50.41 -31.84 17.22
N LEU E 345 49.39 -31.29 17.88
CA LEU E 345 48.82 -30.00 17.50
C LEU E 345 48.75 -29.07 18.72
N LEU E 346 49.52 -27.97 18.69
CA LEU E 346 49.36 -26.94 19.74
C LEU E 346 48.04 -26.19 19.52
N SER E 347 47.50 -25.59 20.59
CA SER E 347 46.12 -25.07 20.56
C SER E 347 45.91 -24.02 19.47
N GLY E 348 46.88 -23.12 19.30
CA GLY E 348 46.83 -22.13 18.25
C GLY E 348 46.57 -22.73 16.87
N GLU E 349 47.27 -23.81 16.57
CA GLU E 349 47.11 -24.52 15.29
C GLU E 349 45.75 -25.23 15.18
N LEU E 350 45.21 -25.67 16.31
CA LEU E 350 43.83 -26.19 16.37
C LEU E 350 42.85 -25.05 16.12
N LYS E 351 43.06 -23.94 16.81
CA LYS E 351 42.20 -22.78 16.69
C LYS E 351 42.30 -22.16 15.28
N LYS E 352 43.45 -22.32 14.62
CA LYS E 352 43.56 -21.96 13.20
C LYS E 352 42.63 -22.82 12.34
N ILE E 353 42.68 -24.14 12.52
CA ILE E 353 41.82 -25.08 11.75
C ILE E 353 40.34 -24.90 12.03
N VAL E 354 40.01 -24.66 13.29
CA VAL E 354 38.61 -24.47 13.72
C VAL E 354 38.06 -23.12 13.23
N SER E 355 38.84 -22.06 13.38
CA SER E 355 38.48 -20.78 12.80
C SER E 355 38.12 -20.98 11.33
N ALA E 356 38.99 -21.71 10.62
CA ALA E 356 38.79 -21.99 9.19
C ALA E 356 37.47 -22.73 8.93
N SER E 357 37.20 -23.76 9.72
CA SER E 357 35.98 -24.55 9.53
C SER E 357 34.73 -23.73 9.77
N MET E 358 34.75 -22.91 10.83
CA MET E 358 33.58 -22.08 11.16
C MET E 358 33.39 -20.91 10.20
N LYS E 359 34.49 -20.34 9.70
CA LYS E 359 34.36 -19.33 8.67
C LYS E 359 33.54 -19.90 7.52
N ASP E 360 33.94 -21.06 7.01
CA ASP E 360 33.27 -21.69 5.88
C ASP E 360 31.82 -22.00 6.20
N PHE E 361 31.61 -22.44 7.43
CA PHE E 361 30.29 -22.78 7.91
C PHE E 361 29.34 -21.58 7.84
N ILE E 362 29.75 -20.47 8.45
CA ILE E 362 28.92 -19.28 8.50
C ILE E 362 28.79 -18.67 7.12
N VAL E 363 29.89 -18.64 6.36
CA VAL E 363 29.82 -18.10 5.00
C VAL E 363 28.85 -18.92 4.16
N ALA E 364 28.94 -20.25 4.25
CA ALA E 364 28.01 -21.14 3.53
C ALA E 364 26.55 -20.84 3.90
N TYR E 365 26.28 -20.71 5.20
CA TYR E 365 24.92 -20.44 5.68
C TYR E 365 24.41 -19.09 5.19
N ASP E 366 25.21 -18.04 5.41
CA ASP E 366 24.84 -16.72 4.94
C ASP E 366 24.48 -16.75 3.44
N ALA E 367 25.17 -17.58 2.65
CA ALA E 367 24.88 -17.71 1.22
C ALA E 367 23.48 -18.29 0.99
N LYS E 368 23.07 -19.23 1.83
CA LYS E 368 21.72 -19.81 1.78
C LYS E 368 20.63 -18.85 2.23
N LYS E 369 20.99 -17.93 3.11
CA LYS E 369 20.06 -17.01 3.79
C LYS E 369 19.83 -15.75 2.94
N LYS E 370 20.88 -15.36 2.23
CA LYS E 370 20.87 -14.16 1.41
C LYS E 370 19.65 -14.03 0.48
N PRO E 371 19.28 -15.10 -0.24
CA PRO E 371 18.12 -15.00 -1.12
C PRO E 371 16.76 -14.98 -0.41
N ILE E 372 16.73 -15.34 0.87
CA ILE E 372 15.50 -15.28 1.65
C ILE E 372 15.22 -13.82 2.02
N THR E 373 14.72 -13.08 1.03
CA THR E 373 14.47 -11.67 1.19
C THR E 373 13.11 -11.51 1.84
N THR E 374 12.71 -10.27 2.08
CA THR E 374 11.36 -10.01 2.57
C THR E 374 10.37 -10.57 1.57
N ALA E 375 10.55 -10.20 0.29
CA ALA E 375 9.72 -10.70 -0.80
C ALA E 375 9.48 -12.20 -0.69
N TYR E 376 10.56 -12.94 -0.44
CA TYR E 376 10.52 -14.39 -0.32
C TYR E 376 9.64 -14.81 0.83
N LEU E 377 9.91 -14.25 2.00
CA LEU E 377 9.17 -14.61 3.22
C LEU E 377 7.68 -14.33 3.08
N LYS E 378 7.34 -13.22 2.42
CA LYS E 378 5.95 -12.92 2.12
C LYS E 378 5.31 -13.94 1.20
N ALA E 379 6.04 -14.37 0.18
CA ALA E 379 5.56 -15.41 -0.72
C ALA E 379 5.28 -16.72 0.02
N TYR E 380 6.19 -17.08 0.91
CA TYR E 380 6.03 -18.28 1.70
C TYR E 380 4.78 -18.21 2.60
N ILE E 381 4.61 -17.07 3.27
CA ILE E 381 3.47 -16.88 4.15
C ILE E 381 2.17 -16.98 3.37
N SER E 382 2.13 -16.36 2.20
CA SER E 382 0.97 -16.46 1.31
C SER E 382 0.65 -17.93 0.93
N LYS E 383 1.64 -18.70 0.44
CA LYS E 383 1.48 -20.16 0.21
C LYS E 383 0.93 -20.84 1.46
N THR E 384 1.52 -20.52 2.60
CA THR E 384 1.15 -21.11 3.88
C THR E 384 -0.23 -20.74 4.43
N LYS E 385 -0.80 -19.63 3.98
CA LYS E 385 -2.05 -19.11 4.54
C LYS E 385 -3.22 -20.09 4.35
N PHE E 386 -4.11 -20.12 5.35
CA PHE E 386 -5.39 -20.84 5.25
C PHE E 386 -6.39 -20.45 6.37
N PRO F 13 -9.11 -3.96 51.35
CA PRO F 13 -8.95 -5.27 52.04
C PRO F 13 -8.76 -6.44 51.04
N SER F 14 -9.68 -6.53 50.08
CA SER F 14 -9.58 -7.46 48.91
C SER F 14 -9.77 -8.97 49.20
N GLN F 15 -11.04 -9.37 49.33
CA GLN F 15 -11.45 -10.74 49.68
C GLN F 15 -12.27 -11.38 48.53
N LEU F 16 -12.61 -12.67 48.68
CA LEU F 16 -13.48 -13.34 47.70
C LEU F 16 -14.85 -12.68 47.82
N LEU F 17 -15.77 -12.91 46.88
CA LEU F 17 -17.11 -12.30 46.98
C LEU F 17 -17.87 -12.64 48.31
N GLN F 18 -17.12 -12.86 49.38
CA GLN F 18 -17.61 -13.06 50.77
C GLN F 18 -17.60 -11.71 51.53
N SER F 19 -17.87 -10.61 50.83
CA SER F 19 -18.09 -9.33 51.51
C SER F 19 -19.32 -9.56 52.39
N PHE F 20 -19.23 -9.13 53.65
CA PHE F 20 -20.20 -9.54 54.68
C PHE F 20 -20.94 -8.49 55.51
N THR F 21 -22.12 -8.96 55.93
CA THR F 21 -23.12 -8.24 56.76
C THR F 21 -23.91 -9.28 57.65
N THR F 22 -25.07 -8.88 58.21
CA THR F 22 -25.82 -9.77 59.11
C THR F 22 -27.32 -9.42 59.25
N ARG F 23 -28.20 -10.43 59.18
CA ARG F 23 -29.67 -10.31 59.22
C ARG F 23 -30.27 -9.96 57.88
N THR F 24 -29.70 -8.90 57.32
CA THR F 24 -29.90 -8.49 55.95
C THR F 24 -28.56 -7.88 55.56
N THR F 25 -28.37 -7.58 54.28
CA THR F 25 -27.12 -6.96 53.89
C THR F 25 -27.35 -5.47 53.72
N ASP F 26 -26.45 -4.67 54.32
CA ASP F 26 -26.68 -3.24 54.46
C ASP F 26 -26.65 -2.49 53.12
N TYR F 27 -25.51 -2.54 52.45
CA TYR F 27 -25.34 -1.96 51.11
C TYR F 27 -24.72 -0.58 51.18
N ASN F 28 -25.19 0.29 52.06
CA ASN F 28 -24.58 1.62 52.15
C ASN F 28 -23.18 1.51 52.73
N GLN F 29 -23.05 0.72 53.79
CA GLN F 29 -21.75 0.44 54.40
C GLN F 29 -20.88 -0.41 53.46
N LEU F 30 -21.50 -1.30 52.70
CA LEU F 30 -20.78 -1.96 51.62
C LEU F 30 -20.33 -0.90 50.59
N ILE F 31 -21.28 -0.15 50.06
CA ILE F 31 -21.03 0.91 49.05
C ILE F 31 -19.91 1.89 49.46
N ASN F 32 -19.85 2.21 50.74
CA ASN F 32 -18.80 3.12 51.18
C ASN F 32 -17.44 2.44 51.32
N SER F 33 -17.41 1.29 51.97
CA SER F 33 -16.16 0.53 52.19
C SER F 33 -15.48 0.07 50.90
N VAL F 34 -16.29 -0.13 49.87
CA VAL F 34 -15.83 -0.46 48.53
C VAL F 34 -15.34 0.79 47.79
N GLY F 35 -15.90 1.96 48.15
CA GLY F 35 -15.55 3.21 47.49
C GLY F 35 -16.15 3.36 46.09
N ILE F 36 -17.48 3.41 46.03
CA ILE F 36 -18.21 3.67 44.81
C ILE F 36 -19.52 4.32 45.19
N ASN F 37 -20.05 5.20 44.36
CA ASN F 37 -21.25 5.94 44.75
C ASN F 37 -22.53 5.20 44.46
N ALA F 38 -23.54 5.45 45.29
CA ALA F 38 -24.89 5.01 45.03
C ALA F 38 -25.49 5.87 43.92
N ILE F 39 -26.35 5.27 43.10
CA ILE F 39 -26.92 5.97 41.97
C ILE F 39 -27.80 7.10 42.45
N THR F 40 -27.33 8.33 42.25
CA THR F 40 -28.06 9.52 42.67
C THR F 40 -29.37 9.58 41.87
N PRO F 41 -30.43 10.18 42.44
CA PRO F 41 -31.68 10.26 41.68
C PRO F 41 -31.52 11.09 40.42
N GLN F 42 -30.68 12.11 40.50
CA GLN F 42 -30.36 12.97 39.35
C GLN F 42 -29.89 12.18 38.15
N GLN F 43 -28.97 11.25 38.39
CA GLN F 43 -28.50 10.36 37.36
C GLN F 43 -29.69 9.65 36.71
N ILE F 44 -30.63 9.21 37.54
CA ILE F 44 -31.79 8.49 37.04
C ILE F 44 -32.63 9.39 36.15
N GLN F 45 -32.72 10.67 36.51
CA GLN F 45 -33.44 11.64 35.70
C GLN F 45 -32.73 11.79 34.39
N ARG F 46 -31.43 12.07 34.48
CA ARG F 46 -30.63 12.29 33.30
C ARG F 46 -30.87 11.15 32.32
N ILE F 47 -30.94 9.93 32.82
CA ILE F 47 -31.22 8.79 31.95
C ILE F 47 -32.59 8.96 31.31
N GLU F 48 -33.58 9.29 32.13
CA GLU F 48 -34.93 9.53 31.63
C GLU F 48 -34.93 10.60 30.55
N LYS F 49 -34.27 11.74 30.84
CA LYS F 49 -34.17 12.85 29.88
C LYS F 49 -33.69 12.38 28.53
N LEU F 50 -32.52 11.73 28.52
CA LEU F 50 -31.91 11.21 27.30
C LEU F 50 -32.68 10.02 26.72
N SER F 51 -33.28 9.20 27.57
CA SER F 51 -34.02 8.04 27.07
C SER F 51 -35.27 8.45 26.30
N GLY F 52 -35.82 9.62 26.65
CA GLY F 52 -37.10 10.06 26.09
C GLY F 52 -38.25 9.13 26.47
N LYS F 53 -38.14 8.47 27.62
CA LYS F 53 -39.11 7.47 28.03
C LYS F 53 -39.11 7.28 29.54
N ALA F 54 -40.21 6.75 30.08
CA ALA F 54 -40.32 6.43 31.51
C ALA F 54 -39.10 5.60 31.96
N PRO F 55 -38.60 5.83 33.23
CA PRO F 55 -37.44 5.02 33.65
C PRO F 55 -37.84 3.59 33.99
N HIS F 56 -36.88 2.68 33.84
CA HIS F 56 -37.08 1.30 34.21
C HIS F 56 -37.19 1.18 35.72
N HIS F 57 -37.92 0.19 36.19
CA HIS F 57 -38.13 0.05 37.64
C HIS F 57 -36.91 -0.53 38.34
N TYR F 58 -36.01 -1.14 37.56
CA TYR F 58 -34.75 -1.60 38.11
C TYR F 58 -33.97 -0.42 38.66
N LEU F 59 -34.17 0.75 38.04
CA LEU F 59 -33.52 2.00 38.49
C LEU F 59 -34.31 2.67 39.60
N SER F 60 -35.63 2.77 39.42
CA SER F 60 -36.48 3.52 40.35
C SER F 60 -36.60 2.82 41.73
N ARG F 61 -36.72 1.49 41.70
CA ARG F 61 -36.74 0.69 42.92
C ARG F 61 -35.35 0.23 43.37
N GLY F 62 -34.31 0.68 42.66
CA GLY F 62 -32.95 0.40 43.10
C GLY F 62 -32.55 -1.07 43.04
N VAL F 63 -33.00 -1.76 42.00
CA VAL F 63 -32.44 -3.07 41.67
C VAL F 63 -30.98 -2.86 41.30
N PHE F 64 -30.71 -1.83 40.51
CA PHE F 64 -29.36 -1.36 40.28
C PHE F 64 -29.12 -0.17 41.18
N LEU F 65 -28.20 -0.29 42.12
CA LEU F 65 -28.05 0.71 43.16
C LEU F 65 -26.75 1.52 43.07
N ALA F 66 -25.65 0.90 42.66
CA ALA F 66 -24.37 1.60 42.67
C ALA F 66 -23.81 1.76 41.26
N GLU F 67 -22.79 2.61 41.19
CA GLU F 67 -22.31 3.20 39.95
C GLU F 67 -20.81 3.45 40.09
N LYS F 68 -20.10 3.34 38.98
CA LYS F 68 -18.69 3.68 38.97
C LYS F 68 -18.49 4.99 38.23
N SER F 69 -18.72 4.97 36.91
CA SER F 69 -18.44 6.16 36.11
C SER F 69 -19.61 6.48 35.21
N LEU F 70 -20.81 6.49 35.79
CA LEU F 70 -22.01 6.68 34.99
C LEU F 70 -22.02 8.07 34.37
N ASP F 71 -21.68 9.06 35.19
CA ASP F 71 -21.67 10.45 34.74
C ASP F 71 -20.84 10.61 33.48
N LYS F 72 -19.66 10.00 33.47
CA LYS F 72 -18.81 10.01 32.27
C LYS F 72 -19.46 9.30 31.08
N PHE F 73 -20.09 8.16 31.35
CA PHE F 73 -20.70 7.40 30.28
C PHE F 73 -21.88 8.15 29.67
N LEU F 74 -22.60 8.88 30.50
CA LEU F 74 -23.72 9.68 30.00
C LEU F 74 -23.19 10.86 29.23
N ASP F 75 -22.14 11.52 29.74
CA ASP F 75 -21.51 12.58 28.98
C ASP F 75 -21.24 12.06 27.55
N ASP F 76 -20.75 10.83 27.43
CA ASP F 76 -20.38 10.30 26.13
C ASP F 76 -21.61 10.03 25.29
N VAL F 77 -22.61 9.36 25.84
CA VAL F 77 -23.79 9.04 25.06
C VAL F 77 -24.37 10.31 24.48
N GLU F 78 -24.46 11.32 25.35
CA GLU F 78 -24.98 12.64 25.00
C GLU F 78 -24.17 13.29 23.88
N ALA F 79 -22.85 13.13 23.94
CA ALA F 79 -21.94 13.69 22.94
C ALA F 79 -21.89 12.86 21.66
N LYS F 80 -22.83 11.94 21.50
CA LYS F 80 -22.83 11.04 20.36
C LYS F 80 -21.48 10.32 20.16
N LYS F 81 -20.75 10.08 21.24
CA LYS F 81 -19.45 9.41 21.17
C LYS F 81 -19.60 7.89 21.20
N PRO F 82 -18.66 7.17 20.54
CA PRO F 82 -18.71 5.71 20.55
C PRO F 82 -18.71 5.17 21.96
N THR F 83 -19.66 4.28 22.24
CA THR F 83 -19.83 3.61 23.54
C THR F 83 -20.47 2.25 23.36
N PHE F 84 -20.32 1.37 24.34
CA PHE F 84 -20.98 0.06 24.32
C PHE F 84 -21.28 -0.55 25.71
N ILE F 85 -22.38 -1.33 25.73
CA ILE F 85 -22.89 -2.00 26.92
C ILE F 85 -22.41 -3.44 26.91
N PHE F 86 -21.89 -3.89 28.04
CA PHE F 86 -21.24 -5.18 28.11
C PHE F 86 -21.76 -6.01 29.25
N ILE F 87 -21.96 -7.30 28.96
CA ILE F 87 -22.19 -8.33 29.99
C ILE F 87 -21.39 -9.59 29.67
N GLN F 88 -20.96 -10.32 30.69
CA GLN F 88 -20.32 -11.61 30.49
C GLN F 88 -21.10 -12.62 31.27
N LYS F 89 -21.33 -13.78 30.67
CA LYS F 89 -22.18 -14.79 31.25
C LYS F 89 -21.45 -16.09 31.35
N TYR F 90 -21.56 -16.77 32.50
CA TYR F 90 -20.92 -18.06 32.74
C TYR F 90 -21.93 -19.17 32.41
N PRO F 91 -21.69 -19.92 31.33
CA PRO F 91 -22.75 -20.85 30.92
C PRO F 91 -22.97 -21.93 31.96
N GLN F 92 -24.22 -22.27 32.23
CA GLN F 92 -24.51 -23.33 33.17
C GLN F 92 -25.71 -24.16 32.78
N LYS F 93 -25.85 -25.31 33.43
CA LYS F 93 -26.85 -26.29 33.01
C LYS F 93 -28.19 -25.78 33.48
N GLU F 94 -28.25 -25.41 34.76
CA GLU F 94 -29.41 -24.77 35.33
C GLU F 94 -29.25 -23.27 35.20
N VAL F 95 -30.17 -22.60 34.51
CA VAL F 95 -30.16 -21.14 34.35
C VAL F 95 -31.03 -20.44 35.40
N ALA F 96 -30.40 -19.88 36.43
CA ALA F 96 -31.14 -19.27 37.55
C ALA F 96 -31.86 -17.97 37.18
N LEU F 97 -32.79 -17.54 38.04
CA LEU F 97 -33.56 -16.30 37.84
C LEU F 97 -32.64 -15.07 37.77
N GLU F 98 -31.57 -15.04 38.55
CA GLU F 98 -30.65 -13.87 38.51
C GLU F 98 -30.26 -13.47 37.11
N GLU F 99 -30.00 -14.46 36.28
CA GLU F 99 -29.43 -14.19 34.97
C GLU F 99 -30.28 -13.19 34.19
N TYR F 100 -31.58 -13.20 34.42
CA TYR F 100 -32.50 -12.26 33.82
C TYR F 100 -32.10 -10.80 34.04
N ILE F 101 -31.61 -10.42 35.21
CA ILE F 101 -31.45 -9.00 35.49
C ILE F 101 -30.58 -8.30 34.42
N THR F 102 -29.31 -8.68 34.32
CA THR F 102 -28.39 -7.93 33.48
C THR F 102 -28.83 -7.94 32.04
N LEU F 103 -29.40 -9.07 31.60
CA LEU F 103 -29.89 -9.18 30.23
C LEU F 103 -31.01 -8.18 29.95
N GLU F 104 -32.08 -8.23 30.75
CA GLU F 104 -33.22 -7.33 30.61
C GLU F 104 -32.77 -5.88 30.66
N PHE F 105 -31.87 -5.57 31.58
CA PHE F 105 -31.47 -4.18 31.80
C PHE F 105 -30.58 -3.67 30.69
N ALA F 106 -29.83 -4.58 30.07
CA ALA F 106 -29.04 -4.27 28.88
C ALA F 106 -29.97 -3.95 27.71
N ARG F 107 -30.98 -4.80 27.51
CA ARG F 107 -32.01 -4.55 26.51
C ARG F 107 -32.62 -3.14 26.68
N TYR F 108 -33.00 -2.83 27.92
CA TYR F 108 -33.61 -1.55 28.23
C TYR F 108 -32.69 -0.42 27.85
N LEU F 109 -31.44 -0.51 28.28
CA LEU F 109 -30.46 0.53 28.00
C LEU F 109 -30.22 0.64 26.52
N GLN F 110 -30.13 -0.49 25.82
CA GLN F 110 -29.90 -0.46 24.37
C GLN F 110 -31.00 0.35 23.73
N ASP F 111 -32.23 -0.02 24.01
CA ASP F 111 -33.39 0.67 23.45
C ASP F 111 -33.38 2.14 23.80
N ALA F 112 -33.02 2.44 25.04
CA ALA F 112 -33.02 3.81 25.56
C ALA F 112 -32.03 4.71 24.85
N PHE F 113 -30.85 4.18 24.52
CA PHE F 113 -29.76 4.95 23.90
C PHE F 113 -29.42 4.61 22.44
N ASN F 114 -29.87 3.46 21.94
CA ASN F 114 -29.54 3.00 20.61
C ASN F 114 -28.04 2.86 20.47
N ILE F 115 -27.51 1.79 21.03
CA ILE F 115 -26.11 1.68 21.39
C ILE F 115 -25.67 0.22 21.26
N GLN F 116 -24.40 -0.05 21.02
CA GLN F 116 -23.98 -1.43 20.81
C GLN F 116 -24.02 -2.20 22.12
N VAL F 117 -24.45 -3.46 22.04
CA VAL F 117 -24.35 -4.43 23.15
C VAL F 117 -23.41 -5.57 22.76
N ILE F 118 -22.50 -5.92 23.67
CA ILE F 118 -21.62 -7.10 23.49
C ILE F 118 -21.75 -8.00 24.72
N ILE F 119 -22.01 -9.29 24.46
CA ILE F 119 -22.18 -10.26 25.50
C ILE F 119 -21.21 -11.41 25.28
N GLN F 120 -20.37 -11.66 26.28
CA GLN F 120 -19.33 -12.70 26.28
C GLN F 120 -19.85 -13.96 26.99
N ILE F 121 -19.81 -15.11 26.30
CA ILE F 121 -20.15 -16.37 26.94
C ILE F 121 -18.86 -17.13 27.28
N LEU F 122 -18.69 -17.44 28.58
CA LEU F 122 -17.42 -18.00 29.10
C LEU F 122 -17.28 -19.52 29.02
N ASP F 123 -17.41 -20.06 27.81
CA ASP F 123 -17.35 -21.50 27.65
C ASP F 123 -16.01 -22.07 28.08
N ASP F 124 -14.91 -21.44 27.68
CA ASP F 124 -13.60 -21.94 28.08
C ASP F 124 -13.46 -21.96 29.59
N ILE F 125 -13.90 -20.91 30.26
CA ILE F 125 -13.71 -20.84 31.71
C ILE F 125 -14.46 -21.95 32.40
N LYS F 126 -15.61 -22.33 31.86
CA LYS F 126 -16.34 -23.46 32.41
C LYS F 126 -15.48 -24.71 32.31
N VAL F 127 -15.00 -24.99 31.11
CA VAL F 127 -14.15 -26.14 30.89
C VAL F 127 -12.95 -26.13 31.84
N LEU F 128 -12.41 -24.96 32.12
CA LEU F 128 -11.24 -24.82 32.97
C LEU F 128 -11.53 -25.01 34.47
N ASN F 129 -12.77 -24.78 34.89
CA ASN F 129 -13.16 -25.03 36.28
C ASN F 129 -13.65 -26.46 36.46
N ARG F 130 -13.16 -27.37 35.61
CA ARG F 130 -13.53 -28.79 35.64
C ARG F 130 -15.02 -29.07 35.71
N GLU F 131 -15.84 -28.16 35.18
CA GLU F 131 -17.31 -28.29 35.23
C GLU F 131 -17.98 -28.70 33.93
N ALA F 132 -17.23 -28.87 32.85
CA ALA F 132 -17.81 -29.30 31.60
C ALA F 132 -16.73 -29.67 30.60
N THR F 133 -17.02 -30.61 29.70
CA THR F 133 -16.17 -30.81 28.53
C THR F 133 -16.44 -29.68 27.52
N ILE F 134 -15.56 -29.59 26.52
CA ILE F 134 -15.70 -28.57 25.49
C ILE F 134 -17.05 -28.69 24.78
N ASN F 135 -17.49 -29.92 24.57
CA ASN F 135 -18.77 -30.17 23.93
C ASN F 135 -19.91 -29.81 24.85
N GLU F 136 -19.87 -30.33 26.07
CA GLU F 136 -20.84 -29.99 27.09
C GLU F 136 -20.94 -28.48 27.18
N ALA F 137 -19.79 -27.82 27.26
CA ALA F 137 -19.78 -26.37 27.42
C ALA F 137 -20.46 -25.68 26.22
N SER F 138 -20.23 -26.23 25.05
CA SER F 138 -20.79 -25.68 23.82
C SER F 138 -22.33 -25.79 23.75
N LYS F 139 -22.86 -26.95 24.13
CA LYS F 139 -24.32 -27.15 24.17
C LYS F 139 -24.99 -26.22 25.19
N MET F 140 -24.29 -25.91 26.28
CA MET F 140 -24.84 -25.00 27.26
C MET F 140 -24.82 -23.59 26.68
N SER F 141 -23.72 -23.24 26.05
CA SER F 141 -23.56 -21.90 25.49
C SER F 141 -24.58 -21.66 24.40
N ASN F 142 -24.85 -22.66 23.58
CA ASN F 142 -25.90 -22.50 22.59
C ASN F 142 -27.22 -22.24 23.27
N ASP F 143 -27.60 -23.11 24.19
CA ASP F 143 -28.86 -22.92 24.91
C ASP F 143 -28.90 -21.50 25.48
N LEU F 144 -27.81 -21.06 26.09
CA LEU F 144 -27.74 -19.72 26.65
C LEU F 144 -28.06 -18.67 25.61
N MET F 145 -27.39 -18.73 24.47
CA MET F 145 -27.67 -17.78 23.39
C MET F 145 -29.16 -17.70 23.06
N LYS F 146 -29.87 -18.83 23.13
CA LYS F 146 -31.31 -18.81 22.93
C LYS F 146 -32.00 -18.01 24.04
N TYR F 147 -31.58 -18.20 25.30
CA TYR F 147 -32.15 -17.43 26.42
C TYR F 147 -31.88 -15.95 26.25
N ILE F 148 -30.70 -15.62 25.72
CA ILE F 148 -30.33 -14.21 25.57
C ILE F 148 -31.15 -13.54 24.48
N LEU F 149 -31.21 -14.19 23.32
CA LEU F 149 -31.94 -13.65 22.19
C LEU F 149 -33.43 -13.47 22.48
N ALA F 150 -33.96 -14.27 23.39
CA ALA F 150 -35.37 -14.19 23.75
C ALA F 150 -35.78 -12.79 24.21
N PHE F 151 -34.82 -12.08 24.83
CA PHE F 151 -35.09 -10.73 25.32
C PHE F 151 -35.37 -9.72 24.22
N GLY F 152 -35.12 -10.11 22.98
CA GLY F 152 -35.47 -9.29 21.83
C GLY F 152 -34.62 -8.05 21.76
N PHE F 153 -33.33 -8.25 21.51
CA PHE F 153 -32.42 -7.14 21.34
C PHE F 153 -32.49 -6.55 19.92
N ASN F 154 -31.80 -5.42 19.71
CA ASN F 154 -31.54 -4.93 18.37
C ASN F 154 -30.40 -5.77 17.87
N GLU F 155 -30.75 -6.82 17.14
CA GLU F 155 -29.76 -7.82 16.74
C GLU F 155 -28.72 -7.22 15.79
N ASP F 156 -29.05 -6.11 15.13
CA ASP F 156 -28.08 -5.41 14.31
C ASP F 156 -27.06 -4.67 15.14
N LYS F 157 -27.33 -4.46 16.42
CA LYS F 157 -26.34 -3.89 17.33
C LYS F 157 -26.14 -4.77 18.58
N THR F 158 -26.31 -6.09 18.44
CA THR F 158 -26.01 -6.99 19.57
C THR F 158 -25.11 -8.13 19.14
N PHE F 159 -23.91 -8.12 19.71
CA PHE F 159 -22.90 -9.10 19.40
C PHE F 159 -22.68 -10.04 20.58
N ILE F 160 -23.12 -11.28 20.39
CA ILE F 160 -23.03 -12.34 21.40
C ILE F 160 -22.01 -13.35 20.89
N TYR F 161 -21.00 -13.64 21.70
CA TYR F 161 -19.93 -14.53 21.28
C TYR F 161 -19.51 -15.46 22.38
N THR F 162 -18.94 -16.60 21.99
CA THR F 162 -18.35 -17.54 22.95
C THR F 162 -16.83 -17.46 22.86
N ASP F 163 -16.17 -17.60 24.00
CA ASP F 163 -14.72 -17.39 24.07
C ASP F 163 -14.05 -18.28 23.07
N TYR F 164 -14.33 -19.57 23.10
CA TYR F 164 -13.67 -20.48 22.18
C TYR F 164 -13.80 -20.04 20.73
N GLN F 165 -14.92 -19.44 20.36
CA GLN F 165 -15.17 -19.01 18.97
C GLN F 165 -14.49 -17.69 18.60
N TYR F 166 -14.33 -16.77 19.56
CA TYR F 166 -13.86 -15.41 19.29
C TYR F 166 -12.42 -15.13 19.74
N PHE F 167 -11.78 -16.09 20.40
CA PHE F 167 -10.54 -15.85 21.18
C PHE F 167 -9.43 -15.22 20.34
N GLY F 168 -9.19 -15.76 19.15
CA GLY F 168 -8.15 -15.27 18.27
C GLY F 168 -8.24 -13.79 18.01
N LYS F 169 -9.46 -13.32 17.80
CA LYS F 169 -9.70 -11.92 17.48
C LYS F 169 -9.31 -11.00 18.64
N MET F 170 -9.14 -11.60 19.82
CA MET F 170 -9.04 -10.87 21.07
C MET F 170 -7.70 -11.14 21.80
N TYR F 171 -6.97 -12.17 21.38
CA TYR F 171 -5.86 -12.68 22.16
C TYR F 171 -4.78 -11.66 22.43
N ARG F 172 -4.33 -10.96 21.39
CA ARG F 172 -3.33 -9.92 21.58
C ARG F 172 -3.64 -9.13 22.84
N THR F 173 -4.85 -8.59 22.88
CA THR F 173 -5.16 -7.60 23.87
C THR F 173 -5.46 -8.32 25.22
N ILE F 174 -5.77 -9.60 25.16
CA ILE F 174 -5.75 -10.44 26.37
C ILE F 174 -4.34 -10.53 26.94
N SER F 175 -3.39 -10.85 26.09
CA SER F 175 -2.00 -11.06 26.52
C SER F 175 -1.44 -9.82 27.18
N LEU F 176 -1.86 -8.66 26.70
CA LEU F 176 -1.47 -7.39 27.33
C LEU F 176 -2.05 -7.26 28.74
N VAL F 177 -3.31 -7.67 28.89
CA VAL F 177 -3.94 -7.74 30.20
C VAL F 177 -3.28 -8.76 31.13
N GLU F 178 -2.92 -9.92 30.58
CA GLU F 178 -2.16 -10.94 31.34
C GLU F 178 -0.87 -10.33 31.84
N LYS F 179 -0.14 -9.69 30.95
CA LYS F 179 1.10 -9.01 31.30
C LYS F 179 0.87 -8.04 32.45
N ALA F 180 -0.28 -7.39 32.45
CA ALA F 180 -0.59 -6.30 33.36
C ALA F 180 -1.08 -6.73 34.74
N THR F 181 -1.45 -8.00 34.90
CA THR F 181 -1.99 -8.48 36.16
C THR F 181 -1.06 -9.47 36.83
N ALA F 182 -0.61 -9.12 38.04
CA ALA F 182 0.24 -9.98 38.88
C ALA F 182 -0.61 -11.03 39.60
N TYR F 183 -0.09 -12.24 39.74
CA TYR F 183 -0.83 -13.31 40.40
C TYR F 183 -1.30 -12.91 41.79
N ASN F 184 -0.44 -12.26 42.55
CA ASN F 184 -0.78 -11.87 43.92
C ASN F 184 -1.93 -10.86 44.03
N VAL F 185 -2.09 -10.04 43.00
CA VAL F 185 -3.18 -9.08 42.99
C VAL F 185 -4.52 -9.81 42.91
N VAL F 186 -4.51 -11.01 42.33
CA VAL F 186 -5.75 -11.75 41.98
C VAL F 186 -6.01 -13.01 42.87
N GLN F 187 -4.96 -13.67 43.36
CA GLN F 187 -5.09 -14.87 44.19
C GLN F 187 -5.74 -14.67 45.55
N PRO F 188 -6.35 -13.50 45.80
CA PRO F 188 -7.38 -13.30 46.83
C PRO F 188 -8.82 -13.29 46.37
N PHE F 189 -9.12 -12.59 45.28
CA PHE F 189 -10.52 -12.48 44.82
C PHE F 189 -11.11 -13.83 44.44
N PHE F 190 -10.25 -14.71 43.94
CA PHE F 190 -10.54 -16.12 43.78
C PHE F 190 -9.58 -16.78 44.76
N ASN F 191 -9.93 -17.94 45.30
CA ASN F 191 -8.99 -18.65 46.13
C ASN F 191 -8.11 -19.58 45.31
N PHE F 192 -7.14 -19.01 44.60
CA PHE F 192 -6.30 -19.84 43.76
C PHE F 192 -5.40 -20.65 44.66
N GLU F 193 -5.38 -21.96 44.44
CA GLU F 193 -4.80 -22.88 45.41
C GLU F 193 -3.51 -23.55 44.97
N TYR F 194 -2.97 -23.17 43.81
CA TYR F 194 -1.64 -23.64 43.38
C TYR F 194 -1.53 -25.15 43.16
N SER F 195 -2.55 -25.87 43.58
CA SER F 195 -2.88 -27.17 43.00
C SER F 195 -3.87 -26.89 41.88
N ASP F 196 -4.45 -25.68 41.88
CA ASP F 196 -5.30 -25.26 40.79
C ASP F 196 -4.54 -25.30 39.48
N ASN F 197 -5.24 -25.63 38.38
CA ASN F 197 -4.57 -25.70 37.08
C ASN F 197 -4.17 -24.33 36.56
N ILE F 198 -3.11 -24.33 35.77
CA ILE F 198 -2.61 -23.14 35.09
C ILE F 198 -3.69 -22.25 34.46
N GLY F 199 -4.57 -22.83 33.66
CA GLY F 199 -5.56 -22.07 32.93
C GLY F 199 -6.53 -21.34 33.85
N LYS F 200 -6.92 -22.00 34.93
CA LYS F 200 -7.79 -21.39 35.94
C LYS F 200 -7.13 -20.12 36.51
N LEU F 201 -5.82 -20.15 36.73
CA LEU F 201 -5.11 -18.98 37.25
C LEU F 201 -5.12 -17.81 36.27
N ALA F 202 -5.02 -18.13 34.97
CA ALA F 202 -4.95 -17.12 33.90
C ALA F 202 -6.31 -16.56 33.45
N SER F 203 -7.40 -17.24 33.82
CA SER F 203 -8.76 -16.83 33.47
C SER F 203 -9.11 -15.36 33.67
N PRO F 204 -8.73 -14.78 34.81
CA PRO F 204 -9.16 -13.39 35.02
C PRO F 204 -8.86 -12.44 33.84
N SER F 205 -7.78 -12.67 33.11
CA SER F 205 -7.55 -11.99 31.82
C SER F 205 -8.73 -12.07 30.84
N ILE F 206 -9.14 -13.29 30.56
CA ILE F 206 -10.23 -13.52 29.63
C ILE F 206 -11.43 -12.75 30.13
N MET F 207 -11.62 -12.67 31.44
CA MET F 207 -12.80 -12.00 31.97
C MET F 207 -12.67 -10.50 32.00
N THR F 208 -11.45 -9.96 32.03
CA THR F 208 -11.27 -8.49 32.06
C THR F 208 -11.08 -7.93 30.66
N ALA F 209 -10.30 -8.59 29.80
CA ALA F 209 -9.92 -8.02 28.48
C ALA F 209 -11.14 -7.66 27.67
N SER F 210 -12.21 -8.42 27.84
CA SER F 210 -13.44 -8.23 27.11
C SER F 210 -14.18 -6.94 27.46
N MET F 211 -13.64 -6.15 28.39
CA MET F 211 -14.30 -4.90 28.83
C MET F 211 -13.60 -3.69 28.24
N PHE F 212 -12.85 -3.92 27.16
CA PHE F 212 -12.13 -2.82 26.53
C PHE F 212 -12.36 -2.83 25.03
N SER F 213 -12.60 -1.66 24.45
CA SER F 213 -12.93 -1.57 23.03
C SER F 213 -11.85 -2.21 22.19
N GLN F 214 -10.59 -2.10 22.64
CA GLN F 214 -9.45 -2.68 21.94
C GLN F 214 -9.60 -4.17 21.60
N SER F 215 -10.43 -4.87 22.34
CA SER F 215 -10.71 -6.28 22.03
C SER F 215 -11.64 -6.44 20.84
N TYR F 216 -12.30 -5.37 20.43
CA TYR F 216 -13.37 -5.50 19.45
C TYR F 216 -13.10 -4.61 18.22
N SER F 217 -11.98 -4.86 17.58
CA SER F 217 -11.56 -4.00 16.48
C SER F 217 -12.51 -4.01 15.29
N HIS F 218 -13.37 -5.02 15.21
CA HIS F 218 -14.34 -5.06 14.14
C HIS F 218 -15.42 -4.03 14.35
N PHE F 219 -15.59 -3.57 15.59
CA PHE F 219 -16.69 -2.67 15.94
C PHE F 219 -16.30 -1.22 16.28
N PHE F 220 -15.03 -0.99 16.58
CA PHE F 220 -14.58 0.34 16.96
C PHE F 220 -13.30 0.75 16.25
N SER F 221 -13.15 2.05 16.03
CA SER F 221 -11.92 2.57 15.45
C SER F 221 -11.20 3.57 16.36
N SER F 222 -11.91 4.14 17.32
CA SER F 222 -11.29 4.90 18.42
C SER F 222 -11.46 4.02 19.63
N PRO F 223 -10.87 4.44 20.77
CA PRO F 223 -11.32 3.90 22.04
C PRO F 223 -12.78 4.22 22.25
N ALA F 224 -13.49 3.28 22.86
CA ALA F 224 -14.89 3.43 23.16
C ALA F 224 -15.19 3.04 24.63
N ARG F 225 -15.88 3.92 25.35
CA ARG F 225 -16.27 3.64 26.71
C ARG F 225 -17.09 2.41 26.82
N CYS F 226 -16.92 1.69 27.93
CA CYS F 226 -17.67 0.48 28.18
C CYS F 226 -18.51 0.64 29.44
N LEU F 227 -19.78 0.31 29.33
CA LEU F 227 -20.66 0.24 30.49
C LEU F 227 -20.94 -1.21 30.82
N VAL F 228 -20.27 -1.74 31.85
CA VAL F 228 -20.45 -3.14 32.27
C VAL F 228 -21.59 -3.25 33.26
N LEU F 229 -22.36 -4.34 33.18
CA LEU F 229 -23.41 -4.64 34.15
C LEU F 229 -22.99 -5.87 34.95
N ASP F 230 -23.23 -5.84 36.25
CA ASP F 230 -22.72 -6.88 37.12
C ASP F 230 -23.30 -6.77 38.51
N SER F 231 -23.26 -7.88 39.25
CA SER F 231 -23.66 -7.90 40.64
C SER F 231 -22.64 -7.18 41.49
N ILE F 232 -23.14 -6.46 42.49
CA ILE F 232 -22.30 -5.81 43.50
C ILE F 232 -21.35 -6.80 44.19
N LYS F 233 -21.79 -8.06 44.28
CA LYS F 233 -20.93 -9.22 44.61
C LYS F 233 -19.46 -9.11 44.19
N ASN F 234 -19.20 -8.44 43.06
CA ASN F 234 -17.87 -8.44 42.42
C ASN F 234 -17.14 -7.10 42.40
N VAL F 235 -17.54 -6.16 43.25
CA VAL F 235 -17.07 -4.78 43.09
C VAL F 235 -15.56 -4.71 43.07
N GLN F 236 -14.96 -5.54 43.91
CA GLN F 236 -13.52 -5.53 44.07
C GLN F 236 -12.79 -5.94 42.81
N PHE F 237 -13.26 -6.97 42.12
CA PHE F 237 -12.66 -7.37 40.85
C PHE F 237 -12.65 -6.20 39.85
N HIS F 238 -13.73 -5.44 39.82
CA HIS F 238 -13.79 -4.29 38.94
C HIS F 238 -12.75 -3.23 39.27
N SER F 239 -12.44 -3.07 40.55
CA SER F 239 -11.39 -2.10 40.98
C SER F 239 -9.99 -2.53 40.55
N ILE F 240 -9.81 -3.84 40.41
CA ILE F 240 -8.59 -4.41 39.88
C ILE F 240 -8.51 -4.01 38.42
N ILE F 241 -9.60 -4.27 37.72
CA ILE F 241 -9.70 -3.90 36.31
C ILE F 241 -9.41 -2.42 36.06
N ASP F 242 -9.82 -1.53 36.96
CA ASP F 242 -9.49 -0.11 36.84
C ASP F 242 -7.97 0.07 36.82
N GLN F 243 -7.25 -0.64 37.68
CA GLN F 243 -5.79 -0.50 37.74
C GLN F 243 -5.09 -1.05 36.52
N ILE F 244 -5.66 -2.10 35.94
CA ILE F 244 -5.13 -2.62 34.67
C ILE F 244 -5.36 -1.62 33.54
N ALA F 245 -6.58 -1.07 33.47
CA ALA F 245 -6.90 -0.04 32.52
C ALA F 245 -5.87 1.08 32.54
N THR F 246 -5.49 1.55 33.73
CA THR F 246 -4.50 2.61 33.81
C THR F 246 -3.13 2.10 33.37
N THR F 247 -2.69 0.96 33.90
CA THR F 247 -1.36 0.49 33.53
C THR F 247 -1.27 0.05 32.06
N LEU F 248 -2.39 0.04 31.33
CA LEU F 248 -2.37 -0.21 29.87
C LEU F 248 -2.78 1.00 29.00
N ASN F 249 -3.18 2.09 29.64
CA ASN F 249 -3.80 3.24 28.95
C ASN F 249 -5.12 2.91 28.29
N PHE F 250 -5.84 1.92 28.79
CA PHE F 250 -7.19 1.67 28.34
C PHE F 250 -8.14 2.51 29.15
N ILE F 251 -9.42 2.51 28.77
CA ILE F 251 -10.42 3.28 29.49
C ILE F 251 -11.00 2.51 30.66
N GLN F 252 -10.99 3.11 31.83
CA GLN F 252 -11.64 2.50 32.98
C GLN F 252 -13.12 2.32 32.69
N PRO F 253 -13.59 1.08 32.80
CA PRO F 253 -15.00 0.84 32.52
C PRO F 253 -15.92 1.48 33.52
N THR F 254 -16.96 2.13 33.04
CA THR F 254 -18.05 2.53 33.93
C THR F 254 -18.82 1.25 34.16
N VAL F 255 -19.26 1.05 35.40
CA VAL F 255 -19.88 -0.21 35.84
C VAL F 255 -21.13 0.10 36.66
N LEU F 256 -22.22 -0.60 36.41
CA LEU F 256 -23.43 -0.46 37.21
C LEU F 256 -23.71 -1.76 37.95
N PHE F 257 -23.92 -1.66 39.27
CA PHE F 257 -23.98 -2.85 40.11
C PHE F 257 -25.39 -3.11 40.59
N HIS F 258 -25.82 -4.37 40.59
CA HIS F 258 -27.15 -4.71 41.11
C HIS F 258 -27.14 -5.41 42.48
N LYS F 259 -28.25 -5.25 43.22
CA LYS F 259 -28.48 -5.90 44.51
C LYS F 259 -28.48 -7.42 44.31
N MET F 260 -28.15 -8.17 45.36
CA MET F 260 -28.25 -9.62 45.30
C MET F 260 -29.71 -10.00 45.04
N VAL F 261 -29.93 -10.98 44.16
CA VAL F 261 -31.25 -11.58 44.03
C VAL F 261 -31.26 -12.75 45.01
N PRO F 262 -32.16 -12.71 45.99
CA PRO F 262 -32.03 -13.65 47.10
C PRO F 262 -32.44 -15.08 46.71
N LEU F 263 -31.79 -16.05 47.36
CA LEU F 263 -32.20 -17.45 47.24
C LEU F 263 -33.50 -17.65 48.03
N LEU F 264 -34.19 -18.77 47.78
CA LEU F 264 -35.47 -19.05 48.45
C LEU F 264 -35.33 -19.29 49.96
N SER F 265 -34.09 -19.35 50.44
CA SER F 265 -33.77 -19.62 51.83
C SER F 265 -33.72 -18.37 52.73
N GLY F 266 -33.94 -17.19 52.14
CA GLY F 266 -33.49 -15.91 52.71
C GLY F 266 -32.20 -15.75 51.93
N VAL F 267 -31.80 -14.57 51.41
CA VAL F 267 -31.92 -13.18 51.92
C VAL F 267 -30.55 -12.93 52.52
N THR F 268 -30.19 -13.76 53.49
CA THR F 268 -28.83 -13.78 54.03
C THR F 268 -28.01 -14.97 53.55
N LYS F 269 -28.59 -15.84 52.72
CA LYS F 269 -27.89 -17.05 52.27
C LYS F 269 -27.40 -16.91 50.83
N PHE F 270 -26.10 -17.13 50.67
CA PHE F 270 -25.38 -16.75 49.47
C PHE F 270 -24.77 -17.91 48.69
N ASP F 271 -25.27 -19.12 48.89
CA ASP F 271 -24.76 -20.24 48.10
C ASP F 271 -25.04 -20.03 46.60
N ILE F 272 -24.78 -21.07 45.82
CA ILE F 272 -24.78 -20.94 44.36
C ILE F 272 -26.16 -21.37 43.76
N PRO F 273 -26.84 -20.47 43.00
CA PRO F 273 -28.23 -20.72 42.62
C PRO F 273 -28.36 -22.02 41.90
N SER F 274 -29.32 -22.87 42.32
CA SER F 274 -29.59 -24.15 41.67
C SER F 274 -31.10 -24.39 41.67
N ASP F 275 -31.52 -25.55 41.19
CA ASP F 275 -32.95 -25.88 41.21
C ASP F 275 -33.42 -25.82 42.66
N HIS F 276 -32.58 -26.36 43.54
CA HIS F 276 -32.86 -26.40 44.98
C HIS F 276 -33.06 -25.01 45.61
N ASN F 277 -32.27 -24.02 45.17
CA ASN F 277 -32.20 -22.70 45.80
C ASN F 277 -33.16 -21.70 45.22
N SER F 278 -33.26 -21.66 43.89
CA SER F 278 -33.99 -20.59 43.22
C SER F 278 -34.89 -21.08 42.13
N ILE F 279 -35.66 -20.16 41.60
CA ILE F 279 -36.46 -20.39 40.42
C ILE F 279 -35.51 -20.37 39.22
N LEU F 280 -35.73 -21.27 38.27
CA LEU F 280 -34.98 -21.33 37.01
C LEU F 280 -35.82 -20.71 35.89
N LEU F 281 -35.18 -20.02 34.94
CA LEU F 281 -35.91 -19.46 33.79
C LEU F 281 -36.51 -20.54 32.89
N SER F 282 -36.18 -21.80 33.16
CA SER F 282 -36.76 -22.94 32.46
C SER F 282 -37.91 -23.60 33.22
N ASP F 283 -38.44 -22.94 34.24
CA ASP F 283 -39.45 -23.57 35.09
C ASP F 283 -40.88 -23.48 34.57
N ASN F 284 -41.67 -24.50 34.88
CA ASN F 284 -43.13 -24.53 34.69
C ASN F 284 -43.81 -23.42 35.40
N ALA F 285 -45.06 -23.18 35.03
CA ALA F 285 -45.95 -22.36 35.85
C ALA F 285 -46.06 -23.02 37.24
N LYS F 286 -46.37 -24.31 37.25
CA LYS F 286 -46.55 -25.08 38.50
C LYS F 286 -45.29 -25.21 39.36
N GLN F 287 -44.12 -25.34 38.72
CA GLN F 287 -42.85 -25.46 39.44
C GLN F 287 -42.52 -24.17 40.18
N VAL F 288 -42.73 -23.03 39.52
CA VAL F 288 -42.53 -21.72 40.13
C VAL F 288 -43.48 -21.55 41.32
N GLU F 289 -44.75 -21.82 41.08
CA GLU F 289 -45.77 -21.73 42.11
C GLU F 289 -45.35 -22.54 43.32
N ARG F 290 -44.89 -23.76 43.08
CA ARG F 290 -44.46 -24.65 44.16
C ARG F 290 -43.35 -23.99 44.96
N LYS F 291 -42.35 -23.48 44.23
CA LYS F 291 -41.17 -22.91 44.87
C LYS F 291 -41.55 -21.73 45.75
N ILE F 292 -42.34 -20.80 45.22
CA ILE F 292 -42.82 -19.65 46.02
C ILE F 292 -43.66 -20.09 47.21
N ASN F 293 -44.55 -21.05 46.99
CA ASN F 293 -45.49 -21.44 48.03
C ASN F 293 -44.83 -22.29 49.11
N LYS F 294 -44.02 -23.28 48.75
CA LYS F 294 -43.45 -24.19 49.75
C LYS F 294 -42.02 -23.87 50.19
N LEU F 295 -41.15 -23.50 49.26
CA LEU F 295 -39.73 -23.28 49.57
C LEU F 295 -39.34 -21.84 49.96
N ALA F 296 -40.11 -20.86 49.50
CA ALA F 296 -39.77 -19.44 49.68
C ALA F 296 -39.95 -18.99 51.12
N PHE F 297 -38.83 -18.65 51.74
CA PHE F 297 -38.81 -18.17 53.12
C PHE F 297 -39.82 -17.04 53.34
N SER F 298 -40.52 -17.10 54.46
CA SER F 298 -41.52 -16.10 54.81
C SER F 298 -41.05 -15.23 55.96
N GLY F 299 -41.43 -13.96 55.93
CA GLY F 299 -41.05 -12.99 56.95
C GLY F 299 -42.19 -12.65 57.90
N GLY F 300 -43.29 -13.40 57.81
CA GLY F 300 -44.46 -13.19 58.66
C GLY F 300 -44.22 -13.75 60.03
N ARG F 301 -45.22 -13.65 60.90
CA ARG F 301 -45.08 -14.08 62.31
C ARG F 301 -45.63 -15.49 62.49
N ASN F 302 -45.67 -15.97 63.73
CA ASN F 302 -46.27 -17.28 64.03
C ASN F 302 -47.76 -17.16 64.27
N THR F 303 -48.16 -16.78 65.48
CA THR F 303 -49.55 -16.41 65.74
C THR F 303 -49.95 -15.39 64.70
N THR F 304 -51.04 -15.68 64.00
CA THR F 304 -51.58 -14.75 62.99
C THR F 304 -52.14 -13.49 63.66
N GLU F 305 -52.28 -13.53 64.98
CA GLU F 305 -52.59 -12.33 65.77
C GLU F 305 -51.38 -11.40 65.83
N GLU F 306 -50.22 -11.96 66.19
CA GLU F 306 -48.96 -11.19 66.21
C GLU F 306 -48.71 -10.58 64.85
N HIS F 307 -49.06 -11.31 63.80
CA HIS F 307 -48.98 -10.80 62.43
C HIS F 307 -49.80 -9.52 62.27
N LYS F 308 -51.02 -9.55 62.75
CA LYS F 308 -51.87 -8.37 62.68
C LYS F 308 -51.30 -7.23 63.53
N LYS F 309 -51.04 -7.51 64.82
CA LYS F 309 -50.64 -6.48 65.78
C LYS F 309 -49.13 -6.41 65.97
N LEU F 310 -48.39 -6.35 64.86
CA LEU F 310 -46.92 -6.28 64.87
C LEU F 310 -46.38 -6.21 63.45
N GLY F 311 -47.08 -6.83 62.49
CA GLY F 311 -46.85 -6.59 61.08
C GLY F 311 -46.26 -7.77 60.34
N GLY F 312 -45.40 -7.47 59.38
CA GLY F 312 -44.76 -8.51 58.59
C GLY F 312 -43.47 -7.92 58.06
N GLN F 313 -42.42 -8.74 57.99
CA GLN F 313 -41.08 -8.23 57.74
C GLN F 313 -40.65 -8.49 56.30
N CYS F 314 -40.72 -7.46 55.47
CA CYS F 314 -40.35 -7.54 54.04
C CYS F 314 -38.86 -7.81 53.91
N ASP F 315 -38.06 -6.88 54.43
CA ASP F 315 -36.90 -7.24 55.20
C ASP F 315 -36.32 -8.65 54.91
N ILE F 316 -36.92 -9.73 55.40
CA ILE F 316 -36.43 -11.13 55.18
C ILE F 316 -37.37 -12.02 54.37
N ASP F 317 -38.58 -11.54 54.05
CA ASP F 317 -39.54 -12.32 53.24
C ASP F 317 -39.06 -12.38 51.78
N VAL F 318 -38.50 -13.53 51.41
CA VAL F 318 -38.00 -13.76 50.07
C VAL F 318 -39.06 -13.55 49.02
N SER F 319 -40.27 -14.03 49.30
CA SER F 319 -41.37 -13.93 48.35
C SER F 319 -41.63 -12.48 47.98
N PHE F 320 -41.59 -11.58 48.96
CA PHE F 320 -41.74 -10.14 48.68
C PHE F 320 -40.56 -9.55 47.91
N GLN F 321 -39.35 -9.79 48.39
CA GLN F 321 -38.15 -9.29 47.74
C GLN F 321 -38.21 -9.58 46.24
N LEU F 322 -38.48 -10.83 45.89
CA LEU F 322 -38.58 -11.24 44.50
C LEU F 322 -39.64 -10.43 43.80
N LEU F 323 -40.80 -10.25 44.43
CA LEU F 323 -41.84 -9.41 43.84
C LEU F 323 -41.28 -8.00 43.61
N ASN F 324 -40.55 -7.48 44.59
CA ASN F 324 -39.99 -6.11 44.51
C ASN F 324 -38.89 -5.91 43.46
N ILE F 325 -38.28 -6.98 43.00
CA ILE F 325 -37.26 -6.93 41.97
C ILE F 325 -37.90 -7.02 40.58
N PHE F 326 -38.75 -8.03 40.38
CA PHE F 326 -39.13 -8.44 39.02
C PHE F 326 -40.49 -7.91 38.52
N SER F 327 -41.27 -7.24 39.39
CA SER F 327 -42.58 -6.77 38.98
C SER F 327 -42.52 -5.54 38.10
N SER F 328 -43.55 -5.37 37.30
CA SER F 328 -43.63 -4.22 36.40
C SER F 328 -44.24 -3.00 37.08
N ASP F 329 -45.45 -3.15 37.65
CA ASP F 329 -46.14 -1.98 38.22
C ASP F 329 -45.75 -1.69 39.68
N ASN F 330 -45.18 -0.50 39.88
CA ASN F 330 -44.78 -0.03 41.21
C ASN F 330 -46.00 0.18 42.09
N ALA F 331 -47.14 0.42 41.45
CA ALA F 331 -48.42 0.62 42.13
C ALA F 331 -48.72 -0.49 43.11
N GLN F 332 -48.77 -1.73 42.61
CA GLN F 332 -49.13 -2.92 43.43
C GLN F 332 -47.96 -3.48 44.24
N VAL F 333 -46.74 -3.12 43.85
CA VAL F 333 -45.58 -3.40 44.69
C VAL F 333 -45.71 -2.63 46.02
N LYS F 334 -45.99 -1.32 45.94
CA LYS F 334 -46.14 -0.50 47.13
C LYS F 334 -47.36 -0.89 47.97
N ASP F 335 -48.45 -1.25 47.28
CA ASP F 335 -49.69 -1.66 47.95
C ASP F 335 -49.41 -2.84 48.87
N VAL F 336 -48.70 -3.83 48.32
CA VAL F 336 -48.26 -5.00 49.07
C VAL F 336 -47.29 -4.60 50.20
N GLU F 337 -46.22 -3.86 49.87
CA GLU F 337 -45.28 -3.35 50.89
C GLU F 337 -46.02 -2.74 52.06
N GLU F 338 -47.02 -1.91 51.76
CA GLU F 338 -47.80 -1.22 52.78
C GLU F 338 -48.64 -2.19 53.62
N LYS F 339 -49.46 -3.00 52.96
CA LYS F 339 -50.41 -3.88 53.66
C LYS F 339 -49.73 -5.01 54.44
N TYR F 340 -48.63 -5.55 53.90
CA TYR F 340 -47.89 -6.61 54.58
C TYR F 340 -47.20 -6.05 55.82
N SER F 341 -46.70 -4.84 55.71
CA SER F 341 -46.09 -4.13 56.84
C SER F 341 -47.07 -3.90 57.98
N LYS F 342 -48.28 -3.43 57.64
CA LYS F 342 -49.31 -3.14 58.63
C LYS F 342 -50.26 -4.33 58.88
N GLY F 343 -49.74 -5.55 58.81
CA GLY F 343 -50.48 -6.75 59.21
C GLY F 343 -51.72 -7.14 58.44
N GLU F 344 -52.00 -6.42 57.35
CA GLU F 344 -53.26 -6.56 56.63
C GLU F 344 -53.22 -7.75 55.64
N LEU F 345 -52.05 -8.31 55.41
CA LEU F 345 -51.86 -9.47 54.54
C LEU F 345 -51.09 -10.56 55.26
N LEU F 346 -51.73 -11.69 55.53
CA LEU F 346 -51.00 -12.87 56.06
C LEU F 346 -50.13 -13.47 54.95
N SER F 347 -49.07 -14.18 55.33
CA SER F 347 -48.00 -14.56 54.36
C SER F 347 -48.54 -15.40 53.21
N GLY F 348 -49.42 -16.34 53.52
CA GLY F 348 -50.06 -17.16 52.50
C GLY F 348 -50.68 -16.31 51.39
N GLU F 349 -51.39 -15.26 51.79
CA GLU F 349 -52.04 -14.35 50.84
C GLU F 349 -51.03 -13.56 50.05
N LEU F 350 -49.90 -13.24 50.67
CA LEU F 350 -48.77 -12.63 49.95
C LEU F 350 -48.19 -13.61 48.95
N LYS F 351 -47.98 -14.85 49.41
CA LYS F 351 -47.40 -15.90 48.60
C LYS F 351 -48.36 -16.30 47.48
N LYS F 352 -49.66 -16.13 47.70
CA LYS F 352 -50.63 -16.27 46.61
C LYS F 352 -50.37 -15.21 45.51
N ILE F 353 -50.31 -13.93 45.89
CA ILE F 353 -50.09 -12.82 44.95
C ILE F 353 -48.76 -12.92 44.22
N VAL F 354 -47.71 -13.34 44.94
CA VAL F 354 -46.37 -13.46 44.39
C VAL F 354 -46.26 -14.68 43.47
N SER F 355 -46.86 -15.79 43.88
CA SER F 355 -46.95 -16.93 42.98
C SER F 355 -47.57 -16.51 41.66
N ALA F 356 -48.66 -15.77 41.76
CA ALA F 356 -49.36 -15.23 40.59
C ALA F 356 -48.46 -14.34 39.70
N SER F 357 -47.74 -13.41 40.31
CA SER F 357 -46.89 -12.49 39.55
C SER F 357 -45.78 -13.24 38.83
N MET F 358 -45.16 -14.21 39.51
CA MET F 358 -44.05 -15.01 38.94
C MET F 358 -44.52 -16.02 37.90
N LYS F 359 -45.71 -16.57 38.08
CA LYS F 359 -46.30 -17.38 37.03
C LYS F 359 -46.35 -16.58 35.72
N ASP F 360 -46.93 -15.38 35.79
CA ASP F 360 -47.07 -14.53 34.61
C ASP F 360 -45.72 -14.15 34.04
N PHE F 361 -44.79 -13.90 34.93
CA PHE F 361 -43.46 -13.53 34.53
C PHE F 361 -42.79 -14.64 33.70
N ILE F 362 -42.76 -15.84 34.22
CA ILE F 362 -42.12 -16.94 33.53
C ILE F 362 -42.91 -17.33 32.28
N VAL F 363 -44.23 -17.32 32.37
CA VAL F 363 -45.02 -17.64 31.18
C VAL F 363 -44.72 -16.63 30.09
N ALA F 364 -44.71 -15.34 30.43
CA ALA F 364 -44.41 -14.28 29.46
C ALA F 364 -43.06 -14.49 28.80
N TYR F 365 -42.04 -14.81 29.62
CA TYR F 365 -40.69 -15.04 29.11
C TYR F 365 -40.64 -16.24 28.19
N ASP F 366 -41.16 -17.37 28.65
CA ASP F 366 -41.21 -18.57 27.83
C ASP F 366 -41.84 -18.29 26.45
N ALA F 367 -42.84 -17.39 26.41
CA ALA F 367 -43.47 -17.01 25.15
C ALA F 367 -42.49 -16.31 24.21
N LYS F 368 -41.62 -15.48 24.78
CA LYS F 368 -40.59 -14.77 24.02
C LYS F 368 -39.48 -15.68 23.53
N LYS F 369 -39.27 -16.77 24.26
CA LYS F 369 -38.15 -17.68 24.05
C LYS F 369 -38.52 -18.75 23.06
N LYS F 370 -39.80 -19.12 23.09
CA LYS F 370 -40.33 -20.18 22.23
C LYS F 370 -39.90 -20.05 20.77
N PRO F 371 -40.04 -18.86 20.15
CA PRO F 371 -39.72 -18.76 18.73
C PRO F 371 -38.23 -18.78 18.43
N ILE F 372 -37.40 -18.63 19.45
CA ILE F 372 -35.94 -18.68 19.30
C ILE F 372 -35.52 -20.13 19.15
N THR F 373 -35.77 -20.66 17.98
CA THR F 373 -35.54 -22.06 17.68
C THR F 373 -34.08 -22.22 17.29
N THR F 374 -33.65 -23.46 17.05
CA THR F 374 -32.29 -23.67 16.55
C THR F 374 -32.11 -22.90 15.26
N ALA F 375 -33.06 -23.07 14.34
CA ALA F 375 -33.07 -22.34 13.07
C ALA F 375 -32.76 -20.85 13.27
N TYR F 376 -33.42 -20.25 14.26
CA TYR F 376 -33.27 -18.84 14.57
C TYR F 376 -31.87 -18.52 15.00
N LEU F 377 -31.35 -19.29 15.94
CA LEU F 377 -30.01 -19.05 16.51
C LEU F 377 -28.95 -19.18 15.45
N LYS F 378 -29.12 -20.14 14.54
CA LYS F 378 -28.21 -20.28 13.39
C LYS F 378 -28.25 -19.06 12.45
N ALA F 379 -29.45 -18.56 12.18
CA ALA F 379 -29.61 -17.35 11.41
C ALA F 379 -28.87 -16.18 12.06
N TYR F 380 -29.06 -16.01 13.36
CA TYR F 380 -28.41 -14.93 14.08
C TYR F 380 -26.90 -15.04 13.99
N ILE F 381 -26.38 -16.24 14.19
CA ILE F 381 -24.94 -16.48 14.15
C ILE F 381 -24.40 -16.11 12.77
N SER F 382 -25.10 -16.57 11.73
CA SER F 382 -24.74 -16.24 10.35
C SER F 382 -24.69 -14.73 10.07
N LYS F 383 -25.74 -13.99 10.40
CA LYS F 383 -25.70 -12.50 10.40
C LYS F 383 -24.46 -11.98 11.14
N THR F 384 -24.23 -12.53 12.35
CA THR F 384 -23.14 -12.10 13.23
C THR F 384 -21.73 -12.41 12.76
N LYS F 385 -21.58 -13.39 11.86
CA LYS F 385 -20.27 -13.90 11.40
C LYS F 385 -19.45 -12.83 10.71
N PHE F 386 -18.13 -12.87 10.94
CA PHE F 386 -17.17 -12.01 10.21
C PHE F 386 -15.72 -12.49 10.38
#